data_6GSA
#
_entry.id   6GSA
#
loop_
_entity.id
_entity.type
_entity.pdbx_description
1 polymer 'Centromere DNA-binding protein complex CBF3 subunit B'
2 polymer 'Suppressor of kinetochore protein 1'
3 polymer 'Centromere DNA-binding protein complex CBF3 subunit C'
4 polymer 'Centromere DNA-binding protein complex CBF3 subunit A'
#
loop_
_entity_poly.entity_id
_entity_poly.type
_entity_poly.pdbx_seq_one_letter_code
_entity_poly.pdbx_strand_id
1 'polypeptide(L)'
;MGGSSHHHHHHSSGLVPRGSHMKLITASSSKEYLPDLLLFWQNYEYWITNIGLYKTKQRDLTRTPANLDTDTEECMFWMN
YLQKDQSFQLMNFAMENLGALYFGSIGDISELYLRVEQYWDRRADKNHSVDGKYWDALIWSVFTMCIYYMPVEKLAEIFS
VYPLHEYLGSNKRLNWEDGMQLVMCQNFARCSLFQLKQCDFMAHPDIRLVQAYLILATTTFPYDEPLLANSLLTQCIHTF
KNFHVDDFRPLLNDDPVESIAKVTLGRIFYRLCGCDYLQSGPRKPIALHTEVSSLLQHAAYLQDLPNVDVYREENSTEVL
YWKIISLDRDLDQYLNKSSKPPLKTLDAIRRELDIFQYKVDSLEEDFRSNNSRFQKFIALFQISTVSWKLFKMYLIYYDT
ADSLLKVIHYSKVIISLIVNNFHAKSEFFNRHPMVMQTITRVVSFISFYQIFVESAAVKQLLVDLTELTANLPTIFGSKL
DKLVYLTERLSKLKLLWDKVQLLDSGDSFYHPVFKILQNDIKIIELKNDEMFSLIKGLGSLVPLNKLRQESLLEEEDENN
TEPSDFRTIVEEFQSEYNISDILS
;
A,B
2 'polypeptide(L)'
;MGVTSNVVLVSGEGERFTVDKKIAERSLLLKNYLNDMHDSNLQNNSDSESDSDSETNHKSKDNNNGDDDDEDDDEIVMPV
PNVRSSVLQKVIEWAEHHRDSNFPDEDDDDSRKSAPVDSWDREFLKVDQEMLYEIILAANYLNIKPLLDAGCKVVAEMIR
GRSPEEIRRTFNIVNDFTPEEEAAIRRENEWAEDRGS
;
C
3 'polypeptide(L)'
;MGPSFNPVRFLELPIDIRKEVYFHLDGNFCGAHPYPIDILYKSNDVELPGKPSYKRSKRSKKLLRYMYPVFATYLNIFEY
SPQLIEKWLEYAFWLRYDCLVLDCFKVNHLYDGTLIDALEWTYLDNELRLAYFNKASMLEVWYTFKEYKKWVIDSVAFDE
LDLLNVSNIQFNIDNLTPQLVDKCLSILEQKDLFATIGEVQFGQDEEVGEEKDVDVSGANSDENSSPSSTIKNKKRSASK
RSHSDNGNVGATHNQLTSISVIRTIRSMESMKSLRKITVRGEKLYELLINFHGFRDNPGKTISYIVKRRINEIRLSRMNQ
ISRTGLADFTRWDNLQKLVLSRVAYIDLNSIVFPKNFKSLTMKRVSKIKWWNIEENILKELKVDKRTFKSLYIKEDDSKF
TKFFNLRHTRIKELDKSEINQITYLRCQAIVWLSFRTLNHIKLQNVSEVFNNIIVPRALFDSKRVEIYRCEKISQVLVIG
SRSGSENLYFQGSKRRWKKNFIAVSAANRFKKISSSGAL
;
D
4 'polypeptide(L)'
;MGRSSILFLLKLMKIMDVQQQQEAMSSEDRFQELVDSLKPRTAHQYKTYYTKYIQWCQLNQIIPTPEDNSVNSVPYKDLP
ISAELIHWFLLDTLITDDKPGEKREETEDLDEEEENSFKIATLKKIIGSLNFLSKLCKVHENPNANIDTKYLESVTKLHT
HWIDSQKAITTNETNNTNTQVLCPPLLKVSLNLWNPETNHLSEKFFKTCSEKLRFLVDFQLRSYLNLSFEERSKIRFGSL
KLGKRDRDAIIYHKVTHSAEKKDTPGHHQLLALLPQDCPFICPQTTLAAYLYLRFYGIPSVSKGDGFPNLNADENGSLLQ
DIPILRGKSLTTYPREETFSNYYTTVFRYCHLPYKRREYFNKCNLVYPTWDEDTFRTFFNEENHGNWLEQPEAFAFPDKI
PFDFKKIMNFKSPYTSYSTNAKKDPFPPPKDLLVQIFPEIDEYKRHDYEGLSQNSRDFLDLMEVLRERFLSNLPWIYKFF
PNHDIFQDPIFGNSDFQSYFNDKTIHSKGSPILSFDILPGFNKIYKNKTNFYSLLIERPSQLTFASSHNPDTHPWSHPQF
EK
;
E
#
# COMPACT_ATOMS: atom_id res chain seq x y z
N SER A 30 -13.66 -35.72 -31.52
CA SER A 30 -13.35 -34.43 -30.90
C SER A 30 -12.02 -34.48 -30.17
N LYS A 31 -11.33 -33.35 -30.13
CA LYS A 31 -10.05 -33.21 -29.45
C LYS A 31 -10.10 -32.05 -28.46
N GLU A 32 -11.19 -32.00 -27.68
CA GLU A 32 -11.39 -30.98 -26.67
C GLU A 32 -11.19 -31.48 -25.24
N TYR A 33 -10.70 -32.72 -25.09
CA TYR A 33 -10.36 -33.24 -23.77
C TYR A 33 -9.04 -32.70 -23.24
N LEU A 34 -8.28 -32.00 -24.07
CA LEU A 34 -6.94 -31.54 -23.74
C LEU A 34 -6.81 -30.43 -22.68
N PRO A 35 -7.63 -29.35 -22.66
CA PRO A 35 -7.37 -28.30 -21.64
C PRO A 35 -7.65 -28.74 -20.21
N ASP A 36 -8.71 -29.50 -19.97
CA ASP A 36 -8.96 -30.02 -18.63
C ASP A 36 -7.88 -31.01 -18.20
N LEU A 37 -7.32 -31.73 -19.15
CA LEU A 37 -6.25 -32.67 -18.83
C LEU A 37 -4.94 -31.95 -18.54
N LEU A 38 -4.68 -30.84 -19.23
CA LEU A 38 -3.50 -30.03 -18.91
C LEU A 38 -3.66 -29.35 -17.56
N LEU A 39 -4.89 -28.96 -17.21
CA LEU A 39 -5.13 -28.45 -15.85
C LEU A 39 -5.00 -29.54 -14.80
N PHE A 40 -5.30 -30.79 -15.15
CA PHE A 40 -5.07 -31.92 -14.26
C PHE A 40 -3.58 -32.23 -14.09
N TRP A 41 -2.76 -31.86 -15.08
CA TRP A 41 -1.31 -32.02 -14.95
C TRP A 41 -0.74 -31.24 -13.75
N GLN A 42 -1.33 -30.09 -13.41
CA GLN A 42 -0.83 -29.31 -12.27
C GLN A 42 -1.02 -30.09 -10.96
N ASN A 43 -2.18 -30.72 -10.81
CA ASN A 43 -2.44 -31.55 -9.63
C ASN A 43 -1.52 -32.76 -9.61
N TYR A 44 -1.31 -33.37 -10.79
CA TYR A 44 -0.45 -34.55 -10.88
C TYR A 44 1.01 -34.20 -10.61
N GLU A 45 1.44 -33.02 -11.05
CA GLU A 45 2.81 -32.58 -10.86
C GLU A 45 3.06 -32.20 -9.40
N TYR A 46 2.05 -31.66 -8.73
CA TYR A 46 2.20 -31.38 -7.31
C TYR A 46 2.30 -32.66 -6.49
N TRP A 47 1.43 -33.64 -6.77
CA TRP A 47 1.39 -34.78 -5.84
C TRP A 47 2.32 -35.93 -6.22
N ILE A 48 2.67 -36.12 -7.48
CA ILE A 48 3.51 -37.25 -7.86
C ILE A 48 4.96 -36.84 -7.92
N THR A 49 5.27 -35.82 -8.71
CA THR A 49 6.65 -35.44 -8.97
C THR A 49 7.26 -34.69 -7.80
N ASN A 50 6.49 -33.82 -7.13
CA ASN A 50 7.05 -32.97 -6.08
C ASN A 50 6.98 -33.63 -4.72
N ILE A 51 5.77 -33.95 -4.25
CA ILE A 51 5.62 -34.42 -2.88
C ILE A 51 5.93 -35.90 -2.78
N GLY A 52 5.29 -36.71 -3.62
CA GLY A 52 5.37 -38.16 -3.46
C GLY A 52 6.67 -38.79 -3.87
N LEU A 53 7.55 -38.08 -4.56
CA LEU A 53 8.81 -38.66 -5.00
C LEU A 53 9.96 -38.31 -4.07
N TYR A 54 9.96 -37.09 -3.51
CA TYR A 54 11.04 -36.65 -2.64
C TYR A 54 10.65 -36.55 -1.17
N LYS A 55 9.43 -36.11 -0.89
CA LYS A 55 9.06 -35.57 0.41
C LYS A 55 8.06 -36.45 1.15
N THR A 56 8.04 -37.74 0.85
CA THR A 56 7.13 -38.69 1.47
C THR A 56 7.91 -39.91 1.92
N LYS A 57 7.82 -40.23 3.20
CA LYS A 57 8.50 -41.40 3.75
C LYS A 57 7.48 -42.27 4.48
N GLN A 58 7.30 -43.50 4.00
CA GLN A 58 6.44 -44.47 4.67
C GLN A 58 7.05 -44.90 5.99
N ARG A 59 6.50 -44.43 7.10
CA ARG A 59 6.99 -44.83 8.41
C ARG A 59 6.02 -45.81 9.04
N ASP A 60 6.55 -46.66 9.92
CA ASP A 60 5.72 -47.58 10.69
C ASP A 60 6.43 -47.79 12.02
N LEU A 61 5.88 -47.22 13.08
CA LEU A 61 6.62 -47.09 14.32
C LEU A 61 6.67 -48.38 15.13
N THR A 62 5.89 -49.38 14.76
CA THR A 62 6.00 -50.70 15.38
C THR A 62 7.03 -51.59 14.69
N ARG A 63 7.73 -51.07 13.68
CA ARG A 63 8.69 -51.86 12.92
C ARG A 63 10.05 -51.20 12.75
N THR A 64 10.18 -49.90 13.00
CA THR A 64 11.49 -49.28 12.95
C THR A 64 12.30 -49.69 14.18
N PRO A 65 13.54 -50.13 14.00
CA PRO A 65 14.39 -50.42 15.16
C PRO A 65 14.75 -49.14 15.90
N ALA A 66 14.76 -49.22 17.23
CA ALA A 66 15.12 -48.08 18.05
C ALA A 66 16.60 -47.80 17.95
N ASN A 67 16.99 -46.58 18.35
CA ASN A 67 18.37 -46.13 18.20
C ASN A 67 19.18 -46.46 19.46
N LEU A 68 19.26 -47.76 19.74
CA LEU A 68 19.99 -48.22 20.92
C LEU A 68 21.49 -48.17 20.70
N ASP A 69 21.93 -48.21 19.45
CA ASP A 69 23.34 -47.96 19.14
C ASP A 69 23.71 -46.50 19.39
N THR A 70 22.72 -45.59 19.30
CA THR A 70 22.85 -44.14 19.43
C THR A 70 23.83 -43.53 18.44
N ASP A 71 24.09 -44.23 17.32
CA ASP A 71 25.08 -43.86 16.30
C ASP A 71 26.48 -43.64 16.89
N THR A 72 26.82 -44.35 17.97
CA THR A 72 28.08 -44.10 18.65
C THR A 72 29.20 -44.93 18.04
N GLU A 73 28.98 -46.24 17.87
CA GLU A 73 29.98 -47.10 17.25
C GLU A 73 30.18 -46.73 15.79
N GLU A 74 29.08 -46.44 15.09
CA GLU A 74 29.12 -46.18 13.66
C GLU A 74 29.85 -44.87 13.36
N CYS A 75 29.44 -43.78 14.00
CA CYS A 75 30.18 -42.54 13.81
C CYS A 75 31.52 -42.51 14.51
N MET A 76 31.76 -43.36 15.50
CA MET A 76 33.11 -43.51 16.02
C MET A 76 34.04 -44.05 14.95
N PHE A 77 33.56 -45.05 14.20
CA PHE A 77 34.35 -45.57 13.07
C PHE A 77 34.49 -44.52 11.97
N TRP A 78 33.40 -43.88 11.57
CA TRP A 78 33.49 -42.92 10.48
C TRP A 78 34.12 -41.59 10.88
N MET A 79 34.46 -41.39 12.15
CA MET A 79 35.28 -40.27 12.59
C MET A 79 36.76 -40.64 12.71
N ASN A 80 37.10 -41.84 13.19
CA ASN A 80 38.52 -42.16 13.23
C ASN A 80 39.02 -42.81 11.94
N TYR A 81 38.14 -43.06 10.97
CA TYR A 81 38.58 -43.51 9.65
C TYR A 81 39.38 -42.44 8.93
N LEU A 82 38.96 -41.19 9.06
CA LEU A 82 39.63 -40.08 8.40
C LEU A 82 40.99 -39.83 9.04
N GLN A 83 41.92 -39.34 8.22
CA GLN A 83 43.23 -38.92 8.68
C GLN A 83 43.40 -37.43 8.42
N LYS A 84 44.58 -36.91 8.72
CA LYS A 84 44.79 -35.47 8.72
C LYS A 84 45.04 -34.94 7.31
N ASP A 85 45.94 -35.60 6.57
CA ASP A 85 46.28 -35.17 5.23
C ASP A 85 45.09 -35.28 4.27
N GLN A 86 44.27 -36.31 4.45
CA GLN A 86 43.03 -36.44 3.68
C GLN A 86 42.09 -35.27 3.94
N SER A 87 42.01 -34.85 5.21
CA SER A 87 41.16 -33.72 5.58
C SER A 87 41.65 -32.43 4.96
N PHE A 88 42.96 -32.20 4.98
CA PHE A 88 43.48 -30.97 4.36
C PHE A 88 43.39 -31.00 2.84
N GLN A 89 43.46 -32.18 2.23
CA GLN A 89 43.23 -32.25 0.78
C GLN A 89 41.77 -31.97 0.42
N LEU A 90 40.82 -32.45 1.24
CA LEU A 90 39.42 -32.10 1.06
C LEU A 90 39.20 -30.60 1.21
N MET A 91 39.86 -30.00 2.20
CA MET A 91 39.75 -28.56 2.41
C MET A 91 40.37 -27.76 1.27
N ASN A 92 41.46 -28.26 0.68
CA ASN A 92 42.06 -27.57 -0.47
C ASN A 92 41.17 -27.67 -1.71
N PHE A 93 40.56 -28.85 -1.90
CA PHE A 93 39.60 -29.04 -3.00
C PHE A 93 38.41 -28.08 -2.87
N ALA A 94 37.87 -27.96 -1.66
CA ALA A 94 36.76 -27.03 -1.45
C ALA A 94 37.24 -25.59 -1.50
N MET A 95 38.51 -25.35 -1.17
CA MET A 95 39.04 -23.99 -1.17
C MET A 95 39.20 -23.47 -2.59
N GLU A 96 39.56 -24.35 -3.52
CA GLU A 96 39.81 -23.92 -4.88
C GLU A 96 38.66 -24.23 -5.84
N ASN A 97 37.62 -24.94 -5.39
CA ASN A 97 36.50 -25.18 -6.29
C ASN A 97 35.15 -24.65 -5.82
N LEU A 98 34.74 -25.03 -4.61
CA LEU A 98 33.34 -25.02 -4.22
C LEU A 98 32.91 -23.75 -3.50
N GLY A 99 33.59 -22.62 -3.75
CA GLY A 99 33.40 -21.45 -2.90
C GLY A 99 32.05 -20.78 -3.02
N ALA A 100 31.35 -20.99 -4.14
CA ALA A 100 30.06 -20.36 -4.34
C ALA A 100 28.98 -20.96 -3.46
N LEU A 101 29.23 -22.13 -2.87
CA LEU A 101 28.24 -22.77 -2.02
C LEU A 101 28.38 -22.33 -0.56
N TYR A 102 29.61 -22.35 -0.02
CA TYR A 102 29.80 -22.04 1.38
C TYR A 102 30.18 -20.59 1.64
N PHE A 103 30.47 -19.79 0.60
CA PHE A 103 31.05 -18.47 0.82
C PHE A 103 30.06 -17.52 1.46
N GLY A 104 28.77 -17.71 1.22
CA GLY A 104 27.78 -16.92 1.93
C GLY A 104 27.49 -17.46 3.31
N SER A 105 27.62 -18.78 3.50
CA SER A 105 27.27 -19.39 4.77
C SER A 105 28.34 -19.14 5.83
N ILE A 106 29.55 -19.64 5.60
CA ILE A 106 30.59 -19.56 6.62
C ILE A 106 31.48 -18.36 6.40
N GLY A 107 31.58 -17.89 5.15
CA GLY A 107 32.46 -16.79 4.83
C GLY A 107 33.68 -17.23 4.06
N ASP A 108 34.86 -16.80 4.49
CA ASP A 108 36.11 -17.18 3.85
C ASP A 108 36.72 -18.35 4.59
N ILE A 109 37.13 -19.38 3.84
CA ILE A 109 37.52 -20.65 4.43
C ILE A 109 38.97 -20.66 4.92
N SER A 110 39.75 -19.61 4.62
CA SER A 110 41.10 -19.52 5.16
C SER A 110 41.10 -19.30 6.66
N GLU A 111 39.99 -18.76 7.19
CA GLU A 111 39.80 -18.70 8.63
C GLU A 111 39.62 -20.10 9.24
N LEU A 112 39.15 -21.05 8.43
CA LEU A 112 38.74 -22.35 8.96
C LEU A 112 39.89 -23.35 9.03
N TYR A 113 41.04 -23.04 8.41
CA TYR A 113 42.22 -23.89 8.55
C TYR A 113 42.70 -23.93 10.00
N LEU A 114 42.58 -22.80 10.71
CA LEU A 114 42.85 -22.77 12.13
C LEU A 114 41.88 -23.66 12.91
N ARG A 115 40.62 -23.72 12.49
CA ARG A 115 39.65 -24.57 13.17
C ARG A 115 39.93 -26.04 12.91
N VAL A 116 40.41 -26.37 11.71
CA VAL A 116 40.81 -27.75 11.42
C VAL A 116 42.03 -28.14 12.24
N GLU A 117 43.00 -27.23 12.37
CA GLU A 117 44.16 -27.45 13.24
C GLU A 117 43.73 -27.64 14.70
N GLN A 118 42.78 -26.83 15.16
CA GLN A 118 42.28 -26.97 16.53
C GLN A 118 41.54 -28.27 16.74
N TYR A 119 40.83 -28.76 15.71
CA TYR A 119 40.19 -30.07 15.84
C TYR A 119 41.21 -31.19 15.93
N TRP A 120 42.25 -31.14 15.09
CA TRP A 120 43.23 -32.21 15.15
C TRP A 120 44.16 -32.10 16.36
N ASP A 121 44.19 -30.95 17.04
CA ASP A 121 44.88 -30.85 18.32
C ASP A 121 43.99 -31.24 19.49
N ARG A 122 42.70 -30.90 19.42
CA ARG A 122 41.72 -31.14 20.48
C ARG A 122 41.11 -32.53 20.40
N ARG A 123 41.47 -33.31 19.37
CA ARG A 123 41.03 -34.69 19.25
C ARG A 123 41.52 -35.54 20.41
N ALA A 124 42.71 -35.25 20.92
CA ALA A 124 43.26 -36.02 22.03
C ALA A 124 42.68 -35.62 23.38
N ASP A 125 41.92 -34.54 23.46
CA ASP A 125 41.41 -34.06 24.75
C ASP A 125 40.23 -34.92 25.20
N LYS A 126 40.19 -35.19 26.50
CA LYS A 126 39.12 -36.02 27.06
C LYS A 126 37.95 -35.19 27.58
N ASN A 127 38.12 -33.88 27.72
CA ASN A 127 37.04 -32.96 28.07
C ASN A 127 36.90 -31.94 26.96
N HIS A 128 35.75 -31.93 26.31
CA HIS A 128 35.44 -30.95 25.27
C HIS A 128 34.48 -29.91 25.81
N SER A 129 34.45 -28.77 25.13
CA SER A 129 33.48 -27.72 25.39
C SER A 129 32.39 -27.75 24.33
N VAL A 130 31.33 -26.97 24.58
CA VAL A 130 30.21 -26.91 23.64
C VAL A 130 30.63 -26.18 22.37
N ASP A 131 31.44 -25.12 22.53
CA ASP A 131 31.86 -24.31 21.39
C ASP A 131 32.79 -25.10 20.47
N GLY A 132 33.69 -25.88 21.05
CA GLY A 132 34.59 -26.69 20.24
C GLY A 132 33.86 -27.78 19.46
N LYS A 133 32.87 -28.41 20.10
CA LYS A 133 32.08 -29.40 19.38
C LYS A 133 31.20 -28.77 18.31
N TYR A 134 30.80 -27.51 18.50
CA TYR A 134 30.11 -26.79 17.42
C TYR A 134 31.01 -26.55 16.22
N TRP A 135 32.27 -26.15 16.46
CA TRP A 135 33.21 -25.98 15.35
C TRP A 135 33.51 -27.32 14.68
N ASP A 136 33.53 -28.41 15.46
CA ASP A 136 33.79 -29.72 14.89
C ASP A 136 32.61 -30.20 14.04
N ALA A 137 31.38 -29.92 14.48
CA ALA A 137 30.22 -30.27 13.67
C ALA A 137 30.19 -29.46 12.37
N LEU A 138 30.60 -28.20 12.43
CA LEU A 138 30.64 -27.37 11.22
C LEU A 138 31.66 -27.90 10.22
N ILE A 139 32.86 -28.26 10.69
CA ILE A 139 33.86 -28.75 9.75
C ILE A 139 33.57 -30.17 9.27
N TRP A 140 32.82 -30.98 10.05
CA TRP A 140 32.38 -32.26 9.52
C TRP A 140 31.30 -32.10 8.46
N SER A 141 30.44 -31.07 8.60
CA SER A 141 29.50 -30.78 7.52
C SER A 141 30.23 -30.32 6.26
N VAL A 142 31.28 -29.52 6.44
CA VAL A 142 32.11 -29.09 5.30
C VAL A 142 32.78 -30.29 4.65
N PHE A 143 33.24 -31.27 5.44
CA PHE A 143 33.80 -32.50 4.88
C PHE A 143 32.75 -33.31 4.14
N THR A 144 31.50 -33.30 4.60
CA THR A 144 30.42 -33.98 3.89
C THR A 144 30.18 -33.37 2.51
N MET A 145 30.20 -32.04 2.43
CA MET A 145 30.08 -31.37 1.13
C MET A 145 31.30 -31.66 0.24
N CYS A 146 32.49 -31.76 0.84
CA CYS A 146 33.69 -32.12 0.10
C CYS A 146 33.60 -33.50 -0.51
N ILE A 147 33.07 -34.46 0.25
CA ILE A 147 32.88 -35.81 -0.25
C ILE A 147 31.80 -35.84 -1.34
N TYR A 148 30.76 -35.00 -1.20
CA TYR A 148 29.68 -35.04 -2.17
C TYR A 148 30.08 -34.44 -3.52
N TYR A 149 30.89 -33.39 -3.53
CA TYR A 149 31.22 -32.74 -4.79
C TYR A 149 32.60 -33.11 -5.34
N MET A 150 33.18 -34.24 -4.94
CA MET A 150 34.46 -34.58 -5.52
C MET A 150 34.28 -35.65 -6.61
N PRO A 151 34.93 -35.51 -7.77
CA PRO A 151 34.84 -36.54 -8.80
C PRO A 151 35.50 -37.85 -8.37
N VAL A 152 35.20 -38.90 -9.12
CA VAL A 152 35.56 -40.25 -8.69
C VAL A 152 37.07 -40.51 -8.82
N GLU A 153 37.75 -39.79 -9.74
CA GLU A 153 39.19 -39.99 -9.92
C GLU A 153 39.97 -39.42 -8.74
N LYS A 154 39.68 -38.17 -8.37
CA LYS A 154 40.35 -37.56 -7.21
C LYS A 154 39.98 -38.29 -5.93
N LEU A 155 38.75 -38.77 -5.83
CA LEU A 155 38.31 -39.46 -4.62
C LEU A 155 38.98 -40.82 -4.50
N ALA A 156 39.26 -41.47 -5.63
CA ALA A 156 40.00 -42.73 -5.58
C ALA A 156 41.49 -42.50 -5.33
N GLU A 157 42.03 -41.37 -5.79
CA GLU A 157 43.43 -41.05 -5.52
C GLU A 157 43.66 -40.63 -4.08
N ILE A 158 42.64 -40.10 -3.40
CA ILE A 158 42.81 -39.66 -2.02
C ILE A 158 42.45 -40.77 -1.06
N PHE A 159 41.20 -41.26 -1.14
CA PHE A 159 40.67 -42.22 -0.19
C PHE A 159 40.86 -43.65 -0.68
N SER A 160 40.63 -44.59 0.22
CA SER A 160 40.76 -46.01 -0.06
C SER A 160 39.40 -46.70 0.02
N VAL A 161 39.14 -47.59 -0.95
CA VAL A 161 37.89 -48.33 -0.97
C VAL A 161 37.89 -49.43 0.10
N TYR A 162 39.08 -49.90 0.48
CA TYR A 162 39.19 -51.22 1.11
C TYR A 162 38.70 -51.28 2.56
N PRO A 163 39.08 -50.36 3.49
CA PRO A 163 38.63 -50.56 4.89
C PRO A 163 37.14 -50.38 5.11
N LEU A 164 36.43 -49.73 4.18
CA LEU A 164 34.98 -49.63 4.32
C LEU A 164 34.32 -50.98 4.05
N HIS A 165 34.79 -51.69 3.02
CA HIS A 165 34.33 -53.06 2.80
C HIS A 165 34.84 -54.00 3.88
N GLU A 166 35.97 -53.68 4.51
CA GLU A 166 36.38 -54.41 5.70
C GLU A 166 35.40 -54.18 6.85
N TYR A 167 34.77 -53.00 6.91
CA TYR A 167 33.86 -52.65 8.00
C TYR A 167 32.40 -52.94 7.66
N LEU A 168 31.90 -52.38 6.56
CA LEU A 168 30.46 -52.36 6.29
C LEU A 168 29.89 -53.74 5.93
N GLY A 169 30.75 -54.71 5.59
CA GLY A 169 30.27 -56.05 5.31
C GLY A 169 29.51 -56.19 4.02
N SER A 170 29.71 -55.28 3.07
CA SER A 170 29.03 -55.34 1.80
C SER A 170 29.88 -56.16 0.82
N ASN A 171 29.52 -56.11 -0.46
CA ASN A 171 30.24 -56.86 -1.47
C ASN A 171 31.58 -56.19 -1.76
N LYS A 172 32.65 -56.97 -1.74
CA LYS A 172 34.01 -56.46 -1.84
C LYS A 172 34.45 -56.15 -3.28
N ARG A 173 33.53 -56.12 -4.23
CA ARG A 173 33.87 -55.77 -5.61
C ARG A 173 33.48 -54.34 -5.97
N LEU A 174 32.80 -53.63 -5.09
CA LEU A 174 32.33 -52.28 -5.40
C LEU A 174 33.48 -51.29 -5.37
N ASN A 175 33.35 -50.23 -6.16
CA ASN A 175 34.31 -49.13 -6.22
C ASN A 175 33.57 -47.85 -5.86
N TRP A 176 34.25 -46.71 -6.01
CA TRP A 176 33.61 -45.44 -5.70
C TRP A 176 32.54 -45.10 -6.72
N GLU A 177 32.76 -45.43 -7.99
CA GLU A 177 31.78 -45.20 -9.03
C GLU A 177 30.66 -46.23 -9.04
N ASP A 178 30.72 -47.24 -8.17
CA ASP A 178 29.72 -48.30 -8.12
C ASP A 178 28.64 -48.07 -7.06
N GLY A 179 28.77 -47.02 -6.26
CA GLY A 179 27.72 -46.68 -5.32
C GLY A 179 28.13 -46.62 -3.86
N MET A 180 29.44 -46.46 -3.61
CA MET A 180 29.93 -46.33 -2.24
C MET A 180 30.37 -44.93 -1.88
N GLN A 181 30.35 -43.98 -2.81
CA GLN A 181 30.62 -42.60 -2.47
C GLN A 181 29.44 -42.00 -1.72
N LEU A 182 28.22 -42.35 -2.12
CA LEU A 182 27.02 -41.83 -1.48
C LEU A 182 26.89 -42.35 -0.05
N VAL A 183 27.35 -43.59 0.19
CA VAL A 183 27.29 -44.18 1.53
C VAL A 183 28.22 -43.43 2.48
N MET A 184 29.44 -43.12 2.02
CA MET A 184 30.37 -42.33 2.83
C MET A 184 29.87 -40.92 3.05
N CYS A 185 29.22 -40.33 2.04
CA CYS A 185 28.64 -38.99 2.18
C CYS A 185 27.53 -38.97 3.22
N GLN A 186 26.62 -39.95 3.15
CA GLN A 186 25.51 -39.99 4.10
C GLN A 186 25.98 -40.31 5.50
N ASN A 187 27.02 -41.14 5.63
CA ASN A 187 27.54 -41.41 6.96
C ASN A 187 28.30 -40.23 7.53
N PHE A 188 28.95 -39.42 6.69
CA PHE A 188 29.55 -38.19 7.20
C PHE A 188 28.50 -37.17 7.62
N ALA A 189 27.37 -37.14 6.91
CA ALA A 189 26.26 -36.29 7.34
C ALA A 189 25.68 -36.77 8.68
N ARG A 190 25.56 -38.09 8.85
CA ARG A 190 25.10 -38.64 10.12
C ARG A 190 26.10 -38.38 11.24
N CYS A 191 27.39 -38.32 10.93
CA CYS A 191 28.38 -38.03 11.97
C CYS A 191 28.38 -36.55 12.34
N SER A 192 28.10 -35.67 11.38
CA SER A 192 27.87 -34.26 11.70
C SER A 192 26.66 -34.11 12.62
N LEU A 193 25.59 -34.84 12.32
CA LEU A 193 24.42 -34.79 13.18
C LEU A 193 24.66 -35.43 14.55
N PHE A 194 25.54 -36.42 14.62
CA PHE A 194 25.88 -37.03 15.91
C PHE A 194 26.71 -36.08 16.77
N GLN A 195 27.62 -35.33 16.14
CA GLN A 195 28.34 -34.32 16.89
C GLN A 195 27.44 -33.16 17.27
N LEU A 196 26.35 -32.93 16.52
CA LEU A 196 25.32 -32.02 17.00
C LEU A 196 24.56 -32.60 18.20
N LYS A 197 24.32 -33.91 18.21
CA LYS A 197 23.63 -34.54 19.33
C LYS A 197 24.46 -34.49 20.61
N GLN A 198 25.79 -34.55 20.51
CA GLN A 198 26.61 -34.48 21.71
C GLN A 198 26.68 -33.09 22.32
N CYS A 199 26.25 -32.05 21.60
CA CYS A 199 26.31 -30.71 22.16
C CYS A 199 25.16 -30.39 23.09
N ASP A 200 24.13 -31.23 23.11
CA ASP A 200 22.79 -30.85 23.57
C ASP A 200 22.34 -29.55 22.90
N PHE A 201 22.21 -29.63 21.57
CA PHE A 201 21.96 -28.48 20.72
C PHE A 201 20.58 -27.86 20.93
N MET A 202 19.68 -28.57 21.61
CA MET A 202 18.40 -27.98 21.98
C MET A 202 18.52 -27.15 23.23
N ALA A 203 19.47 -27.48 24.10
CA ALA A 203 19.69 -26.73 25.33
C ALA A 203 20.65 -25.56 25.15
N HIS A 204 21.34 -25.47 24.01
CA HIS A 204 22.29 -24.39 23.75
C HIS A 204 22.11 -23.91 22.31
N PRO A 205 21.21 -22.95 22.09
CA PRO A 205 21.02 -22.43 20.74
C PRO A 205 22.19 -21.55 20.29
N ASP A 206 22.83 -21.94 19.20
CA ASP A 206 23.95 -21.19 18.67
C ASP A 206 23.93 -21.30 17.15
N ILE A 207 24.62 -20.37 16.48
CA ILE A 207 24.51 -20.23 15.03
C ILE A 207 25.18 -21.38 14.29
N ARG A 208 26.07 -22.12 14.94
CA ARG A 208 26.83 -23.17 14.25
C ARG A 208 25.98 -24.39 13.94
N LEU A 209 24.77 -24.48 14.51
CA LEU A 209 23.78 -25.39 13.96
C LEU A 209 23.40 -24.99 12.56
N VAL A 210 22.93 -23.74 12.39
CA VAL A 210 22.31 -23.27 11.15
C VAL A 210 23.27 -23.34 9.98
N GLN A 211 24.49 -22.80 10.18
CA GLN A 211 25.56 -22.88 9.18
C GLN A 211 25.82 -24.32 8.77
N ALA A 212 25.87 -25.23 9.75
CA ALA A 212 26.10 -26.64 9.44
C ALA A 212 24.99 -27.21 8.58
N TYR A 213 23.74 -26.82 8.87
CA TYR A 213 22.64 -27.31 8.05
C TYR A 213 22.70 -26.71 6.66
N LEU A 214 23.22 -25.48 6.54
CA LEU A 214 23.34 -24.89 5.21
C LEU A 214 24.50 -25.49 4.44
N ILE A 215 25.34 -26.29 5.08
CA ILE A 215 26.29 -27.10 4.32
C ILE A 215 25.69 -28.46 4.02
N LEU A 216 24.82 -28.94 4.91
CA LEU A 216 24.16 -30.23 4.67
C LEU A 216 22.97 -30.11 3.74
N ALA A 217 22.49 -28.89 3.46
CA ALA A 217 21.40 -28.69 2.52
C ALA A 217 21.89 -28.52 1.09
N THR A 218 23.15 -28.85 0.81
CA THR A 218 23.69 -28.86 -0.54
C THR A 218 23.88 -30.27 -1.07
N THR A 219 23.90 -31.27 -0.21
CA THR A 219 23.93 -32.66 -0.63
C THR A 219 22.50 -33.14 -0.88
N THR A 220 22.31 -34.45 -0.99
CA THR A 220 20.98 -35.03 -1.04
C THR A 220 20.49 -35.45 0.34
N PHE A 221 21.02 -34.84 1.40
CA PHE A 221 20.50 -35.05 2.75
C PHE A 221 19.04 -34.64 2.96
N PRO A 222 18.53 -33.50 2.45
CA PRO A 222 17.09 -33.25 2.60
C PRO A 222 16.19 -34.17 1.80
N TYR A 223 16.75 -34.99 0.91
CA TYR A 223 15.96 -35.94 0.13
C TYR A 223 16.14 -37.36 0.64
N ASP A 224 17.17 -37.61 1.46
CA ASP A 224 17.31 -38.90 2.13
C ASP A 224 16.33 -39.01 3.28
N GLU A 225 16.44 -38.11 4.25
CA GLU A 225 15.59 -38.09 5.44
C GLU A 225 14.85 -36.76 5.49
N PRO A 226 13.67 -36.67 4.87
CA PRO A 226 12.95 -35.39 4.84
C PRO A 226 12.35 -35.04 6.19
N LEU A 227 12.06 -36.06 7.00
CA LEU A 227 11.52 -35.82 8.34
C LEU A 227 12.60 -35.23 9.25
N LEU A 228 13.80 -35.80 9.20
CA LEU A 228 14.91 -35.28 10.00
C LEU A 228 15.37 -33.92 9.49
N ALA A 229 15.30 -33.71 8.17
CA ALA A 229 15.63 -32.41 7.60
C ALA A 229 14.62 -31.34 8.00
N ASN A 230 13.33 -31.70 8.05
CA ASN A 230 12.33 -30.75 8.51
C ASN A 230 12.47 -30.45 9.99
N SER A 231 12.86 -31.44 10.80
CA SER A 231 13.04 -31.19 12.22
C SER A 231 14.25 -30.31 12.48
N LEU A 232 15.37 -30.59 11.81
CA LEU A 232 16.55 -29.73 11.92
C LEU A 232 16.28 -28.34 11.37
N LEU A 233 15.43 -28.24 10.34
CA LEU A 233 15.12 -26.93 9.78
C LEU A 233 14.19 -26.13 10.69
N THR A 234 13.30 -26.81 11.41
CA THR A 234 12.50 -26.13 12.42
C THR A 234 13.38 -25.65 13.57
N GLN A 235 14.37 -26.47 13.95
CA GLN A 235 15.35 -26.03 14.95
C GLN A 235 16.18 -24.85 14.45
N CYS A 236 16.50 -24.81 13.15
CA CYS A 236 17.25 -23.69 12.61
C CYS A 236 16.40 -22.42 12.55
N ILE A 237 15.10 -22.56 12.28
CA ILE A 237 14.21 -21.41 12.29
C ILE A 237 14.06 -20.86 13.71
N HIS A 238 13.92 -21.75 14.68
CA HIS A 238 13.85 -21.33 16.08
C HIS A 238 15.17 -20.72 16.54
N THR A 239 16.29 -21.25 16.06
CA THR A 239 17.60 -20.72 16.45
C THR A 239 17.84 -19.36 15.83
N PHE A 240 17.39 -19.15 14.59
CA PHE A 240 17.54 -17.84 13.97
C PHE A 240 16.65 -16.81 14.62
N LYS A 241 15.36 -17.12 14.80
CA LYS A 241 14.43 -16.15 15.38
C LYS A 241 14.70 -15.87 16.85
N ASN A 242 15.57 -16.66 17.49
CA ASN A 242 16.04 -16.35 18.83
C ASN A 242 16.85 -15.06 18.86
N PHE A 243 17.56 -14.74 17.78
CA PHE A 243 18.41 -13.56 17.79
C PHE A 243 17.65 -12.26 17.64
N HIS A 244 16.38 -12.33 17.19
CA HIS A 244 15.48 -11.19 17.06
C HIS A 244 16.04 -10.09 16.16
N VAL A 245 16.75 -10.47 15.11
CA VAL A 245 17.28 -9.53 14.13
C VAL A 245 16.38 -9.55 12.91
N ASP A 246 15.90 -8.37 12.51
CA ASP A 246 15.04 -8.23 11.35
C ASP A 246 15.71 -7.50 10.20
N ASP A 247 16.31 -6.34 10.47
CA ASP A 247 17.00 -5.55 9.46
C ASP A 247 18.49 -5.83 9.58
N PHE A 248 19.11 -6.24 8.47
CA PHE A 248 20.53 -6.54 8.46
C PHE A 248 21.38 -5.39 7.94
N ARG A 249 20.75 -4.28 7.58
CA ARG A 249 21.47 -3.06 7.30
C ARG A 249 21.95 -2.51 8.64
N PRO A 250 23.26 -2.37 8.83
CA PRO A 250 23.75 -1.89 10.13
C PRO A 250 23.41 -0.43 10.36
N LEU A 251 23.48 -0.02 11.61
CA LEU A 251 23.21 1.35 11.98
C LEU A 251 24.52 2.10 12.23
N LEU A 252 24.40 3.36 12.63
CA LEU A 252 25.57 4.19 12.82
C LEU A 252 26.11 4.12 14.24
N ASN A 253 25.32 3.62 15.20
CA ASN A 253 25.73 3.52 16.59
C ASN A 253 26.19 2.11 16.97
N ASP A 254 26.87 1.41 16.07
CA ASP A 254 27.18 0.00 16.23
C ASP A 254 28.69 -0.22 16.30
N ASP A 255 29.06 -1.27 17.04
CA ASP A 255 30.39 -1.86 16.95
C ASP A 255 30.65 -2.28 15.51
N PRO A 256 31.87 -2.05 14.97
CA PRO A 256 32.26 -2.69 13.69
C PRO A 256 32.10 -4.20 13.65
N VAL A 257 32.40 -4.86 14.78
CA VAL A 257 32.18 -6.29 14.90
C VAL A 257 30.69 -6.61 14.82
N GLU A 258 29.84 -5.73 15.38
CA GLU A 258 28.39 -5.93 15.31
C GLU A 258 27.88 -5.77 13.89
N SER A 259 28.47 -4.87 13.11
CA SER A 259 28.04 -4.67 11.74
C SER A 259 28.45 -5.84 10.85
N ILE A 260 29.68 -6.35 11.04
CA ILE A 260 30.12 -7.54 10.31
C ILE A 260 29.27 -8.74 10.70
N ALA A 261 28.86 -8.79 11.97
CA ALA A 261 27.98 -9.85 12.45
C ALA A 261 26.62 -9.79 11.78
N LYS A 262 26.06 -8.59 11.62
CA LYS A 262 24.77 -8.45 10.95
C LYS A 262 24.86 -8.80 9.47
N VAL A 263 25.96 -8.46 8.80
CA VAL A 263 26.11 -8.80 7.39
C VAL A 263 26.19 -10.31 7.19
N THR A 264 27.00 -10.98 8.01
CA THR A 264 27.12 -12.43 7.90
C THR A 264 25.80 -13.12 8.29
N LEU A 265 25.08 -12.56 9.26
CA LEU A 265 23.80 -13.12 9.66
C LEU A 265 22.76 -12.96 8.56
N GLY A 266 22.84 -11.86 7.79
CA GLY A 266 21.92 -11.68 6.67
C GLY A 266 22.16 -12.67 5.55
N ARG A 267 23.45 -12.94 5.26
CA ARG A 267 23.77 -13.95 4.25
C ARG A 267 23.28 -15.34 4.68
N ILE A 268 23.48 -15.67 5.97
CA ILE A 268 22.98 -16.94 6.51
C ILE A 268 21.45 -16.99 6.43
N PHE A 269 20.79 -15.86 6.66
CA PHE A 269 19.32 -15.82 6.63
C PHE A 269 18.76 -16.06 5.24
N TYR A 270 19.34 -15.43 4.22
CA TYR A 270 18.77 -15.62 2.89
C TYR A 270 19.11 -16.99 2.31
N ARG A 271 20.29 -17.54 2.65
CA ARG A 271 20.56 -18.93 2.30
C ARG A 271 19.62 -19.88 3.03
N LEU A 272 19.24 -19.55 4.27
CA LEU A 272 18.31 -20.37 5.02
C LEU A 272 16.90 -20.29 4.44
N CYS A 273 16.48 -19.13 3.94
CA CYS A 273 15.18 -19.03 3.27
C CYS A 273 15.14 -19.83 1.98
N GLY A 274 16.24 -19.85 1.22
CA GLY A 274 16.29 -20.69 0.03
C GLY A 274 16.21 -22.17 0.33
N CYS A 275 17.03 -22.62 1.29
CA CYS A 275 17.00 -24.02 1.70
C CYS A 275 15.73 -24.39 2.45
N ASP A 276 14.97 -23.39 2.92
CA ASP A 276 13.68 -23.60 3.52
C ASP A 276 12.57 -23.77 2.49
N TYR A 277 12.57 -22.99 1.41
CA TYR A 277 11.59 -23.23 0.37
C TYR A 277 11.85 -24.53 -0.36
N LEU A 278 13.13 -24.93 -0.50
CA LEU A 278 13.35 -26.21 -1.20
C LEU A 278 12.85 -27.49 -0.41
N GLN A 279 12.16 -27.38 0.72
CA GLN A 279 11.65 -28.53 1.45
C GLN A 279 10.17 -28.41 1.81
N SER A 280 9.43 -27.50 1.17
CA SER A 280 8.04 -27.25 1.56
C SER A 280 7.13 -28.40 1.18
N GLY A 281 5.92 -28.38 1.74
CA GLY A 281 4.97 -29.45 1.52
C GLY A 281 4.06 -29.64 2.72
N PRO A 282 3.30 -30.75 2.73
CA PRO A 282 2.34 -30.99 3.81
C PRO A 282 2.96 -31.49 5.11
N ARG A 283 4.27 -31.67 5.18
CA ARG A 283 4.94 -32.07 6.41
C ARG A 283 5.80 -30.95 6.98
N LYS A 284 5.78 -29.77 6.37
CA LYS A 284 6.57 -28.62 6.82
C LYS A 284 5.59 -27.48 7.09
N PRO A 285 5.02 -27.42 8.29
CA PRO A 285 4.01 -26.40 8.56
C PRO A 285 4.56 -25.06 9.01
N ILE A 286 5.71 -25.04 9.69
CA ILE A 286 6.25 -23.80 10.25
C ILE A 286 7.12 -23.16 9.18
N ALA A 287 6.61 -22.11 8.56
CA ALA A 287 7.33 -21.43 7.50
C ALA A 287 8.21 -20.33 8.06
N LEU A 288 9.36 -20.14 7.41
CA LEU A 288 10.17 -18.94 7.59
C LEU A 288 9.89 -17.90 6.53
N HIS A 289 8.99 -18.21 5.59
CA HIS A 289 8.72 -17.37 4.44
C HIS A 289 7.97 -16.10 4.84
N THR A 290 8.70 -15.14 5.39
CA THR A 290 8.20 -13.79 5.61
C THR A 290 8.81 -12.84 4.59
N GLU A 291 9.52 -13.40 3.61
CA GLU A 291 10.20 -12.65 2.57
C GLU A 291 9.18 -12.38 1.47
N VAL A 292 8.92 -11.10 1.22
CA VAL A 292 7.91 -10.70 0.24
C VAL A 292 8.45 -10.96 -1.16
N SER A 293 7.63 -11.59 -2.01
CA SER A 293 8.03 -11.86 -3.38
C SER A 293 8.09 -10.58 -4.19
N SER A 294 8.68 -10.65 -5.39
CA SER A 294 8.94 -9.45 -6.19
C SER A 294 7.64 -8.98 -6.86
N LEU A 295 7.04 -7.95 -6.24
CA LEU A 295 5.93 -7.16 -6.75
C LEU A 295 4.69 -8.00 -7.04
N LEU A 296 4.03 -8.51 -6.01
CA LEU A 296 2.72 -9.12 -6.16
C LEU A 296 1.71 -8.08 -6.66
N PRO A 306 4.83 -10.54 5.03
CA PRO A 306 5.74 -9.71 4.24
C PRO A 306 6.45 -8.65 5.07
N ASN A 307 7.03 -9.07 6.19
CA ASN A 307 7.76 -8.15 7.05
C ASN A 307 9.20 -7.92 6.59
N VAL A 308 9.71 -8.77 5.72
CA VAL A 308 11.08 -8.65 5.20
C VAL A 308 10.96 -8.46 3.69
N ASP A 309 10.99 -7.22 3.24
CA ASP A 309 10.90 -6.93 1.81
C ASP A 309 12.28 -7.10 1.18
N VAL A 310 12.40 -8.07 0.27
CA VAL A 310 13.72 -8.35 -0.29
C VAL A 310 13.89 -7.49 -1.54
N TYR A 311 14.21 -6.22 -1.32
CA TYR A 311 14.78 -5.32 -2.31
C TYR A 311 15.81 -4.43 -1.63
N ARG A 312 15.92 -4.53 -0.31
CA ARG A 312 16.71 -3.58 0.45
C ARG A 312 18.15 -4.02 0.66
N GLU A 313 18.44 -5.30 0.42
CA GLU A 313 19.78 -5.80 0.67
C GLU A 313 20.66 -5.60 -0.56
N GLU A 314 21.93 -5.28 -0.32
CA GLU A 314 22.92 -5.20 -1.39
C GLU A 314 23.14 -6.60 -1.95
N ASN A 315 22.91 -6.77 -3.26
CA ASN A 315 22.73 -8.11 -3.80
C ASN A 315 24.07 -8.83 -3.98
N SER A 316 24.34 -9.77 -3.08
CA SER A 316 25.44 -10.71 -3.18
C SER A 316 24.95 -11.96 -3.89
N THR A 317 25.74 -13.04 -3.79
CA THR A 317 25.36 -14.31 -4.40
C THR A 317 24.12 -14.90 -3.74
N GLU A 318 24.00 -14.72 -2.43
CA GLU A 318 23.01 -15.46 -1.66
C GLU A 318 21.61 -14.91 -1.89
N VAL A 319 21.45 -13.59 -1.84
CA VAL A 319 20.11 -13.06 -2.08
C VAL A 319 19.78 -13.09 -3.56
N LEU A 320 20.77 -13.22 -4.45
CA LEU A 320 20.48 -13.44 -5.86
C LEU A 320 19.89 -14.83 -6.08
N TYR A 321 20.50 -15.84 -5.44
CA TYR A 321 19.92 -17.18 -5.43
C TYR A 321 18.53 -17.19 -4.79
N TRP A 322 18.33 -16.40 -3.74
CA TRP A 322 17.01 -16.31 -3.13
C TRP A 322 16.00 -15.64 -4.06
N LYS A 323 16.41 -14.64 -4.82
CA LYS A 323 15.48 -14.01 -5.76
C LYS A 323 15.06 -14.97 -6.86
N ILE A 324 15.96 -15.82 -7.31
CA ILE A 324 15.56 -16.80 -8.32
C ILE A 324 14.65 -17.87 -7.69
N ILE A 325 14.91 -18.26 -6.44
CA ILE A 325 14.01 -19.19 -5.75
C ILE A 325 12.66 -18.53 -5.47
N SER A 326 12.63 -17.21 -5.31
CA SER A 326 11.36 -16.52 -5.08
C SER A 326 10.53 -16.45 -6.36
N LEU A 327 11.18 -16.28 -7.50
CA LEU A 327 10.47 -16.43 -8.78
C LEU A 327 9.92 -17.84 -8.94
N ASP A 328 10.71 -18.84 -8.52
CA ASP A 328 10.25 -20.23 -8.57
C ASP A 328 9.05 -20.47 -7.65
N ARG A 329 9.06 -19.85 -6.46
CA ARG A 329 7.98 -20.10 -5.52
C ARG A 329 6.73 -19.32 -5.90
N ASP A 330 6.91 -18.21 -6.62
CA ASP A 330 5.76 -17.47 -7.10
C ASP A 330 5.13 -18.18 -8.28
N LEU A 331 5.91 -18.94 -9.06
CA LEU A 331 5.31 -19.78 -10.09
C LEU A 331 4.59 -20.99 -9.51
N ASP A 332 5.23 -21.72 -8.60
CA ASP A 332 4.75 -23.03 -8.19
C ASP A 332 3.89 -23.01 -6.93
N GLN A 333 3.15 -21.93 -6.70
CA GLN A 333 2.11 -21.99 -5.67
C GLN A 333 0.75 -22.32 -6.24
N TYR A 334 0.59 -22.21 -7.57
CA TYR A 334 -0.66 -22.50 -8.24
C TYR A 334 -0.77 -23.95 -8.69
N LEU A 335 0.03 -24.84 -8.13
CA LEU A 335 -0.04 -26.25 -8.50
C LEU A 335 -1.30 -26.90 -7.92
N ASN A 336 -1.42 -26.91 -6.60
CA ASN A 336 -2.54 -27.55 -5.94
C ASN A 336 -3.76 -26.63 -5.76
N LYS A 337 -3.58 -25.33 -5.93
CA LYS A 337 -4.72 -24.41 -5.85
C LYS A 337 -5.64 -24.61 -7.05
N SER A 338 -6.92 -24.31 -6.84
CA SER A 338 -7.90 -24.46 -7.89
C SER A 338 -8.00 -23.23 -8.80
N SER A 339 -7.54 -22.08 -8.33
CA SER A 339 -7.61 -20.88 -9.13
C SER A 339 -6.45 -20.82 -10.13
N LYS A 340 -6.63 -19.99 -11.16
CA LYS A 340 -5.67 -19.80 -12.23
C LYS A 340 -4.84 -18.55 -11.98
N PRO A 341 -3.56 -18.55 -12.39
CA PRO A 341 -2.73 -17.37 -12.13
C PRO A 341 -3.02 -16.27 -13.13
N PRO A 342 -2.97 -15.02 -12.71
CA PRO A 342 -3.16 -13.90 -13.64
C PRO A 342 -1.98 -13.72 -14.57
N LEU A 343 -2.29 -13.26 -15.78
CA LEU A 343 -1.25 -13.03 -16.77
C LEU A 343 -0.39 -11.82 -16.46
N LYS A 344 -0.92 -10.90 -15.65
CA LYS A 344 -0.11 -9.79 -15.11
C LYS A 344 1.09 -10.31 -14.33
N THR A 345 0.86 -11.32 -13.48
CA THR A 345 1.92 -11.91 -12.70
C THR A 345 2.94 -12.62 -13.57
N LEU A 346 2.49 -13.36 -14.58
CA LEU A 346 3.41 -14.11 -15.42
C LEU A 346 4.22 -13.18 -16.32
N ASP A 347 3.65 -12.05 -16.72
CA ASP A 347 4.43 -11.09 -17.50
C ASP A 347 5.44 -10.35 -16.63
N ALA A 348 5.09 -10.07 -15.36
CA ALA A 348 6.08 -9.50 -14.45
C ALA A 348 7.22 -10.49 -14.19
N ILE A 349 6.88 -11.78 -14.10
CA ILE A 349 7.89 -12.83 -13.97
C ILE A 349 8.79 -12.88 -15.21
N ARG A 350 8.22 -12.69 -16.40
CA ARG A 350 9.01 -12.64 -17.63
C ARG A 350 9.99 -11.46 -17.64
N ARG A 351 9.49 -10.27 -17.28
CA ARG A 351 10.34 -9.08 -17.25
C ARG A 351 11.49 -9.23 -16.27
N GLU A 352 11.19 -9.65 -15.04
CA GLU A 352 12.23 -9.80 -14.04
C GLU A 352 13.14 -10.98 -14.35
N LEU A 353 12.63 -11.97 -15.08
CA LEU A 353 13.44 -13.09 -15.54
C LEU A 353 14.50 -12.61 -16.52
N ASP A 354 14.13 -11.74 -17.46
CA ASP A 354 15.12 -11.16 -18.36
C ASP A 354 16.10 -10.24 -17.64
N ILE A 355 15.63 -9.52 -16.61
CA ILE A 355 16.52 -8.65 -15.84
C ILE A 355 17.61 -9.45 -15.14
N PHE A 356 17.22 -10.50 -14.41
CA PHE A 356 18.24 -11.30 -13.73
C PHE A 356 19.05 -12.13 -14.71
N GLN A 357 18.46 -12.47 -15.87
CA GLN A 357 19.20 -13.11 -16.96
C GLN A 357 20.35 -12.23 -17.44
N TYR A 358 20.13 -10.92 -17.49
CA TYR A 358 21.19 -10.02 -17.94
C TYR A 358 22.18 -9.73 -16.83
N LYS A 359 21.72 -9.76 -15.58
CA LYS A 359 22.65 -9.61 -14.46
C LYS A 359 23.62 -10.79 -14.35
N VAL A 360 23.16 -11.99 -14.72
CA VAL A 360 24.04 -13.16 -14.77
C VAL A 360 25.14 -12.97 -15.81
N ASP A 361 24.78 -12.39 -16.96
CA ASP A 361 25.78 -12.03 -17.96
C ASP A 361 26.74 -10.97 -17.44
N SER A 362 26.22 -10.00 -16.67
CA SER A 362 27.07 -8.93 -16.16
C SER A 362 27.60 -9.23 -14.77
N LEU A 363 27.73 -10.50 -14.40
CA LEU A 363 28.33 -10.86 -13.12
C LEU A 363 29.80 -10.43 -13.04
N GLU A 364 30.58 -10.70 -14.09
CA GLU A 364 31.94 -10.15 -14.29
C GLU A 364 32.91 -10.54 -13.17
N GLU A 365 33.29 -11.81 -13.14
CA GLU A 365 34.38 -12.21 -12.27
C GLU A 365 35.47 -12.93 -13.06
N ASP A 366 36.57 -13.24 -12.38
CA ASP A 366 37.74 -13.85 -13.03
C ASP A 366 37.54 -15.36 -13.16
N PHE A 367 37.69 -15.87 -14.39
CA PHE A 367 37.40 -17.27 -14.66
C PHE A 367 38.61 -18.16 -14.37
N ARG A 368 39.76 -17.55 -14.05
CA ARG A 368 40.98 -18.30 -13.79
C ARG A 368 40.91 -19.03 -12.45
N SER A 369 40.05 -18.56 -11.56
CA SER A 369 39.84 -19.21 -10.27
C SER A 369 38.73 -20.25 -10.28
N ASN A 370 37.87 -20.22 -11.30
CA ASN A 370 36.80 -21.16 -11.68
C ASN A 370 35.71 -21.35 -10.61
N ASN A 371 35.77 -20.58 -9.52
CA ASN A 371 34.65 -20.49 -8.59
C ASN A 371 33.49 -19.76 -9.26
N SER A 372 33.80 -18.70 -10.00
CA SER A 372 32.80 -17.97 -10.74
C SER A 372 32.18 -18.81 -11.85
N ARG A 373 32.91 -19.82 -12.33
CA ARG A 373 32.35 -20.74 -13.33
C ARG A 373 31.20 -21.54 -12.74
N PHE A 374 31.38 -22.08 -11.53
CA PHE A 374 30.32 -22.86 -10.91
C PHE A 374 29.18 -21.98 -10.43
N GLN A 375 29.50 -20.75 -9.98
CA GLN A 375 28.45 -19.78 -9.66
C GLN A 375 27.62 -19.42 -10.90
N LYS A 376 28.30 -19.23 -12.03
CA LYS A 376 27.62 -18.90 -13.29
C LYS A 376 26.75 -20.05 -13.75
N PHE A 377 27.23 -21.29 -13.58
CA PHE A 377 26.43 -22.47 -13.91
C PHE A 377 25.19 -22.57 -13.05
N ILE A 378 25.32 -22.29 -11.75
CA ILE A 378 24.16 -22.36 -10.84
C ILE A 378 23.12 -21.32 -11.23
N ALA A 379 23.55 -20.08 -11.44
CA ALA A 379 22.60 -19.00 -11.77
C ALA A 379 21.96 -19.23 -13.14
N LEU A 380 22.74 -19.74 -14.10
CA LEU A 380 22.21 -19.93 -15.44
C LEU A 380 21.26 -21.12 -15.50
N PHE A 381 21.53 -22.17 -14.72
CA PHE A 381 20.64 -23.32 -14.72
C PHE A 381 19.35 -22.99 -13.98
N GLN A 382 19.42 -22.21 -12.90
CA GLN A 382 18.21 -21.80 -12.20
C GLN A 382 17.37 -20.86 -13.06
N ILE A 383 18.01 -19.97 -13.83
CA ILE A 383 17.23 -19.03 -14.63
C ILE A 383 16.59 -19.74 -15.81
N SER A 384 17.23 -20.80 -16.32
CA SER A 384 16.60 -21.61 -17.38
C SER A 384 15.45 -22.45 -16.82
N THR A 385 15.60 -22.94 -15.58
CA THR A 385 14.51 -23.68 -14.93
C THR A 385 13.27 -22.82 -14.72
N VAL A 386 13.47 -21.60 -14.23
CA VAL A 386 12.34 -20.70 -14.00
C VAL A 386 11.70 -20.28 -15.32
N SER A 387 12.51 -20.09 -16.38
CA SER A 387 11.96 -19.83 -17.71
C SER A 387 11.11 -20.99 -18.21
N TRP A 388 11.57 -22.22 -17.96
CA TRP A 388 10.84 -23.40 -18.41
C TRP A 388 9.51 -23.53 -17.68
N LYS A 389 9.49 -23.27 -16.38
CA LYS A 389 8.24 -23.37 -15.63
C LYS A 389 7.26 -22.26 -16.03
N LEU A 390 7.78 -21.07 -16.36
CA LEU A 390 6.94 -19.99 -16.84
C LEU A 390 6.28 -20.36 -18.17
N PHE A 391 7.03 -20.93 -19.11
CA PHE A 391 6.39 -21.26 -20.37
C PHE A 391 5.58 -22.56 -20.31
N LYS A 392 5.83 -23.43 -19.32
CA LYS A 392 4.92 -24.54 -19.08
C LYS A 392 3.55 -24.04 -18.59
N MET A 393 3.56 -23.06 -17.67
CA MET A 393 2.28 -22.53 -17.22
C MET A 393 1.61 -21.69 -18.30
N TYR A 394 2.39 -21.04 -19.17
CA TYR A 394 1.85 -20.41 -20.37
C TYR A 394 1.18 -21.43 -21.29
N LEU A 395 1.77 -22.61 -21.42
CA LEU A 395 1.18 -23.65 -22.26
C LEU A 395 -0.11 -24.18 -21.65
N ILE A 396 -0.12 -24.36 -20.32
CA ILE A 396 -1.24 -25.04 -19.69
C ILE A 396 -2.42 -24.08 -19.50
N TYR A 397 -2.21 -22.98 -18.79
CA TYR A 397 -3.35 -22.20 -18.32
C TYR A 397 -3.98 -21.32 -19.39
N TYR A 398 -3.24 -20.86 -20.39
CA TYR A 398 -3.79 -19.91 -21.34
C TYR A 398 -3.54 -20.25 -22.81
N ASP A 399 -2.57 -21.11 -23.13
CA ASP A 399 -2.30 -21.64 -24.47
C ASP A 399 -2.00 -20.50 -25.46
N THR A 400 -0.87 -19.86 -25.22
CA THR A 400 -0.52 -18.60 -25.86
C THR A 400 0.42 -18.91 -27.04
N ALA A 401 0.98 -17.85 -27.66
CA ALA A 401 1.67 -17.91 -28.94
C ALA A 401 2.95 -18.73 -28.84
N ASP A 402 2.92 -19.93 -29.45
CA ASP A 402 4.06 -20.84 -29.57
C ASP A 402 4.63 -21.21 -28.20
N SER A 403 3.73 -21.49 -27.25
CA SER A 403 4.16 -21.78 -25.90
C SER A 403 4.83 -23.16 -25.82
N LEU A 404 4.28 -24.13 -26.55
CA LEU A 404 4.90 -25.45 -26.64
C LEU A 404 6.28 -25.38 -27.28
N LEU A 405 6.44 -24.48 -28.25
CA LEU A 405 7.72 -24.34 -28.92
C LEU A 405 8.76 -23.70 -28.00
N LYS A 406 8.33 -22.77 -27.13
CA LYS A 406 9.24 -22.22 -26.15
C LYS A 406 9.58 -23.23 -25.06
N VAL A 407 8.65 -24.14 -24.73
CA VAL A 407 8.96 -25.22 -23.81
C VAL A 407 10.02 -26.15 -24.39
N ILE A 408 9.89 -26.47 -25.69
CA ILE A 408 10.89 -27.28 -26.38
C ILE A 408 12.24 -26.56 -26.44
N HIS A 409 12.20 -25.24 -26.67
CA HIS A 409 13.44 -24.45 -26.74
C HIS A 409 14.18 -24.43 -25.41
N TYR A 410 13.49 -24.11 -24.31
CA TYR A 410 14.16 -24.10 -23.03
C TYR A 410 14.52 -25.49 -22.54
N SER A 411 13.80 -26.53 -22.98
CA SER A 411 14.25 -27.89 -22.69
C SER A 411 15.55 -28.21 -23.40
N LYS A 412 15.70 -27.74 -24.65
CA LYS A 412 16.97 -27.89 -25.35
C LYS A 412 18.07 -27.07 -24.72
N VAL A 413 17.73 -25.91 -24.12
CA VAL A 413 18.74 -25.12 -23.42
C VAL A 413 19.22 -25.82 -22.16
N ILE A 414 18.30 -26.47 -21.43
CA ILE A 414 18.69 -27.26 -20.27
C ILE A 414 19.53 -28.47 -20.67
N ILE A 415 19.17 -29.10 -21.80
CA ILE A 415 19.97 -30.20 -22.36
C ILE A 415 21.37 -29.72 -22.72
N SER A 416 21.48 -28.52 -23.30
CA SER A 416 22.79 -27.97 -23.63
C SER A 416 23.61 -27.69 -22.38
N LEU A 417 22.98 -27.09 -21.36
CA LEU A 417 23.68 -26.75 -20.12
C LEU A 417 24.06 -27.97 -19.29
N ILE A 418 23.47 -29.14 -19.52
CA ILE A 418 23.89 -30.36 -18.85
C ILE A 418 24.89 -31.15 -19.68
N VAL A 419 24.70 -31.22 -21.00
CA VAL A 419 25.61 -31.97 -21.86
C VAL A 419 26.96 -31.26 -21.99
N ASN A 420 26.96 -29.93 -21.86
CA ASN A 420 28.21 -29.16 -21.92
C ASN A 420 29.15 -29.51 -20.75
N ASN A 421 28.58 -29.99 -19.65
CA ASN A 421 29.37 -30.43 -18.50
C ASN A 421 29.50 -31.95 -18.42
N PHE A 422 29.38 -32.62 -19.56
CA PHE A 422 29.82 -34.01 -19.66
C PHE A 422 31.31 -34.13 -19.98
N HIS A 423 32.01 -33.01 -20.10
CA HIS A 423 33.41 -32.99 -20.47
C HIS A 423 34.27 -33.30 -19.25
N ALA A 424 35.58 -33.15 -19.39
CA ALA A 424 36.49 -33.42 -18.28
C ALA A 424 36.52 -32.24 -17.32
N LYS A 425 36.94 -32.54 -16.07
CA LYS A 425 37.30 -31.62 -14.99
C LYS A 425 36.08 -30.93 -14.38
N SER A 426 34.90 -31.09 -14.98
CA SER A 426 33.69 -30.42 -14.51
C SER A 426 32.47 -31.33 -14.58
N GLU A 427 32.65 -32.64 -14.44
CA GLU A 427 31.50 -33.54 -14.41
C GLU A 427 30.69 -33.36 -13.14
N PHE A 428 31.36 -33.03 -12.03
CA PHE A 428 30.70 -32.85 -10.74
C PHE A 428 29.77 -31.64 -10.71
N PHE A 429 29.88 -30.74 -11.71
CA PHE A 429 28.90 -29.67 -11.88
C PHE A 429 27.49 -30.21 -12.05
N ASN A 430 27.36 -31.43 -12.59
CA ASN A 430 26.05 -32.07 -12.71
C ASN A 430 25.62 -32.78 -11.43
N ARG A 431 26.21 -32.42 -10.29
CA ARG A 431 25.86 -33.04 -9.02
C ARG A 431 25.09 -32.12 -8.08
N HIS A 432 24.94 -30.84 -8.43
CA HIS A 432 24.13 -29.94 -7.61
C HIS A 432 22.67 -30.33 -7.73
N PRO A 433 21.93 -30.43 -6.61
CA PRO A 433 20.65 -31.17 -6.61
C PRO A 433 19.54 -30.58 -7.47
N MET A 434 19.68 -29.33 -7.92
CA MET A 434 18.69 -28.73 -8.79
C MET A 434 18.64 -29.36 -10.18
N VAL A 435 19.67 -30.12 -10.57
CA VAL A 435 19.57 -30.84 -11.85
C VAL A 435 18.75 -32.10 -11.67
N MET A 436 18.51 -32.52 -10.43
CA MET A 436 17.64 -33.66 -10.21
C MET A 436 16.18 -33.21 -10.19
N GLN A 437 15.92 -32.01 -9.70
CA GLN A 437 14.55 -31.48 -9.68
C GLN A 437 14.05 -31.19 -11.08
N THR A 438 14.80 -30.37 -11.83
CA THR A 438 14.30 -29.76 -13.06
C THR A 438 14.02 -30.81 -14.13
N ILE A 439 14.94 -31.77 -14.29
CA ILE A 439 14.73 -32.89 -15.21
C ILE A 439 13.50 -33.69 -14.81
N THR A 440 13.29 -33.87 -13.49
CA THR A 440 12.08 -34.54 -12.99
C THR A 440 10.83 -33.76 -13.37
N ARG A 441 10.94 -32.44 -13.44
CA ARG A 441 9.82 -31.66 -13.94
C ARG A 441 9.69 -31.79 -15.45
N VAL A 442 10.82 -31.86 -16.17
CA VAL A 442 10.77 -31.85 -17.62
C VAL A 442 10.36 -33.21 -18.17
N VAL A 443 11.11 -34.26 -17.80
CA VAL A 443 10.96 -35.56 -18.44
C VAL A 443 9.64 -36.22 -18.05
N SER A 444 8.98 -35.76 -16.99
CA SER A 444 7.61 -36.17 -16.75
C SER A 444 6.66 -35.49 -17.73
N PHE A 445 6.73 -34.16 -17.81
CA PHE A 445 5.74 -33.38 -18.55
C PHE A 445 5.77 -33.69 -20.04
N ILE A 446 6.97 -33.70 -20.63
CA ILE A 446 7.13 -34.05 -22.05
C ILE A 446 6.71 -35.50 -22.30
N SER A 447 6.80 -36.35 -21.26
CA SER A 447 6.19 -37.68 -21.39
C SER A 447 4.67 -37.59 -21.42
N PHE A 448 4.10 -36.82 -20.48
CA PHE A 448 2.64 -36.75 -20.31
C PHE A 448 1.94 -36.19 -21.54
N TYR A 449 2.49 -35.10 -22.08
CA TYR A 449 1.98 -34.51 -23.31
C TYR A 449 2.13 -35.48 -24.49
N GLN A 450 3.17 -36.31 -24.47
CA GLN A 450 3.38 -37.29 -25.53
C GLN A 450 2.31 -38.38 -25.50
N ILE A 451 1.64 -38.55 -24.36
CA ILE A 451 0.54 -39.51 -24.29
C ILE A 451 -0.63 -39.03 -25.15
N PHE A 452 -0.82 -37.71 -25.25
CA PHE A 452 -2.10 -37.23 -25.75
C PHE A 452 -2.01 -36.41 -27.03
N VAL A 453 -0.88 -35.77 -27.30
CA VAL A 453 -0.69 -34.97 -28.50
C VAL A 453 0.54 -35.48 -29.22
N GLU A 454 0.35 -36.03 -30.42
CA GLU A 454 1.45 -36.56 -31.21
C GLU A 454 2.07 -35.43 -32.04
N SER A 455 3.37 -35.23 -31.88
CA SER A 455 4.09 -34.21 -32.62
C SER A 455 5.46 -34.75 -33.03
N ALA A 456 6.14 -33.99 -33.89
CA ALA A 456 7.43 -34.42 -34.42
C ALA A 456 8.59 -33.95 -33.54
N ALA A 457 8.57 -32.69 -33.11
CA ALA A 457 9.66 -32.17 -32.30
C ALA A 457 9.60 -32.72 -30.89
N VAL A 458 8.39 -33.03 -30.40
CA VAL A 458 8.22 -33.48 -29.03
C VAL A 458 8.81 -34.89 -28.85
N LYS A 459 8.70 -35.73 -29.88
CA LYS A 459 9.24 -37.08 -29.81
C LYS A 459 10.77 -37.06 -29.81
N GLN A 460 11.37 -36.19 -30.63
CA GLN A 460 12.82 -36.07 -30.63
C GLN A 460 13.33 -35.45 -29.33
N LEU A 461 12.56 -34.53 -28.77
CA LEU A 461 12.91 -33.96 -27.46
C LEU A 461 12.82 -35.01 -26.37
N LEU A 462 11.83 -35.90 -26.44
CA LEU A 462 11.72 -36.98 -25.46
C LEU A 462 12.84 -37.99 -25.62
N VAL A 463 13.29 -38.23 -26.85
CA VAL A 463 14.46 -39.09 -27.07
C VAL A 463 15.72 -38.44 -26.50
N ASP A 464 15.84 -37.11 -26.62
CA ASP A 464 16.98 -36.40 -26.03
C ASP A 464 16.94 -36.46 -24.50
N LEU A 465 15.75 -36.34 -23.92
CA LEU A 465 15.62 -36.44 -22.46
C LEU A 465 15.89 -37.87 -21.98
N THR A 466 15.51 -38.88 -22.76
CA THR A 466 15.80 -40.25 -22.40
C THR A 466 17.29 -40.55 -22.52
N GLU A 467 17.96 -39.89 -23.47
CA GLU A 467 19.42 -39.98 -23.54
C GLU A 467 20.08 -39.28 -22.37
N LEU A 468 19.51 -38.17 -21.91
CA LEU A 468 20.12 -37.37 -20.85
C LEU A 468 19.90 -37.99 -19.47
N THR A 469 18.78 -38.67 -19.28
CA THR A 469 18.41 -39.16 -17.95
C THR A 469 19.33 -40.27 -17.47
N ALA A 470 19.76 -41.15 -18.37
CA ALA A 470 20.68 -42.21 -17.98
C ALA A 470 22.09 -41.68 -17.78
N ASN A 471 22.44 -40.60 -18.48
CA ASN A 471 23.79 -40.04 -18.41
C ASN A 471 23.97 -39.05 -17.28
N LEU A 472 22.96 -38.86 -16.42
CA LEU A 472 23.13 -38.09 -15.21
C LEU A 472 24.06 -38.83 -14.25
N PRO A 473 24.73 -38.12 -13.33
CA PRO A 473 25.63 -38.80 -12.39
C PRO A 473 24.89 -39.74 -11.45
N THR A 474 25.58 -40.80 -11.05
CA THR A 474 25.00 -41.87 -10.26
C THR A 474 24.92 -41.54 -8.77
N ILE A 475 25.16 -40.29 -8.37
CA ILE A 475 25.15 -39.95 -6.96
C ILE A 475 23.73 -39.71 -6.44
N PHE A 476 22.75 -39.53 -7.32
CA PHE A 476 21.35 -39.43 -6.93
C PHE A 476 20.74 -40.80 -6.68
N GLY A 477 21.46 -41.86 -7.04
CA GLY A 477 21.19 -43.24 -6.70
C GLY A 477 19.80 -43.72 -7.02
N SER A 478 19.15 -44.27 -5.98
CA SER A 478 17.81 -44.82 -6.11
C SER A 478 16.81 -43.77 -6.57
N LYS A 479 17.02 -42.50 -6.16
CA LYS A 479 16.15 -41.41 -6.61
C LYS A 479 16.15 -41.29 -8.12
N LEU A 480 17.34 -41.34 -8.72
CA LEU A 480 17.45 -41.31 -10.18
C LEU A 480 16.74 -42.50 -10.80
N ASP A 481 16.89 -43.68 -10.17
CA ASP A 481 16.26 -44.89 -10.65
C ASP A 481 14.75 -44.74 -10.65
N LYS A 482 14.21 -44.11 -9.59
CA LYS A 482 12.76 -43.95 -9.47
C LYS A 482 12.22 -43.08 -10.57
N LEU A 483 13.00 -42.06 -10.97
CA LEU A 483 12.58 -41.15 -12.03
C LEU A 483 12.40 -41.90 -13.34
N VAL A 484 13.33 -42.81 -13.63
CA VAL A 484 13.27 -43.58 -14.88
C VAL A 484 12.02 -44.44 -14.89
N TYR A 485 11.70 -45.03 -13.72
CA TYR A 485 10.52 -45.87 -13.59
C TYR A 485 9.26 -45.07 -13.88
N LEU A 486 9.20 -43.84 -13.36
CA LEU A 486 8.05 -42.98 -13.57
C LEU A 486 7.87 -42.69 -15.06
N THR A 487 8.98 -42.36 -15.73
CA THR A 487 8.91 -42.06 -17.15
C THR A 487 8.51 -43.30 -17.93
N GLU A 488 9.02 -44.45 -17.50
CA GLU A 488 8.70 -45.71 -18.16
C GLU A 488 7.22 -46.03 -18.03
N ARG A 489 6.66 -45.72 -16.84
CA ARG A 489 5.23 -45.94 -16.64
C ARG A 489 4.42 -45.04 -17.54
N LEU A 490 4.86 -43.79 -17.70
CA LEU A 490 4.16 -42.87 -18.58
C LEU A 490 4.28 -43.30 -20.03
N SER A 491 5.40 -43.94 -20.38
CA SER A 491 5.54 -44.45 -21.74
C SER A 491 4.54 -45.57 -21.98
N LYS A 492 4.34 -46.43 -20.98
CA LYS A 492 3.33 -47.48 -21.12
C LYS A 492 1.94 -46.88 -21.13
N LEU A 493 1.78 -45.70 -20.50
CA LEU A 493 0.49 -45.07 -20.48
C LEU A 493 0.14 -44.46 -21.84
N LYS A 494 1.11 -44.36 -22.75
CA LYS A 494 0.77 -44.03 -24.12
C LYS A 494 0.02 -45.18 -24.79
N LEU A 495 0.49 -46.42 -24.55
CA LEU A 495 0.00 -47.58 -25.29
C LEU A 495 -1.45 -47.88 -24.94
N LEU A 496 -1.80 -47.77 -23.66
CA LEU A 496 -3.18 -47.96 -23.23
C LEU A 496 -4.08 -46.84 -23.74
N TRP A 497 -3.51 -45.67 -24.05
CA TRP A 497 -4.29 -44.63 -24.68
C TRP A 497 -4.62 -45.00 -26.13
N ASP A 498 -3.74 -45.76 -26.78
CA ASP A 498 -3.93 -46.02 -28.20
C ASP A 498 -4.90 -47.17 -28.45
N LYS A 499 -4.80 -48.24 -27.67
CA LYS A 499 -5.59 -49.43 -27.95
C LYS A 499 -7.03 -49.34 -27.46
N VAL A 500 -7.36 -48.32 -26.66
CA VAL A 500 -8.68 -48.20 -26.06
C VAL A 500 -9.36 -46.94 -26.61
N GLN A 501 -10.59 -47.11 -27.07
CA GLN A 501 -11.33 -46.01 -27.67
C GLN A 501 -11.98 -45.14 -26.59
N LEU A 502 -11.95 -43.83 -26.81
CA LEU A 502 -12.55 -42.89 -25.88
C LEU A 502 -14.07 -42.96 -25.92
N LEU A 503 -14.69 -43.20 -24.77
CA LEU A 503 -16.14 -43.21 -24.67
C LEU A 503 -16.66 -41.79 -24.56
N ASP A 504 -17.99 -41.66 -24.53
CA ASP A 504 -18.61 -40.34 -24.48
C ASP A 504 -19.97 -40.43 -23.78
N SER A 505 -20.16 -39.58 -22.77
CA SER A 505 -21.42 -39.45 -22.08
C SER A 505 -22.13 -38.12 -22.38
N GLY A 506 -21.56 -37.30 -23.24
CA GLY A 506 -22.10 -35.98 -23.52
C GLY A 506 -21.64 -34.90 -22.56
N ASP A 507 -21.76 -35.16 -21.26
CA ASP A 507 -21.29 -34.21 -20.25
C ASP A 507 -19.78 -34.32 -20.04
N SER A 508 -19.31 -35.50 -19.65
CA SER A 508 -17.90 -35.72 -19.38
C SER A 508 -17.40 -36.90 -20.21
N PHE A 509 -16.08 -37.07 -20.22
CA PHE A 509 -15.41 -38.08 -21.03
C PHE A 509 -14.90 -39.19 -20.12
N TYR A 510 -14.78 -40.40 -20.69
CA TYR A 510 -14.41 -41.56 -19.89
C TYR A 510 -13.37 -42.40 -20.62
N HIS A 511 -12.30 -42.74 -19.92
CA HIS A 511 -11.22 -43.56 -20.43
C HIS A 511 -10.44 -44.08 -19.24
N PRO A 512 -9.87 -45.28 -19.31
CA PRO A 512 -9.13 -45.81 -18.15
C PRO A 512 -7.90 -45.01 -17.74
N VAL A 513 -7.29 -44.27 -18.68
CA VAL A 513 -6.14 -43.43 -18.37
C VAL A 513 -6.51 -42.35 -17.37
N PHE A 514 -7.71 -41.77 -17.53
CA PHE A 514 -8.22 -40.77 -16.59
C PHE A 514 -8.40 -41.36 -15.19
N LYS A 515 -8.92 -42.59 -15.10
CA LYS A 515 -9.13 -43.23 -13.80
C LYS A 515 -7.81 -43.56 -13.12
N ILE A 516 -6.81 -43.99 -13.90
CA ILE A 516 -5.51 -44.36 -13.33
C ILE A 516 -4.76 -43.11 -12.87
N LEU A 517 -4.80 -42.05 -13.69
CA LEU A 517 -4.18 -40.79 -13.29
C LEU A 517 -4.89 -40.13 -12.11
N GLN A 518 -6.19 -40.38 -11.96
CA GLN A 518 -6.90 -39.88 -10.78
C GLN A 518 -6.51 -40.67 -9.54
N ASN A 519 -6.45 -42.00 -9.66
CA ASN A 519 -6.16 -42.84 -8.50
C ASN A 519 -4.72 -42.76 -8.06
N ASP A 520 -3.79 -42.31 -8.92
CA ASP A 520 -2.43 -42.03 -8.46
C ASP A 520 -2.41 -40.92 -7.42
N ILE A 521 -3.08 -39.80 -7.72
CA ILE A 521 -3.19 -38.70 -6.77
C ILE A 521 -3.97 -39.13 -5.54
N LYS A 522 -5.00 -39.97 -5.72
CA LYS A 522 -5.76 -40.47 -4.57
C LYS A 522 -4.91 -41.33 -3.64
N ILE A 523 -4.06 -42.20 -4.21
CA ILE A 523 -3.21 -43.07 -3.38
C ILE A 523 -2.16 -42.25 -2.65
N ILE A 524 -1.53 -41.29 -3.33
CA ILE A 524 -0.46 -40.57 -2.62
C ILE A 524 -1.03 -39.53 -1.64
N GLU A 525 -2.22 -38.97 -1.92
CA GLU A 525 -2.88 -38.16 -0.89
C GLU A 525 -3.36 -39.01 0.27
N LEU A 526 -3.65 -40.29 0.04
CA LEU A 526 -3.93 -41.19 1.15
C LEU A 526 -2.67 -41.48 1.96
N LYS A 527 -1.52 -41.58 1.29
CA LYS A 527 -0.27 -41.86 2.00
C LYS A 527 0.30 -40.65 2.71
N ASN A 528 -0.31 -39.48 2.59
CA ASN A 528 0.07 -38.30 3.34
C ASN A 528 -1.05 -37.87 4.29
N ASP A 529 -1.70 -38.85 4.92
CA ASP A 529 -2.73 -38.62 5.91
C ASP A 529 -2.23 -39.19 7.23
N GLU A 530 -1.97 -38.31 8.19
CA GLU A 530 -1.39 -38.71 9.47
C GLU A 530 -2.45 -39.02 10.51
N MET A 531 -3.70 -39.20 10.10
CA MET A 531 -4.75 -39.58 11.05
C MET A 531 -4.55 -41.01 11.53
N PHE A 532 -4.06 -41.89 10.65
CA PHE A 532 -3.85 -43.27 11.07
C PHE A 532 -2.61 -43.42 11.94
N SER A 533 -1.63 -42.51 11.80
CA SER A 533 -0.55 -42.45 12.77
C SER A 533 -1.04 -41.98 14.13
N LEU A 534 -2.01 -41.06 14.15
CA LEU A 534 -2.62 -40.61 15.39
C LEU A 534 -3.38 -41.76 16.07
N ILE A 535 -4.10 -42.55 15.27
CA ILE A 535 -4.85 -43.68 15.82
C ILE A 535 -3.89 -44.80 16.26
N LYS A 536 -2.77 -45.01 15.56
CA LYS A 536 -1.75 -45.91 16.09
C LYS A 536 -1.07 -45.36 17.34
N GLY A 537 -1.08 -44.04 17.51
CA GLY A 537 -0.58 -43.45 18.73
C GLY A 537 -1.46 -43.72 19.93
N LEU A 538 -2.69 -43.20 19.94
CA LEU A 538 -3.51 -43.23 21.15
C LEU A 538 -4.84 -43.96 20.99
N GLY A 539 -4.99 -44.79 19.96
CA GLY A 539 -6.23 -45.51 19.73
C GLY A 539 -6.08 -47.01 19.90
N SER A 540 -7.08 -47.73 19.39
CA SER A 540 -7.16 -49.19 19.55
C SER A 540 -7.13 -49.95 18.23
N LEU A 541 -7.00 -49.28 17.10
CA LEU A 541 -6.96 -49.96 15.81
C LEU A 541 -5.77 -49.49 14.98
N SER A 564 -18.06 -54.48 -16.54
CA SER A 564 -17.39 -53.35 -17.17
C SER A 564 -15.91 -53.64 -17.38
N ASP A 565 -15.44 -53.46 -18.62
CA ASP A 565 -14.02 -53.62 -18.90
C ASP A 565 -13.20 -52.43 -18.45
N PHE A 566 -13.86 -51.31 -18.15
CA PHE A 566 -13.21 -50.11 -17.62
C PHE A 566 -12.49 -50.40 -16.32
N ARG A 567 -13.23 -50.88 -15.30
CA ARG A 567 -12.66 -51.20 -14.00
C ARG A 567 -11.64 -52.33 -14.10
N THR A 568 -11.87 -53.27 -15.03
CA THR A 568 -10.94 -54.39 -15.21
C THR A 568 -9.60 -53.91 -15.74
N ILE A 569 -9.61 -53.06 -16.77
CA ILE A 569 -8.37 -52.53 -17.35
C ILE A 569 -7.64 -51.65 -16.34
N VAL A 570 -8.39 -50.85 -15.56
CA VAL A 570 -7.78 -49.99 -14.54
C VAL A 570 -7.10 -50.83 -13.46
N GLU A 571 -7.77 -51.87 -12.98
CA GLU A 571 -7.17 -52.74 -11.97
C GLU A 571 -6.01 -53.55 -12.51
N GLU A 572 -6.03 -53.94 -13.80
CA GLU A 572 -4.90 -54.63 -14.39
C GLU A 572 -3.67 -53.72 -14.48
N PHE A 573 -3.87 -52.48 -14.92
CA PHE A 573 -2.72 -51.58 -15.07
C PHE A 573 -2.17 -51.14 -13.71
N GLN A 574 -3.04 -50.97 -12.71
CA GLN A 574 -2.55 -50.59 -11.40
C GLN A 574 -1.95 -51.77 -10.65
N SER A 575 -2.38 -53.00 -10.96
CA SER A 575 -1.72 -54.16 -10.39
C SER A 575 -0.39 -54.43 -11.07
N GLU A 576 -0.24 -54.02 -12.32
CA GLU A 576 1.00 -54.23 -13.06
C GLU A 576 2.02 -53.12 -12.84
N TYR A 577 1.58 -51.86 -12.90
CA TYR A 577 2.46 -50.70 -12.72
C TYR A 577 1.92 -49.87 -11.55
N ASN A 578 2.34 -50.22 -10.34
CA ASN A 578 1.85 -49.53 -9.15
C ASN A 578 2.62 -48.23 -8.95
N ILE A 579 1.90 -47.18 -8.55
CA ILE A 579 2.53 -45.87 -8.38
C ILE A 579 3.31 -45.82 -7.07
N SER A 580 2.94 -46.66 -6.09
CA SER A 580 3.61 -46.66 -4.78
C SER A 580 5.03 -47.20 -4.82
N ASP A 581 5.51 -47.64 -5.98
CA ASP A 581 6.92 -47.94 -6.15
C ASP A 581 7.79 -46.69 -6.11
N ILE A 582 7.22 -45.50 -6.33
CA ILE A 582 8.05 -44.30 -6.30
C ILE A 582 8.19 -43.72 -4.90
N LEU A 583 7.45 -44.22 -3.93
CA LEU A 583 7.50 -43.66 -2.58
C LEU A 583 8.80 -44.04 -1.88
N SER A 584 9.35 -43.08 -1.15
CA SER A 584 10.59 -43.31 -0.42
C SER A 584 10.32 -44.00 0.91
N SER B 30 6.38 18.01 44.94
CA SER B 30 5.26 17.34 44.30
C SER B 30 5.26 15.85 44.60
N LYS B 31 4.14 15.19 44.30
CA LYS B 31 3.97 13.75 44.53
C LYS B 31 3.38 13.10 43.28
N GLU B 32 3.95 13.42 42.12
CA GLU B 32 3.47 12.94 40.85
C GLU B 32 4.15 11.66 40.38
N TYR B 33 5.12 11.13 41.14
CA TYR B 33 5.86 9.97 40.69
C TYR B 33 5.06 8.67 40.81
N LEU B 34 3.95 8.69 41.54
CA LEU B 34 3.21 7.45 41.79
C LEU B 34 2.52 6.84 40.56
N PRO B 35 1.82 7.59 39.68
CA PRO B 35 1.23 6.91 38.51
C PRO B 35 2.26 6.43 37.50
N ASP B 36 3.29 7.24 37.22
CA ASP B 36 4.34 6.81 36.30
C ASP B 36 5.14 5.65 36.90
N LEU B 37 5.25 5.60 38.22
CA LEU B 37 5.94 4.50 38.86
C LEU B 37 5.10 3.22 38.87
N LEU B 38 3.78 3.35 38.98
CA LEU B 38 2.92 2.18 38.81
C LEU B 38 2.92 1.69 37.37
N LEU B 39 3.05 2.59 36.40
CA LEU B 39 3.25 2.14 35.02
C LEU B 39 4.61 1.51 34.82
N PHE B 40 5.63 1.99 35.55
CA PHE B 40 6.95 1.36 35.57
C PHE B 40 6.90 -0.04 36.18
N TRP B 41 5.94 -0.28 37.07
CA TRP B 41 5.79 -1.61 37.66
C TRP B 41 5.41 -2.65 36.63
N GLN B 42 4.67 -2.28 35.57
CA GLN B 42 4.36 -3.24 34.51
C GLN B 42 5.62 -3.71 33.80
N ASN B 43 6.53 -2.77 33.53
CA ASN B 43 7.82 -3.09 32.91
C ASN B 43 8.66 -3.98 33.84
N TYR B 44 8.71 -3.61 35.12
CA TYR B 44 9.49 -4.37 36.10
C TYR B 44 8.91 -5.76 36.32
N GLU B 45 7.59 -5.89 36.23
CA GLU B 45 6.95 -7.18 36.48
C GLU B 45 7.08 -8.09 35.26
N TYR B 46 7.13 -7.50 34.05
CA TYR B 46 7.42 -8.31 32.88
C TYR B 46 8.85 -8.83 32.91
N TRP B 47 9.82 -7.95 33.20
CA TRP B 47 11.20 -8.41 33.07
C TRP B 47 11.69 -9.18 34.30
N ILE B 48 11.51 -8.62 35.50
CA ILE B 48 12.28 -9.08 36.64
C ILE B 48 11.61 -10.28 37.29
N THR B 49 10.30 -10.19 37.52
CA THR B 49 9.59 -11.26 38.21
C THR B 49 9.22 -12.42 37.28
N ASN B 50 9.26 -12.20 35.96
CA ASN B 50 8.85 -13.21 35.00
C ASN B 50 10.02 -13.72 34.17
N ILE B 51 10.73 -12.82 33.48
CA ILE B 51 11.79 -13.25 32.57
C ILE B 51 13.08 -13.48 33.34
N GLY B 52 13.39 -12.61 34.29
CA GLY B 52 14.67 -12.70 34.98
C GLY B 52 14.75 -13.89 35.92
N LEU B 53 13.71 -14.08 36.74
CA LEU B 53 13.77 -15.10 37.78
C LEU B 53 13.54 -16.50 37.21
N TYR B 54 12.62 -16.64 36.27
CA TYR B 54 12.17 -17.95 35.82
C TYR B 54 12.66 -18.33 34.43
N LYS B 55 12.90 -17.36 33.56
CA LYS B 55 13.04 -17.61 32.13
C LYS B 55 14.36 -17.08 31.58
N THR B 56 15.43 -17.17 32.38
CA THR B 56 16.74 -16.68 31.96
C THR B 56 17.81 -17.60 32.52
N LYS B 57 18.64 -18.13 31.62
CA LYS B 57 19.73 -19.02 32.00
C LYS B 57 21.05 -18.42 31.51
N GLN B 58 21.91 -18.04 32.46
CA GLN B 58 23.24 -17.53 32.12
C GLN B 58 24.09 -18.67 31.59
N ARG B 59 24.34 -18.68 30.28
CA ARG B 59 25.09 -19.73 29.64
C ARG B 59 26.48 -19.23 29.24
N ASP B 60 27.44 -20.15 29.24
CA ASP B 60 28.79 -19.87 28.79
C ASP B 60 29.26 -21.10 28.03
N LEU B 61 29.52 -20.94 26.73
CA LEU B 61 29.77 -22.08 25.87
C LEU B 61 31.23 -22.54 25.89
N THR B 62 32.15 -21.67 26.29
CA THR B 62 33.55 -22.05 26.37
C THR B 62 33.89 -22.87 27.60
N ARG B 63 32.99 -22.93 28.59
CA ARG B 63 33.26 -23.62 29.83
C ARG B 63 32.28 -24.74 30.15
N THR B 64 31.14 -24.81 29.47
CA THR B 64 30.15 -25.83 29.76
C THR B 64 30.60 -27.19 29.23
N PRO B 65 30.63 -28.23 30.05
CA PRO B 65 31.06 -29.55 29.57
C PRO B 65 30.05 -30.17 28.62
N ALA B 66 30.43 -30.31 27.35
CA ALA B 66 29.62 -31.01 26.37
C ALA B 66 29.66 -32.50 26.70
N ASN B 67 28.52 -33.04 27.16
CA ASN B 67 28.47 -34.40 27.68
C ASN B 67 28.60 -35.41 26.55
N LEU B 68 29.82 -35.90 26.35
CA LEU B 68 30.09 -36.89 25.31
C LEU B 68 29.38 -38.21 25.61
N ASP B 69 29.19 -38.52 26.89
CA ASP B 69 28.45 -39.71 27.28
C ASP B 69 26.97 -39.57 26.95
N THR B 70 26.47 -38.34 26.82
CA THR B 70 25.06 -38.00 26.58
C THR B 70 24.15 -38.64 27.63
N ASP B 71 24.59 -38.56 28.90
CA ASP B 71 23.81 -38.95 30.08
C ASP B 71 23.42 -40.43 30.07
N THR B 72 24.24 -41.26 29.41
CA THR B 72 24.00 -42.70 29.44
C THR B 72 24.43 -43.31 30.76
N GLU B 73 25.62 -42.92 31.25
CA GLU B 73 26.11 -43.35 32.55
C GLU B 73 25.21 -42.87 33.67
N GLU B 74 24.61 -41.69 33.52
CA GLU B 74 23.72 -41.15 34.54
C GLU B 74 22.37 -41.87 34.54
N CYS B 75 21.66 -41.80 33.41
CA CYS B 75 20.31 -42.36 33.36
C CYS B 75 20.26 -43.87 33.36
N MET B 76 21.35 -44.56 33.02
CA MET B 76 21.36 -46.02 33.16
C MET B 76 21.23 -46.42 34.63
N PHE B 77 22.01 -45.76 35.49
CA PHE B 77 21.88 -45.98 36.93
C PHE B 77 20.54 -45.48 37.46
N TRP B 78 20.16 -44.25 37.08
CA TRP B 78 18.94 -43.67 37.63
C TRP B 78 17.66 -44.29 37.10
N MET B 79 17.74 -45.14 36.07
CA MET B 79 16.63 -46.00 35.69
C MET B 79 16.78 -47.40 36.27
N ASN B 80 17.99 -47.82 36.63
CA ASN B 80 18.12 -49.06 37.40
C ASN B 80 17.76 -48.88 38.87
N TYR B 81 17.66 -47.64 39.34
CA TYR B 81 17.29 -47.39 40.73
C TYR B 81 15.82 -47.67 41.01
N LEU B 82 14.94 -47.37 40.06
CA LEU B 82 13.52 -47.55 40.26
C LEU B 82 13.16 -49.03 40.24
N GLN B 83 12.25 -49.43 41.14
CA GLN B 83 11.79 -50.80 41.24
C GLN B 83 10.33 -50.88 40.84
N LYS B 84 9.84 -52.11 40.67
CA LYS B 84 8.58 -52.34 39.98
C LYS B 84 7.38 -52.01 40.87
N ASP B 85 7.33 -52.59 42.07
CA ASP B 85 6.22 -52.35 42.98
C ASP B 85 6.15 -50.90 43.44
N GLN B 86 7.33 -50.26 43.55
CA GLN B 86 7.39 -48.82 43.80
C GLN B 86 6.71 -48.03 42.68
N SER B 87 6.94 -48.46 41.44
CA SER B 87 6.33 -47.78 40.29
C SER B 87 4.83 -47.98 40.26
N PHE B 88 4.35 -49.18 40.63
CA PHE B 88 2.90 -49.38 40.69
C PHE B 88 2.26 -48.62 41.84
N GLN B 89 2.98 -48.41 42.94
CA GLN B 89 2.47 -47.54 43.99
C GLN B 89 2.41 -46.08 43.55
N LEU B 90 3.39 -45.65 42.74
CA LEU B 90 3.33 -44.33 42.11
C LEU B 90 2.09 -44.20 41.22
N MET B 91 1.81 -45.22 40.42
CA MET B 91 0.65 -45.20 39.54
C MET B 91 -0.66 -45.19 40.33
N ASN B 92 -0.69 -45.92 41.45
CA ASN B 92 -1.87 -45.93 42.32
C ASN B 92 -2.11 -44.56 42.95
N PHE B 93 -1.02 -43.91 43.40
CA PHE B 93 -1.13 -42.56 43.95
C PHE B 93 -1.62 -41.57 42.90
N ALA B 94 -1.14 -41.71 41.67
CA ALA B 94 -1.60 -40.83 40.59
C ALA B 94 -3.07 -41.06 40.27
N MET B 95 -3.52 -42.32 40.34
CA MET B 95 -4.92 -42.60 40.08
C MET B 95 -5.79 -42.04 41.20
N GLU B 96 -5.32 -42.09 42.44
CA GLU B 96 -6.15 -41.66 43.57
C GLU B 96 -6.22 -40.14 43.69
N ASN B 97 -5.11 -39.44 43.45
CA ASN B 97 -5.05 -38.05 43.88
C ASN B 97 -4.67 -37.02 42.82
N LEU B 98 -4.34 -37.43 41.59
CA LEU B 98 -3.75 -36.51 40.62
C LEU B 98 -4.55 -36.37 39.33
N GLY B 99 -5.85 -36.67 39.36
CA GLY B 99 -6.61 -36.82 38.12
C GLY B 99 -6.79 -35.53 37.33
N ALA B 100 -6.94 -34.41 38.03
CA ALA B 100 -7.15 -33.10 37.42
C ALA B 100 -5.93 -32.57 36.70
N LEU B 101 -4.79 -33.23 36.78
CA LEU B 101 -3.63 -32.88 35.96
C LEU B 101 -3.62 -33.71 34.67
N TYR B 102 -3.52 -35.04 34.80
CA TYR B 102 -3.31 -35.85 33.61
C TYR B 102 -4.58 -36.07 32.79
N PHE B 103 -5.75 -35.61 33.24
CA PHE B 103 -6.95 -35.83 32.42
C PHE B 103 -6.91 -35.01 31.15
N GLY B 104 -6.23 -33.86 31.17
CA GLY B 104 -6.08 -33.07 29.96
C GLY B 104 -5.18 -33.72 28.92
N SER B 105 -4.15 -34.45 29.38
CA SER B 105 -3.17 -35.01 28.45
C SER B 105 -3.49 -36.45 28.07
N ILE B 106 -3.53 -37.35 29.06
CA ILE B 106 -3.65 -38.78 28.77
C ILE B 106 -5.00 -39.35 29.14
N GLY B 107 -5.95 -38.53 29.56
CA GLY B 107 -7.28 -39.02 29.87
C GLY B 107 -7.33 -39.83 31.15
N ASP B 108 -7.47 -41.15 31.01
CA ASP B 108 -7.57 -42.06 32.15
C ASP B 108 -6.30 -42.88 32.27
N ILE B 109 -5.91 -43.18 33.51
CA ILE B 109 -4.63 -43.81 33.78
C ILE B 109 -4.75 -45.31 33.99
N SER B 110 -5.97 -45.84 34.22
CA SER B 110 -6.15 -47.28 34.29
C SER B 110 -5.97 -47.94 32.93
N GLU B 111 -6.17 -47.18 31.86
CA GLU B 111 -5.84 -47.61 30.51
C GLU B 111 -4.33 -47.69 30.31
N LEU B 112 -3.56 -46.93 31.09
CA LEU B 112 -2.10 -46.87 30.96
C LEU B 112 -1.39 -47.98 31.74
N TYR B 113 -2.12 -48.66 32.62
CA TYR B 113 -1.57 -49.78 33.39
C TYR B 113 -1.09 -50.90 32.48
N LEU B 114 -1.79 -51.12 31.36
CA LEU B 114 -1.37 -52.12 30.38
C LEU B 114 -0.03 -51.77 29.75
N ARG B 115 0.18 -50.49 29.45
CA ARG B 115 1.46 -50.05 28.88
C ARG B 115 2.58 -50.13 29.91
N VAL B 116 2.26 -49.89 31.18
CA VAL B 116 3.25 -50.07 32.25
C VAL B 116 3.62 -51.54 32.39
N GLU B 117 2.65 -52.44 32.31
CA GLU B 117 2.91 -53.88 32.33
C GLU B 117 3.79 -54.30 31.15
N GLN B 118 3.49 -53.76 29.96
CA GLN B 118 4.28 -54.05 28.77
C GLN B 118 5.72 -53.57 28.91
N TYR B 119 5.93 -52.39 29.49
CA TYR B 119 7.29 -51.91 29.74
C TYR B 119 8.04 -52.79 30.72
N TRP B 120 7.39 -53.15 31.83
CA TRP B 120 8.10 -53.94 32.84
C TRP B 120 8.34 -55.37 32.38
N ASP B 121 7.56 -55.86 31.40
CA ASP B 121 7.89 -57.15 30.80
C ASP B 121 8.95 -57.02 29.72
N ARG B 122 8.96 -55.92 28.98
CA ARG B 122 9.87 -55.74 27.86
C ARG B 122 11.26 -55.24 28.29
N ARG B 123 11.37 -54.79 29.54
CA ARG B 123 12.59 -54.15 30.05
C ARG B 123 13.81 -55.06 30.00
N ALA B 124 13.60 -56.38 30.17
CA ALA B 124 14.72 -57.31 30.23
C ALA B 124 15.27 -57.70 28.86
N ASP B 125 14.75 -57.13 27.77
CA ASP B 125 15.14 -57.55 26.44
C ASP B 125 16.46 -56.87 26.03
N LYS B 126 16.86 -57.06 24.78
CA LYS B 126 18.07 -56.45 24.24
C LYS B 126 17.77 -55.40 23.19
N ASN B 127 17.01 -55.75 22.15
CA ASN B 127 16.55 -54.79 21.17
C ASN B 127 15.27 -54.10 21.66
N HIS B 128 14.92 -53.00 21.00
CA HIS B 128 13.73 -52.25 21.34
C HIS B 128 13.12 -51.65 20.08
N SER B 129 11.85 -51.29 20.18
CA SER B 129 11.10 -50.69 19.09
C SER B 129 10.72 -49.26 19.45
N VAL B 130 10.44 -48.46 18.42
CA VAL B 130 10.27 -47.02 18.60
C VAL B 130 8.97 -46.71 19.33
N ASP B 131 7.90 -47.43 18.99
CA ASP B 131 6.59 -47.21 19.63
C ASP B 131 6.63 -47.57 21.10
N GLY B 132 7.38 -48.65 21.44
CA GLY B 132 7.58 -48.99 22.82
C GLY B 132 8.33 -47.92 23.59
N LYS B 133 9.34 -47.32 22.96
CA LYS B 133 10.09 -46.26 23.64
C LYS B 133 9.27 -44.98 23.78
N TYR B 134 8.31 -44.75 22.87
CA TYR B 134 7.35 -43.67 23.07
C TYR B 134 6.46 -43.91 24.29
N TRP B 135 5.96 -45.14 24.44
CA TRP B 135 5.18 -45.46 25.64
C TRP B 135 6.04 -45.38 26.90
N ASP B 136 7.33 -45.69 26.78
CA ASP B 136 8.24 -45.58 27.92
C ASP B 136 8.45 -44.12 28.32
N ALA B 137 8.59 -43.24 27.32
CA ALA B 137 8.74 -41.82 27.62
C ALA B 137 7.48 -41.26 28.27
N LEU B 138 6.32 -41.75 27.84
CA LEU B 138 5.05 -41.32 28.44
C LEU B 138 4.94 -41.75 29.89
N ILE B 139 5.28 -43.01 30.18
CA ILE B 139 5.12 -43.47 31.56
C ILE B 139 6.23 -42.94 32.47
N TRP B 140 7.41 -42.61 31.93
CA TRP B 140 8.42 -41.96 32.76
C TRP B 140 8.07 -40.51 33.05
N SER B 141 7.40 -39.83 32.11
CA SER B 141 6.86 -38.51 32.42
C SER B 141 5.78 -38.60 33.50
N VAL B 142 4.94 -39.64 33.44
CA VAL B 142 3.94 -39.87 34.48
C VAL B 142 4.61 -40.13 35.83
N PHE B 143 5.74 -40.87 35.82
CA PHE B 143 6.50 -41.10 37.05
C PHE B 143 7.05 -39.79 37.61
N THR B 144 7.52 -38.89 36.74
CA THR B 144 7.98 -37.58 37.18
C THR B 144 6.85 -36.78 37.83
N MET B 145 5.65 -36.83 37.25
CA MET B 145 4.50 -36.15 37.83
C MET B 145 4.11 -36.77 39.17
N CYS B 146 4.31 -38.09 39.32
CA CYS B 146 4.05 -38.74 40.60
C CYS B 146 5.04 -38.31 41.66
N ILE B 147 6.30 -38.15 41.28
CA ILE B 147 7.33 -37.78 42.25
C ILE B 147 7.16 -36.34 42.70
N TYR B 148 6.85 -35.44 41.77
CA TYR B 148 6.86 -34.01 42.09
C TYR B 148 5.72 -33.60 43.02
N TYR B 149 4.59 -34.30 42.99
CA TYR B 149 3.45 -33.94 43.82
C TYR B 149 3.21 -34.91 44.97
N MET B 150 4.18 -35.74 45.31
CA MET B 150 3.84 -36.68 46.39
C MET B 150 4.25 -36.10 47.74
N PRO B 151 3.43 -36.30 48.78
CA PRO B 151 3.84 -35.90 50.14
C PRO B 151 5.04 -36.71 50.63
N VAL B 152 5.71 -36.14 51.64
CA VAL B 152 7.05 -36.58 52.00
C VAL B 152 7.05 -37.88 52.79
N GLU B 153 5.95 -38.20 53.50
CA GLU B 153 5.95 -39.38 54.36
C GLU B 153 5.82 -40.67 53.54
N LYS B 154 4.86 -40.70 52.60
CA LYS B 154 4.72 -41.85 51.71
C LYS B 154 5.93 -41.97 50.79
N LEU B 155 6.52 -40.84 50.39
CA LEU B 155 7.69 -40.85 49.54
C LEU B 155 8.90 -41.39 50.29
N ALA B 156 8.96 -41.15 51.61
CA ALA B 156 10.02 -41.73 52.42
C ALA B 156 9.79 -43.21 52.66
N GLU B 157 8.51 -43.62 52.80
CA GLU B 157 8.21 -45.03 52.98
C GLU B 157 8.47 -45.85 51.72
N ILE B 158 8.36 -45.25 50.54
CA ILE B 158 8.61 -45.98 49.31
C ILE B 158 10.10 -46.06 49.01
N PHE B 159 10.76 -44.92 48.89
CA PHE B 159 12.12 -44.86 48.40
C PHE B 159 13.13 -44.72 49.52
N SER B 160 14.32 -45.27 49.30
CA SER B 160 15.43 -45.08 50.21
C SER B 160 16.10 -43.73 49.95
N VAL B 161 17.05 -43.38 50.81
CA VAL B 161 17.76 -42.10 50.72
C VAL B 161 19.24 -42.41 50.45
N TYR B 162 19.67 -43.58 50.90
CA TYR B 162 21.11 -43.88 50.93
C TYR B 162 21.76 -44.14 49.57
N PRO B 163 21.16 -44.88 48.59
CA PRO B 163 21.85 -44.98 47.28
C PRO B 163 21.95 -43.67 46.52
N LEU B 164 21.06 -42.71 46.80
CA LEU B 164 21.15 -41.39 46.21
C LEU B 164 22.45 -40.70 46.58
N HIS B 165 22.82 -40.77 47.86
CA HIS B 165 24.07 -40.19 48.32
C HIS B 165 25.26 -41.09 48.06
N GLU B 166 25.04 -42.38 47.83
CA GLU B 166 26.14 -43.22 47.36
C GLU B 166 26.53 -42.88 45.93
N TYR B 167 25.56 -42.50 45.10
CA TYR B 167 25.92 -42.07 43.75
C TYR B 167 26.43 -40.63 43.73
N LEU B 168 25.67 -39.70 44.33
CA LEU B 168 25.99 -38.29 44.18
C LEU B 168 27.17 -37.84 45.02
N GLY B 169 27.55 -38.60 46.03
CA GLY B 169 28.70 -38.25 46.85
C GLY B 169 28.47 -37.11 47.83
N SER B 170 27.22 -36.73 48.07
CA SER B 170 26.89 -35.61 48.93
C SER B 170 26.80 -36.09 50.38
N ASN B 171 26.26 -35.25 51.27
CA ASN B 171 26.13 -35.57 52.67
C ASN B 171 25.15 -36.72 52.88
N LYS B 172 25.45 -37.58 53.84
CA LYS B 172 24.54 -38.67 54.17
C LYS B 172 23.38 -38.19 55.02
N ARG B 173 23.54 -37.08 55.72
CA ARG B 173 22.51 -36.56 56.62
C ARG B 173 21.46 -35.72 55.91
N LEU B 174 21.53 -35.59 54.60
CA LEU B 174 20.47 -34.88 53.88
C LEU B 174 19.21 -35.72 53.81
N ASN B 175 18.07 -35.03 53.73
CA ASN B 175 16.77 -35.67 53.76
C ASN B 175 15.97 -35.24 52.55
N TRP B 176 14.69 -35.62 52.53
CA TRP B 176 13.84 -35.26 51.40
C TRP B 176 13.45 -33.79 51.44
N GLU B 177 13.20 -33.26 52.64
CA GLU B 177 12.87 -31.85 52.80
C GLU B 177 14.07 -30.94 52.58
N ASP B 178 15.29 -31.49 52.57
CA ASP B 178 16.47 -30.70 52.23
C ASP B 178 16.52 -30.40 50.74
N GLY B 179 15.96 -31.29 49.92
CA GLY B 179 15.93 -31.05 48.49
C GLY B 179 16.23 -32.24 47.60
N MET B 180 16.37 -33.43 48.18
CA MET B 180 16.64 -34.62 47.38
C MET B 180 15.43 -35.04 46.53
N GLN B 181 14.22 -34.65 46.92
CA GLN B 181 13.05 -34.97 46.11
C GLN B 181 13.05 -34.16 44.82
N LEU B 182 13.52 -32.91 44.88
CA LEU B 182 13.70 -32.11 43.68
C LEU B 182 14.76 -32.71 42.77
N VAL B 183 15.82 -33.27 43.36
CA VAL B 183 16.88 -33.90 42.58
C VAL B 183 16.37 -35.16 41.90
N MET B 184 15.52 -35.93 42.59
CA MET B 184 14.96 -37.13 41.99
C MET B 184 13.96 -36.79 40.89
N CYS B 185 13.21 -35.70 41.07
CA CYS B 185 12.30 -35.23 40.03
C CYS B 185 13.07 -34.78 38.78
N GLN B 186 14.16 -34.03 38.98
CA GLN B 186 14.97 -33.58 37.85
C GLN B 186 15.64 -34.75 37.13
N ASN B 187 16.10 -35.75 37.88
CA ASN B 187 16.71 -36.91 37.25
C ASN B 187 15.69 -37.77 36.49
N PHE B 188 14.45 -37.87 36.98
CA PHE B 188 13.43 -38.59 36.23
C PHE B 188 13.02 -37.83 34.97
N ALA B 189 12.98 -36.50 35.04
CA ALA B 189 12.72 -35.70 33.85
C ALA B 189 13.84 -35.85 32.81
N ARG B 190 15.08 -35.88 33.30
CA ARG B 190 16.24 -36.04 32.41
C ARG B 190 16.26 -37.42 31.77
N CYS B 191 15.83 -38.44 32.52
CA CYS B 191 15.82 -39.79 31.93
C CYS B 191 14.65 -39.98 30.97
N SER B 192 13.53 -39.29 31.21
CA SER B 192 12.46 -39.24 30.23
C SER B 192 12.92 -38.59 28.93
N LEU B 193 13.67 -37.48 29.04
CA LEU B 193 14.26 -36.86 27.86
C LEU B 193 15.28 -37.76 27.18
N PHE B 194 16.02 -38.55 27.95
CA PHE B 194 16.97 -39.48 27.37
C PHE B 194 16.28 -40.59 26.59
N GLN B 195 15.14 -41.07 27.10
CA GLN B 195 14.33 -42.00 26.32
C GLN B 195 13.75 -41.36 25.08
N LEU B 196 13.43 -40.06 25.12
CA LEU B 196 13.03 -39.36 23.91
C LEU B 196 14.18 -39.27 22.92
N LYS B 197 15.41 -39.05 23.41
CA LYS B 197 16.57 -38.97 22.53
C LYS B 197 16.91 -40.32 21.92
N GLN B 198 16.61 -41.43 22.61
CA GLN B 198 16.80 -42.72 21.98
C GLN B 198 15.76 -43.04 20.92
N CYS B 199 14.64 -42.31 20.89
CA CYS B 199 13.63 -42.54 19.86
C CYS B 199 14.05 -41.98 18.51
N ASP B 200 15.05 -41.09 18.48
CA ASP B 200 15.25 -40.11 17.41
C ASP B 200 13.93 -39.42 17.09
N PHE B 201 13.43 -38.70 18.10
CA PHE B 201 12.15 -38.02 18.02
C PHE B 201 12.17 -36.85 17.04
N MET B 202 13.36 -36.42 16.63
CA MET B 202 13.48 -35.49 15.50
C MET B 202 12.95 -36.12 14.22
N ALA B 203 13.40 -37.32 13.90
CA ALA B 203 13.09 -37.96 12.62
C ALA B 203 11.86 -38.85 12.69
N HIS B 204 11.12 -38.84 13.81
CA HIS B 204 9.89 -39.63 13.93
C HIS B 204 8.90 -38.86 14.78
N PRO B 205 8.09 -37.98 14.17
CA PRO B 205 7.10 -37.24 14.95
C PRO B 205 5.88 -38.12 15.28
N ASP B 206 5.47 -38.09 16.55
CA ASP B 206 4.31 -38.85 16.99
C ASP B 206 3.70 -38.15 18.19
N ILE B 207 2.39 -38.39 18.38
CA ILE B 207 1.58 -37.66 19.34
C ILE B 207 1.97 -37.92 20.80
N ARG B 208 2.65 -39.04 21.09
CA ARG B 208 3.07 -39.33 22.46
C ARG B 208 4.15 -38.39 22.95
N LEU B 209 4.85 -37.70 22.04
CA LEU B 209 5.76 -36.63 22.43
C LEU B 209 5.02 -35.48 23.10
N VAL B 210 3.86 -35.10 22.54
CA VAL B 210 3.11 -33.97 23.08
C VAL B 210 2.53 -34.32 24.43
N GLN B 211 2.04 -35.55 24.58
CA GLN B 211 1.49 -35.99 25.86
C GLN B 211 2.59 -36.13 26.91
N ALA B 212 3.73 -36.72 26.53
CA ALA B 212 4.83 -36.89 27.48
C ALA B 212 5.51 -35.58 27.81
N TYR B 213 5.30 -34.55 26.99
CA TYR B 213 5.76 -33.22 27.40
C TYR B 213 4.75 -32.52 28.28
N LEU B 214 3.44 -32.67 28.00
CA LEU B 214 2.45 -32.03 28.84
C LEU B 214 2.36 -32.63 30.23
N ILE B 215 2.77 -33.89 30.41
CA ILE B 215 2.90 -34.41 31.77
C ILE B 215 4.14 -33.82 32.44
N LEU B 216 5.23 -33.61 31.69
CA LEU B 216 6.39 -32.92 32.22
C LEU B 216 6.19 -31.42 32.37
N ALA B 217 5.11 -30.86 31.83
CA ALA B 217 4.82 -29.45 32.01
C ALA B 217 4.05 -29.16 33.29
N THR B 218 3.65 -30.20 34.02
CA THR B 218 2.94 -29.99 35.28
C THR B 218 3.90 -29.62 36.41
N THR B 219 5.17 -29.95 36.27
CA THR B 219 6.17 -29.71 37.30
C THR B 219 6.84 -28.36 37.03
N THR B 220 7.94 -28.08 37.71
CA THR B 220 8.77 -26.92 37.41
C THR B 220 9.96 -27.26 36.52
N PHE B 221 9.87 -28.37 35.79
CA PHE B 221 10.75 -28.64 34.66
C PHE B 221 10.80 -27.52 33.60
N PRO B 222 9.74 -26.76 33.31
CA PRO B 222 9.93 -25.55 32.48
C PRO B 222 10.73 -24.45 33.14
N TYR B 223 11.15 -24.57 34.40
CA TYR B 223 11.92 -23.54 35.05
C TYR B 223 13.33 -23.98 35.42
N ASP B 224 13.61 -25.28 35.38
CA ASP B 224 14.99 -25.76 35.53
C ASP B 224 15.79 -25.52 34.26
N GLU B 225 15.36 -26.10 33.16
CA GLU B 225 15.99 -25.94 31.84
C GLU B 225 15.01 -25.18 30.95
N PRO B 226 15.09 -23.86 30.89
CA PRO B 226 14.05 -23.09 30.18
C PRO B 226 14.11 -23.20 28.66
N LEU B 227 15.29 -23.07 28.05
CA LEU B 227 15.34 -23.10 26.60
C LEU B 227 15.32 -24.52 26.06
N LEU B 228 15.68 -25.51 26.87
CA LEU B 228 15.42 -26.89 26.50
C LEU B 228 13.92 -27.18 26.48
N ALA B 229 13.18 -26.60 27.42
CA ALA B 229 11.73 -26.73 27.41
C ALA B 229 11.12 -25.97 26.24
N ASN B 230 11.73 -24.85 25.84
CA ASN B 230 11.26 -24.13 24.66
C ASN B 230 11.50 -24.92 23.38
N SER B 231 12.64 -25.60 23.30
CA SER B 231 12.92 -26.44 22.12
C SER B 231 11.98 -27.62 22.06
N LEU B 232 11.71 -28.25 23.22
CA LEU B 232 10.73 -29.34 23.26
C LEU B 232 9.33 -28.85 22.90
N LEU B 233 8.98 -27.63 23.29
CA LEU B 233 7.65 -27.12 22.96
C LEU B 233 7.54 -26.77 21.48
N THR B 234 8.63 -26.32 20.86
CA THR B 234 8.60 -26.11 19.41
C THR B 234 8.52 -27.44 18.66
N GLN B 235 9.19 -28.48 19.18
CA GLN B 235 9.00 -29.83 18.62
C GLN B 235 7.56 -30.30 18.77
N CYS B 236 6.91 -29.97 19.89
CA CYS B 236 5.52 -30.37 20.09
C CYS B 236 4.57 -29.60 19.17
N ILE B 237 4.87 -28.33 18.90
CA ILE B 237 4.05 -27.57 17.95
C ILE B 237 4.21 -28.12 16.53
N HIS B 238 5.44 -28.51 16.16
CA HIS B 238 5.67 -29.17 14.88
C HIS B 238 4.92 -30.49 14.78
N THR B 239 4.97 -31.29 15.83
CA THR B 239 4.28 -32.58 15.87
C THR B 239 2.76 -32.41 15.82
N PHE B 240 2.22 -31.39 16.48
CA PHE B 240 0.77 -31.16 16.42
C PHE B 240 0.34 -30.69 15.03
N LYS B 241 1.04 -29.69 14.47
CA LYS B 241 0.65 -29.17 13.16
C LYS B 241 0.96 -30.14 12.02
N ASN B 242 1.72 -31.20 12.29
CA ASN B 242 1.86 -32.29 11.34
C ASN B 242 0.52 -32.96 11.01
N PHE B 243 -0.45 -32.95 11.93
CA PHE B 243 -1.68 -33.69 11.72
C PHE B 243 -2.67 -32.96 10.81
N HIS B 244 -2.59 -31.64 10.75
CA HIS B 244 -3.45 -30.77 9.92
C HIS B 244 -4.93 -30.93 10.26
N VAL B 245 -5.25 -30.94 11.55
CA VAL B 245 -6.63 -30.90 12.03
C VAL B 245 -6.86 -29.55 12.68
N ASP B 246 -7.78 -28.76 12.11
CA ASP B 246 -7.99 -27.40 12.58
C ASP B 246 -9.39 -27.17 13.16
N ASP B 247 -10.31 -28.11 12.99
CA ASP B 247 -11.63 -28.03 13.61
C ASP B 247 -11.93 -29.37 14.24
N PHE B 248 -12.37 -29.36 15.49
CA PHE B 248 -12.46 -30.58 16.30
C PHE B 248 -13.89 -31.04 16.48
N ARG B 249 -14.80 -30.66 15.58
CA ARG B 249 -16.17 -31.08 15.81
C ARG B 249 -16.48 -32.35 15.01
N PRO B 250 -17.21 -33.29 15.61
CA PRO B 250 -17.54 -34.54 14.90
C PRO B 250 -18.59 -34.30 13.82
N LEU B 251 -18.37 -34.93 12.67
CA LEU B 251 -19.32 -34.88 11.57
C LEU B 251 -20.25 -36.10 11.62
N LEU B 252 -21.03 -36.27 10.55
CA LEU B 252 -21.97 -37.39 10.49
C LEU B 252 -21.37 -38.59 9.76
N ASN B 253 -20.64 -38.36 8.67
CA ASN B 253 -20.05 -39.44 7.90
C ASN B 253 -18.71 -39.92 8.46
N ASP B 254 -18.29 -39.43 9.62
CA ASP B 254 -17.02 -39.84 10.19
C ASP B 254 -17.11 -41.20 10.87
N ASP B 255 -16.00 -41.93 10.83
CA ASP B 255 -15.79 -43.05 11.74
C ASP B 255 -15.86 -42.50 13.17
N PRO B 256 -16.61 -43.14 14.08
CA PRO B 256 -16.65 -42.67 15.48
C PRO B 256 -15.31 -42.69 16.19
N VAL B 257 -14.39 -43.58 15.78
CA VAL B 257 -13.03 -43.56 16.31
C VAL B 257 -12.32 -42.26 15.93
N GLU B 258 -12.57 -41.78 14.71
CA GLU B 258 -12.00 -40.50 14.28
C GLU B 258 -12.61 -39.34 15.07
N SER B 259 -13.89 -39.45 15.45
CA SER B 259 -14.52 -38.38 16.23
C SER B 259 -13.98 -38.35 17.66
N ILE B 260 -13.78 -39.53 18.27
CA ILE B 260 -13.17 -39.59 19.60
C ILE B 260 -11.73 -39.07 19.55
N ALA B 261 -11.01 -39.39 18.48
CA ALA B 261 -9.64 -38.92 18.31
C ALA B 261 -9.58 -37.41 18.14
N LYS B 262 -10.54 -36.82 17.41
CA LYS B 262 -10.54 -35.37 17.26
C LYS B 262 -10.98 -34.65 18.52
N VAL B 263 -11.87 -35.25 19.33
CA VAL B 263 -12.20 -34.67 20.63
C VAL B 263 -10.99 -34.69 21.56
N THR B 264 -10.27 -35.80 21.59
CA THR B 264 -9.09 -35.91 22.46
C THR B 264 -7.98 -35.00 21.97
N LEU B 265 -7.83 -34.86 20.65
CA LEU B 265 -6.85 -33.94 20.10
C LEU B 265 -7.22 -32.49 20.37
N GLY B 266 -8.52 -32.16 20.44
CA GLY B 266 -8.92 -30.83 20.86
C GLY B 266 -8.57 -30.55 22.31
N ARG B 267 -8.76 -31.56 23.18
CA ARG B 267 -8.35 -31.42 24.58
C ARG B 267 -6.86 -31.17 24.70
N ILE B 268 -6.06 -31.96 23.99
CA ILE B 268 -4.61 -31.80 23.97
C ILE B 268 -4.20 -30.44 23.40
N PHE B 269 -4.94 -29.96 22.39
CA PHE B 269 -4.64 -28.64 21.81
C PHE B 269 -4.93 -27.50 22.77
N TYR B 270 -6.04 -27.56 23.51
CA TYR B 270 -6.32 -26.44 24.41
C TYR B 270 -5.38 -26.45 25.61
N ARG B 271 -5.03 -27.64 26.12
CA ARG B 271 -4.06 -27.65 27.21
C ARG B 271 -2.66 -27.32 26.72
N LEU B 272 -2.36 -27.60 25.45
CA LEU B 272 -1.08 -27.25 24.88
C LEU B 272 -0.98 -25.75 24.64
N CYS B 273 -2.09 -25.10 24.31
CA CYS B 273 -2.12 -23.64 24.29
C CYS B 273 -1.90 -23.07 25.69
N GLY B 274 -2.46 -23.69 26.72
CA GLY B 274 -2.18 -23.26 28.08
C GLY B 274 -0.73 -23.36 28.50
N CYS B 275 -0.13 -24.53 28.26
CA CYS B 275 1.28 -24.72 28.60
C CYS B 275 2.20 -23.97 27.66
N ASP B 276 1.70 -23.54 26.50
CA ASP B 276 2.44 -22.64 25.64
C ASP B 276 2.43 -21.23 26.19
N TYR B 277 1.29 -20.79 26.71
CA TYR B 277 1.23 -19.46 27.32
C TYR B 277 2.06 -19.39 28.60
N LEU B 278 2.18 -20.51 29.31
CA LEU B 278 3.00 -20.51 30.51
C LEU B 278 4.51 -20.61 30.23
N GLN B 279 4.97 -20.45 28.97
CA GLN B 279 6.39 -20.43 28.66
C GLN B 279 6.76 -19.35 27.65
N SER B 280 6.01 -18.25 27.58
CA SER B 280 6.30 -17.23 26.58
C SER B 280 7.53 -16.42 26.99
N GLY B 281 7.93 -15.49 26.12
CA GLY B 281 9.04 -14.62 26.41
C GLY B 281 9.88 -14.29 25.20
N PRO B 282 11.12 -13.84 25.43
CA PRO B 282 11.98 -13.46 24.30
C PRO B 282 12.72 -14.64 23.70
N ARG B 283 12.93 -15.70 24.48
CA ARG B 283 13.67 -16.87 24.03
C ARG B 283 12.74 -17.96 23.50
N LYS B 284 11.56 -17.58 23.01
CA LYS B 284 10.60 -18.53 22.48
C LYS B 284 9.68 -17.79 21.51
N PRO B 285 10.02 -17.71 20.24
CA PRO B 285 9.24 -16.88 19.31
C PRO B 285 8.19 -17.63 18.52
N ILE B 286 8.21 -18.96 18.54
CA ILE B 286 7.29 -19.77 17.73
C ILE B 286 6.12 -20.15 18.62
N ALA B 287 5.02 -19.40 18.49
CA ALA B 287 3.87 -19.56 19.36
C ALA B 287 2.73 -20.25 18.61
N LEU B 288 1.85 -20.88 19.40
CA LEU B 288 0.73 -21.65 18.87
C LEU B 288 -0.60 -20.90 19.00
N HIS B 289 -0.59 -19.71 19.58
CA HIS B 289 -1.82 -19.03 19.97
C HIS B 289 -2.58 -18.47 18.79
N THR B 290 -3.40 -19.32 18.16
CA THR B 290 -4.32 -18.91 17.12
C THR B 290 -5.73 -18.70 17.64
N GLU B 291 -6.08 -19.35 18.74
CA GLU B 291 -7.42 -19.23 19.33
C GLU B 291 -7.57 -17.89 20.03
N VAL B 292 -8.78 -17.36 20.01
CA VAL B 292 -9.07 -16.06 20.61
C VAL B 292 -10.19 -16.21 21.64
N SER B 293 -10.58 -15.09 22.26
CA SER B 293 -11.64 -15.09 23.25
C SER B 293 -12.82 -14.22 22.82
N ASN B 315 -15.51 -33.19 29.96
CA ASN B 315 -15.18 -32.35 28.83
C ASN B 315 -15.42 -30.86 29.12
N SER B 316 -16.15 -30.58 30.19
CA SER B 316 -16.43 -29.20 30.56
C SER B 316 -15.24 -28.57 31.28
N THR B 317 -14.49 -29.39 32.03
CA THR B 317 -13.39 -28.91 32.86
C THR B 317 -12.25 -28.32 32.05
N GLU B 318 -11.86 -28.99 30.96
CA GLU B 318 -10.73 -28.50 30.15
C GLU B 318 -11.10 -27.23 29.41
N VAL B 319 -12.37 -27.12 29.00
CA VAL B 319 -12.84 -25.91 28.34
C VAL B 319 -12.88 -24.74 29.31
N LEU B 320 -13.35 -25.00 30.55
CA LEU B 320 -13.29 -24.02 31.62
C LEU B 320 -11.85 -23.58 31.91
N TYR B 321 -10.93 -24.55 31.91
CA TYR B 321 -9.53 -24.30 32.21
C TYR B 321 -8.89 -23.40 31.16
N TRP B 322 -9.12 -23.71 29.88
CA TRP B 322 -8.58 -22.87 28.81
C TRP B 322 -9.28 -21.50 28.78
N LYS B 323 -10.56 -21.42 29.12
CA LYS B 323 -11.22 -20.12 29.13
C LYS B 323 -10.66 -19.21 30.22
N ILE B 324 -10.35 -19.79 31.40
CA ILE B 324 -9.71 -19.00 32.45
C ILE B 324 -8.29 -18.58 32.06
N ILE B 325 -7.54 -19.49 31.43
CA ILE B 325 -6.17 -19.15 31.01
C ILE B 325 -6.17 -18.12 29.88
N SER B 326 -7.18 -18.17 29.01
CA SER B 326 -7.28 -17.20 27.93
C SER B 326 -7.68 -15.83 28.46
N LEU B 327 -8.50 -15.80 29.50
CA LEU B 327 -8.79 -14.53 30.17
C LEU B 327 -7.54 -13.98 30.84
N ASP B 328 -6.72 -14.86 31.42
CA ASP B 328 -5.44 -14.46 32.00
C ASP B 328 -4.50 -13.92 30.92
N ARG B 329 -4.54 -14.53 29.73
CA ARG B 329 -3.73 -14.08 28.60
C ARG B 329 -4.15 -12.68 28.14
N ASP B 330 -5.46 -12.46 28.01
CA ASP B 330 -5.97 -11.15 27.64
C ASP B 330 -5.71 -10.10 28.71
N LEU B 331 -5.56 -10.51 29.97
CA LEU B 331 -5.10 -9.58 31.01
C LEU B 331 -3.62 -9.25 30.83
N ASP B 332 -2.75 -10.26 30.94
CA ASP B 332 -1.31 -10.04 30.99
C ASP B 332 -0.67 -9.86 29.62
N GLN B 333 -1.45 -9.60 28.57
CA GLN B 333 -0.84 -9.14 27.33
C GLN B 333 -0.34 -7.70 27.40
N TYR B 334 -0.61 -6.97 28.48
CA TYR B 334 -0.23 -5.56 28.60
C TYR B 334 0.98 -5.35 29.51
N LEU B 335 1.77 -6.40 29.76
CA LEU B 335 2.97 -6.22 30.59
C LEU B 335 4.06 -5.52 29.81
N ASN B 336 4.51 -6.12 28.71
CA ASN B 336 5.63 -5.56 27.95
C ASN B 336 5.21 -4.37 27.08
N LYS B 337 3.92 -4.21 26.81
CA LYS B 337 3.47 -3.18 25.89
C LYS B 337 3.58 -1.79 26.54
N SER B 338 3.60 -0.78 25.69
CA SER B 338 3.53 0.61 26.14
C SER B 338 2.11 1.15 26.11
N SER B 339 1.14 0.36 25.65
CA SER B 339 -0.24 0.78 25.56
C SER B 339 -1.01 0.39 26.82
N LYS B 340 -2.26 0.84 26.89
CA LYS B 340 -3.11 0.63 28.05
C LYS B 340 -4.46 0.07 27.62
N PRO B 341 -5.05 -0.81 28.42
CA PRO B 341 -6.34 -1.38 28.03
C PRO B 341 -7.47 -0.39 28.25
N PRO B 342 -8.50 -0.42 27.41
CA PRO B 342 -9.66 0.45 27.63
C PRO B 342 -10.50 -0.02 28.81
N LEU B 343 -11.39 0.88 29.25
CA LEU B 343 -12.29 0.57 30.36
C LEU B 343 -13.33 -0.47 29.97
N LYS B 344 -13.78 -0.45 28.71
CA LYS B 344 -14.76 -1.43 28.26
C LYS B 344 -14.16 -2.83 28.24
N THR B 345 -12.87 -2.93 27.92
CA THR B 345 -12.17 -4.21 27.94
C THR B 345 -12.11 -4.78 29.35
N LEU B 346 -11.72 -3.95 30.32
CA LEU B 346 -11.62 -4.41 31.70
C LEU B 346 -12.99 -4.71 32.31
N ASP B 347 -14.02 -3.98 31.87
CA ASP B 347 -15.36 -4.26 32.36
C ASP B 347 -15.91 -5.55 31.76
N ALA B 348 -15.61 -5.84 30.49
CA ALA B 348 -16.02 -7.11 29.91
C ALA B 348 -15.28 -8.27 30.57
N ILE B 349 -14.01 -8.07 30.91
CA ILE B 349 -13.24 -9.06 31.65
C ILE B 349 -13.85 -9.26 33.04
N ARG B 350 -14.33 -8.20 33.68
CA ARG B 350 -14.98 -8.35 34.99
C ARG B 350 -16.30 -9.10 34.89
N ARG B 351 -17.08 -8.83 33.84
CA ARG B 351 -18.35 -9.53 33.67
C ARG B 351 -18.14 -11.01 33.39
N GLU B 352 -17.20 -11.34 32.50
CA GLU B 352 -16.88 -12.74 32.26
C GLU B 352 -16.25 -13.39 33.48
N LEU B 353 -15.53 -12.60 34.28
CA LEU B 353 -14.94 -13.09 35.52
C LEU B 353 -16.03 -13.47 36.51
N ASP B 354 -17.08 -12.67 36.60
CA ASP B 354 -18.21 -13.01 37.46
C ASP B 354 -18.97 -14.21 36.93
N ILE B 355 -19.06 -14.36 35.60
CA ILE B 355 -19.70 -15.54 35.01
C ILE B 355 -18.93 -16.82 35.37
N PHE B 356 -17.60 -16.80 35.22
CA PHE B 356 -16.83 -17.98 35.57
C PHE B 356 -16.73 -18.17 37.07
N GLN B 357 -16.87 -17.10 37.85
CA GLN B 357 -16.97 -17.22 39.31
C GLN B 357 -18.25 -17.95 39.70
N TYR B 358 -19.36 -17.65 39.03
CA TYR B 358 -20.59 -18.39 39.26
C TYR B 358 -20.48 -19.84 38.76
N LYS B 359 -19.72 -20.06 37.69
CA LYS B 359 -19.53 -21.43 37.20
C LYS B 359 -18.71 -22.27 38.17
N VAL B 360 -17.69 -21.67 38.79
CA VAL B 360 -16.94 -22.35 39.84
C VAL B 360 -17.82 -22.54 41.07
N ASP B 361 -18.70 -21.56 41.36
CA ASP B 361 -19.71 -21.76 42.39
C ASP B 361 -20.73 -22.82 41.97
N SER B 362 -20.94 -22.99 40.66
CA SER B 362 -21.79 -24.07 40.18
C SER B 362 -21.08 -25.41 40.18
N LEU B 363 -19.76 -25.44 40.36
CA LEU B 363 -19.04 -26.70 40.44
C LEU B 363 -19.29 -27.38 41.78
N GLU B 364 -19.02 -28.67 41.82
CA GLU B 364 -19.20 -29.48 43.02
C GLU B 364 -17.85 -29.78 43.67
N GLU B 365 -17.90 -30.51 44.77
CA GLU B 365 -16.70 -31.04 45.40
C GLU B 365 -17.08 -32.30 46.16
N ASP B 366 -16.16 -33.25 46.18
CA ASP B 366 -16.34 -34.52 46.87
C ASP B 366 -15.24 -34.69 47.89
N PHE B 367 -15.58 -35.23 49.06
CA PHE B 367 -14.59 -35.43 50.12
C PHE B 367 -13.97 -36.80 50.11
N ARG B 368 -14.71 -37.84 49.70
CA ARG B 368 -14.13 -39.15 49.52
C ARG B 368 -13.31 -39.26 48.24
N SER B 369 -13.58 -38.41 47.26
CA SER B 369 -12.80 -38.32 46.03
C SER B 369 -11.93 -37.08 46.11
N ASN B 370 -10.64 -37.27 46.39
CA ASN B 370 -9.72 -36.14 46.54
C ASN B 370 -9.40 -35.48 45.21
N ASN B 371 -9.65 -36.18 44.09
CA ASN B 371 -9.49 -35.60 42.76
C ASN B 371 -10.41 -34.40 42.57
N SER B 372 -11.61 -34.46 43.12
CA SER B 372 -12.56 -33.37 42.97
C SER B 372 -12.16 -32.15 43.79
N ARG B 373 -11.62 -32.36 45.00
CA ARG B 373 -11.08 -31.24 45.76
C ARG B 373 -9.85 -30.64 45.10
N PHE B 374 -9.03 -31.49 44.47
CA PHE B 374 -7.84 -31.02 43.76
C PHE B 374 -8.22 -30.15 42.56
N GLN B 375 -9.20 -30.62 41.78
CA GLN B 375 -9.78 -29.84 40.70
C GLN B 375 -10.41 -28.54 41.19
N LYS B 376 -11.12 -28.61 42.33
CA LYS B 376 -11.80 -27.44 42.87
C LYS B 376 -10.81 -26.38 43.34
N PHE B 377 -9.73 -26.81 44.00
CA PHE B 377 -8.69 -25.88 44.43
C PHE B 377 -7.98 -25.26 43.24
N ILE B 378 -7.69 -26.05 42.20
CA ILE B 378 -7.00 -25.52 41.02
C ILE B 378 -7.87 -24.49 40.30
N ALA B 379 -9.16 -24.81 40.11
CA ALA B 379 -10.06 -23.89 39.41
C ALA B 379 -10.30 -22.61 40.22
N LEU B 380 -10.49 -22.75 41.52
CA LEU B 380 -10.76 -21.59 42.36
C LEU B 380 -9.52 -20.72 42.53
N PHE B 381 -8.33 -21.34 42.57
CA PHE B 381 -7.11 -20.56 42.68
C PHE B 381 -6.81 -19.84 41.37
N GLN B 382 -7.10 -20.48 40.23
CA GLN B 382 -6.91 -19.83 38.94
C GLN B 382 -7.85 -18.64 38.78
N ILE B 383 -9.12 -18.80 39.16
CA ILE B 383 -10.05 -17.70 39.01
C ILE B 383 -9.74 -16.58 40.02
N SER B 384 -9.19 -16.93 41.18
CA SER B 384 -8.79 -15.89 42.13
C SER B 384 -7.54 -15.16 41.65
N THR B 385 -6.62 -15.87 40.99
CA THR B 385 -5.42 -15.23 40.44
C THR B 385 -5.79 -14.27 39.31
N VAL B 386 -6.72 -14.68 38.45
CA VAL B 386 -7.20 -13.82 37.37
C VAL B 386 -7.94 -12.61 37.94
N SER B 387 -8.71 -12.80 39.01
CA SER B 387 -9.39 -11.69 39.69
C SER B 387 -8.39 -10.71 40.29
N TRP B 388 -7.34 -11.24 40.92
CA TRP B 388 -6.34 -10.37 41.54
C TRP B 388 -5.56 -9.58 40.50
N LYS B 389 -5.26 -10.20 39.35
CA LYS B 389 -4.55 -9.49 38.30
C LYS B 389 -5.44 -8.44 37.65
N LEU B 390 -6.75 -8.71 37.56
CA LEU B 390 -7.68 -7.71 37.04
C LEU B 390 -7.76 -6.50 37.95
N PHE B 391 -7.90 -6.71 39.26
CA PHE B 391 -7.99 -5.55 40.13
C PHE B 391 -6.64 -4.89 40.36
N LYS B 392 -5.54 -5.62 40.14
CA LYS B 392 -4.23 -4.97 40.11
C LYS B 392 -4.12 -4.04 38.91
N MET B 393 -4.65 -4.45 37.76
CA MET B 393 -4.68 -3.54 36.62
C MET B 393 -5.63 -2.36 36.84
N TYR B 394 -6.73 -2.58 37.56
CA TYR B 394 -7.59 -1.48 38.00
C TYR B 394 -6.82 -0.48 38.86
N LEU B 395 -6.02 -0.98 39.81
CA LEU B 395 -5.26 -0.10 40.68
C LEU B 395 -4.17 0.65 39.92
N ILE B 396 -3.52 -0.01 38.96
CA ILE B 396 -2.39 0.60 38.28
C ILE B 396 -2.85 1.61 37.25
N TYR B 397 -3.75 1.21 36.34
CA TYR B 397 -3.95 2.02 35.14
C TYR B 397 -4.85 3.23 35.38
N TYR B 398 -6.03 3.02 35.95
CA TYR B 398 -7.04 4.08 35.94
C TYR B 398 -7.23 4.78 37.27
N ASP B 399 -6.70 4.23 38.37
CA ASP B 399 -6.81 4.77 39.73
C ASP B 399 -8.28 4.95 40.13
N THR B 400 -9.09 3.95 39.81
CA THR B 400 -10.50 3.96 40.15
C THR B 400 -10.65 3.65 41.65
N ALA B 401 -11.64 4.26 42.28
CA ALA B 401 -11.93 4.00 43.68
C ALA B 401 -12.42 2.57 43.88
N ASP B 402 -12.26 2.08 45.11
CA ASP B 402 -12.46 0.68 45.50
C ASP B 402 -11.65 -0.27 44.62
N SER B 403 -10.34 -0.04 44.60
CA SER B 403 -9.40 -0.89 43.90
C SER B 403 -8.40 -1.55 44.85
N LEU B 404 -7.75 -0.74 45.70
CA LEU B 404 -6.76 -1.27 46.63
C LEU B 404 -7.38 -2.19 47.67
N LEU B 405 -8.61 -1.89 48.09
CA LEU B 405 -9.33 -2.78 48.99
C LEU B 405 -9.67 -4.10 48.31
N LYS B 406 -9.97 -4.07 47.00
CA LYS B 406 -10.16 -5.30 46.25
C LYS B 406 -8.87 -6.09 46.10
N VAL B 407 -7.73 -5.39 45.96
CA VAL B 407 -6.43 -6.06 45.90
C VAL B 407 -6.13 -6.78 47.20
N ILE B 408 -6.36 -6.09 48.34
CA ILE B 408 -6.14 -6.69 49.65
C ILE B 408 -7.13 -7.83 49.90
N HIS B 409 -8.36 -7.67 49.42
CA HIS B 409 -9.40 -8.70 49.56
C HIS B 409 -9.01 -9.98 48.84
N TYR B 410 -8.70 -9.88 47.54
CA TYR B 410 -8.36 -11.09 46.80
C TYR B 410 -6.99 -11.63 47.18
N SER B 411 -6.10 -10.78 47.70
CA SER B 411 -4.83 -11.27 48.24
C SER B 411 -5.08 -12.13 49.49
N LYS B 412 -5.99 -11.69 50.36
CA LYS B 412 -6.36 -12.50 51.51
C LYS B 412 -7.15 -13.74 51.11
N VAL B 413 -7.88 -13.70 50.00
CA VAL B 413 -8.52 -14.91 49.50
C VAL B 413 -7.48 -15.93 49.04
N ILE B 414 -6.43 -15.46 48.36
CA ILE B 414 -5.30 -16.32 47.97
C ILE B 414 -4.61 -16.91 49.19
N ILE B 415 -4.38 -16.07 50.21
CA ILE B 415 -3.76 -16.52 51.45
C ILE B 415 -4.63 -17.56 52.15
N SER B 416 -5.96 -17.36 52.15
CA SER B 416 -6.86 -18.31 52.78
C SER B 416 -6.89 -19.63 52.02
N LEU B 417 -6.86 -19.59 50.68
CA LEU B 417 -6.81 -20.81 49.89
C LEU B 417 -5.51 -21.58 50.09
N ILE B 418 -4.43 -20.88 50.42
CA ILE B 418 -3.17 -21.59 50.71
C ILE B 418 -3.14 -22.11 52.14
N VAL B 419 -3.57 -21.30 53.11
CA VAL B 419 -3.55 -21.67 54.53
C VAL B 419 -4.53 -22.80 54.82
N ASN B 420 -5.62 -22.90 54.04
CA ASN B 420 -6.54 -24.02 54.15
C ASN B 420 -5.88 -25.35 53.80
N ASN B 421 -4.84 -25.31 52.97
CA ASN B 421 -4.09 -26.50 52.61
C ASN B 421 -2.86 -26.73 53.48
N PHE B 422 -2.58 -25.85 54.44
CA PHE B 422 -1.48 -26.08 55.37
C PHE B 422 -1.73 -27.21 56.36
N HIS B 423 -2.95 -27.74 56.42
CA HIS B 423 -3.28 -28.84 57.31
C HIS B 423 -2.82 -30.17 56.74
N ALA B 424 -3.26 -31.27 57.36
CA ALA B 424 -2.94 -32.58 56.81
C ALA B 424 -3.81 -32.87 55.59
N LYS B 425 -3.40 -33.90 54.83
CA LYS B 425 -4.15 -34.59 53.78
C LYS B 425 -4.28 -33.75 52.50
N SER B 426 -3.86 -32.48 52.54
CA SER B 426 -3.94 -31.64 51.36
C SER B 426 -2.75 -30.69 51.28
N GLU B 427 -1.59 -31.10 51.79
CA GLU B 427 -0.44 -30.20 51.81
C GLU B 427 0.18 -30.06 50.43
N PHE B 428 0.03 -31.08 49.58
CA PHE B 428 0.69 -31.07 48.28
C PHE B 428 0.01 -30.15 47.27
N PHE B 429 -1.16 -29.61 47.60
CA PHE B 429 -1.87 -28.69 46.71
C PHE B 429 -1.06 -27.43 46.45
N ASN B 430 -0.19 -27.06 47.40
CA ASN B 430 0.70 -25.92 47.26
C ASN B 430 1.93 -26.22 46.42
N ARG B 431 2.04 -27.38 45.78
CA ARG B 431 3.21 -27.64 44.95
C ARG B 431 3.00 -27.34 43.48
N HIS B 432 1.80 -26.92 43.08
CA HIS B 432 1.54 -26.60 41.69
C HIS B 432 2.27 -25.31 41.32
N PRO B 433 2.76 -25.18 40.08
CA PRO B 433 3.54 -23.98 39.73
C PRO B 433 2.75 -22.69 39.71
N MET B 434 1.42 -22.78 39.63
CA MET B 434 0.60 -21.58 39.62
C MET B 434 0.65 -20.84 40.94
N VAL B 435 0.85 -21.53 42.07
CA VAL B 435 0.92 -20.80 43.33
C VAL B 435 2.29 -20.13 43.45
N MET B 436 3.33 -20.70 42.82
CA MET B 436 4.63 -20.06 42.83
C MET B 436 4.62 -18.79 41.99
N GLN B 437 4.03 -18.88 40.79
CA GLN B 437 3.86 -17.70 39.93
C GLN B 437 3.01 -16.63 40.63
N THR B 438 1.88 -17.05 41.20
CA THR B 438 0.92 -16.11 41.78
C THR B 438 1.49 -15.43 43.02
N ILE B 439 2.11 -16.21 43.92
CA ILE B 439 2.68 -15.66 45.13
C ILE B 439 3.90 -14.80 44.82
N THR B 440 4.63 -15.12 43.74
CA THR B 440 5.72 -14.27 43.29
C THR B 440 5.21 -12.90 42.87
N ARG B 441 4.17 -12.86 42.02
CA ARG B 441 3.59 -11.60 41.58
C ARG B 441 2.99 -10.83 42.76
N VAL B 442 2.35 -11.55 43.69
CA VAL B 442 1.65 -10.89 44.80
C VAL B 442 2.65 -10.27 45.77
N VAL B 443 3.64 -11.03 46.23
CA VAL B 443 4.59 -10.48 47.18
C VAL B 443 5.47 -9.42 46.52
N SER B 444 5.71 -9.51 45.21
CA SER B 444 6.47 -8.46 44.53
C SER B 444 5.68 -7.16 44.46
N PHE B 445 4.39 -7.24 44.11
CA PHE B 445 3.61 -6.02 44.00
C PHE B 445 3.29 -5.42 45.36
N ILE B 446 3.07 -6.26 46.38
CA ILE B 446 2.81 -5.75 47.72
C ILE B 446 4.04 -5.11 48.32
N SER B 447 5.23 -5.70 48.07
CA SER B 447 6.46 -5.08 48.56
C SER B 447 6.75 -3.78 47.83
N PHE B 448 6.54 -3.75 46.51
CA PHE B 448 6.76 -2.54 45.73
C PHE B 448 5.77 -1.45 46.12
N TYR B 449 4.56 -1.83 46.53
CA TYR B 449 3.59 -0.85 46.97
C TYR B 449 3.91 -0.35 48.38
N GLN B 450 4.46 -1.24 49.22
CA GLN B 450 4.83 -0.87 50.58
C GLN B 450 6.03 0.06 50.60
N ILE B 451 6.91 -0.02 49.59
CA ILE B 451 8.03 0.90 49.49
C ILE B 451 7.55 2.34 49.36
N PHE B 452 6.52 2.58 48.54
CA PHE B 452 6.16 3.94 48.18
C PHE B 452 4.85 4.43 48.78
N VAL B 453 3.99 3.54 49.28
CA VAL B 453 2.73 3.93 49.93
C VAL B 453 2.63 3.16 51.24
N GLU B 454 2.43 3.89 52.34
CA GLU B 454 2.33 3.28 53.67
C GLU B 454 0.87 3.14 54.07
N SER B 455 0.53 1.98 54.63
CA SER B 455 -0.78 1.71 55.20
C SER B 455 -0.65 0.52 56.14
N ALA B 456 -1.48 0.51 57.19
CA ALA B 456 -1.35 -0.51 58.22
C ALA B 456 -1.88 -1.85 57.74
N ALA B 457 -2.99 -1.85 57.00
CA ALA B 457 -3.54 -3.09 56.45
C ALA B 457 -2.61 -3.69 55.41
N VAL B 458 -1.99 -2.83 54.59
CA VAL B 458 -0.99 -3.27 53.62
C VAL B 458 0.23 -3.85 54.34
N LYS B 459 0.59 -3.27 55.50
CA LYS B 459 1.73 -3.77 56.27
C LYS B 459 1.44 -5.13 56.87
N GLN B 460 0.23 -5.32 57.42
CA GLN B 460 -0.15 -6.63 57.96
C GLN B 460 -0.27 -7.66 56.85
N LEU B 461 -0.74 -7.23 55.67
CA LEU B 461 -0.76 -8.10 54.49
C LEU B 461 0.65 -8.51 54.09
N LEU B 462 1.60 -7.56 54.14
CA LEU B 462 2.98 -7.87 53.78
C LEU B 462 3.62 -8.83 54.79
N VAL B 463 3.29 -8.67 56.08
CA VAL B 463 3.78 -9.60 57.09
C VAL B 463 3.19 -11.00 56.88
N ASP B 464 1.92 -11.08 56.46
CA ASP B 464 1.32 -12.38 56.15
C ASP B 464 1.96 -13.02 54.93
N LEU B 465 2.20 -12.23 53.87
CA LEU B 465 2.89 -12.75 52.69
C LEU B 465 4.30 -13.20 53.00
N THR B 466 5.01 -12.44 53.83
CA THR B 466 6.39 -12.77 54.17
C THR B 466 6.46 -14.02 55.04
N GLU B 467 5.47 -14.21 55.91
CA GLU B 467 5.44 -15.43 56.73
C GLU B 467 5.06 -16.64 55.88
N LEU B 468 4.13 -16.47 54.93
CA LEU B 468 3.73 -17.59 54.08
C LEU B 468 4.80 -17.93 53.05
N THR B 469 5.65 -16.96 52.70
CA THR B 469 6.68 -17.18 51.69
C THR B 469 7.73 -18.18 52.18
N ALA B 470 8.13 -18.06 53.44
CA ALA B 470 9.07 -19.02 54.01
C ALA B 470 8.42 -20.37 54.30
N ASN B 471 7.10 -20.43 54.34
CA ASN B 471 6.38 -21.67 54.61
C ASN B 471 5.97 -22.42 53.36
N LEU B 472 6.35 -21.93 52.18
CA LEU B 472 6.15 -22.69 50.96
C LEU B 472 7.07 -23.91 50.97
N PRO B 473 6.69 -25.01 50.30
CA PRO B 473 7.48 -26.25 50.38
C PRO B 473 8.84 -26.12 49.70
N THR B 474 9.72 -27.06 50.04
CA THR B 474 11.09 -27.05 49.55
C THR B 474 11.26 -27.81 48.25
N ILE B 475 10.18 -27.98 47.49
CA ILE B 475 10.27 -28.58 46.17
C ILE B 475 10.45 -27.51 45.09
N PHE B 476 10.28 -26.24 45.44
CA PHE B 476 10.61 -25.14 44.55
C PHE B 476 12.07 -24.70 44.70
N GLY B 477 12.63 -24.83 45.91
CA GLY B 477 14.05 -24.71 46.15
C GLY B 477 14.71 -23.37 45.86
N SER B 478 15.53 -23.35 44.80
CA SER B 478 16.34 -22.18 44.49
C SER B 478 15.47 -21.01 44.04
N LYS B 479 14.35 -21.28 43.37
CA LYS B 479 13.42 -20.21 43.03
C LYS B 479 12.79 -19.60 44.27
N LEU B 480 12.51 -20.42 45.28
CA LEU B 480 11.99 -19.91 46.55
C LEU B 480 13.03 -19.07 47.28
N ASP B 481 14.30 -19.53 47.27
CA ASP B 481 15.37 -18.78 47.92
C ASP B 481 15.62 -17.44 47.22
N LYS B 482 15.55 -17.42 45.90
CA LYS B 482 15.74 -16.17 45.17
C LYS B 482 14.52 -15.25 45.29
N LEU B 483 13.33 -15.83 45.50
CA LEU B 483 12.16 -15.01 45.82
C LEU B 483 12.32 -14.33 47.17
N VAL B 484 12.82 -15.07 48.16
CA VAL B 484 13.09 -14.49 49.48
C VAL B 484 14.18 -13.41 49.38
N TYR B 485 15.18 -13.66 48.54
CA TYR B 485 16.23 -12.66 48.32
C TYR B 485 15.69 -11.41 47.65
N LEU B 486 14.78 -11.56 46.69
CA LEU B 486 14.19 -10.40 46.03
C LEU B 486 13.29 -9.61 46.96
N THR B 487 12.56 -10.31 47.84
CA THR B 487 11.73 -9.62 48.83
C THR B 487 12.61 -8.87 49.83
N GLU B 488 13.72 -9.48 50.25
CA GLU B 488 14.64 -8.82 51.16
C GLU B 488 15.32 -7.62 50.50
N ARG B 489 15.62 -7.73 49.20
CA ARG B 489 16.22 -6.61 48.46
C ARG B 489 15.23 -5.46 48.33
N LEU B 490 13.94 -5.76 48.12
CA LEU B 490 12.95 -4.69 48.07
C LEU B 490 12.70 -4.08 49.45
N SER B 491 12.85 -4.87 50.52
CA SER B 491 12.72 -4.28 51.86
C SER B 491 13.89 -3.36 52.18
N LYS B 492 15.11 -3.76 51.81
CA LYS B 492 16.25 -2.87 51.99
C LYS B 492 16.16 -1.66 51.07
N LEU B 493 15.53 -1.82 49.91
CA LEU B 493 15.24 -0.68 49.06
C LEU B 493 14.22 0.25 49.71
N LYS B 494 13.28 -0.30 50.48
CA LYS B 494 12.37 0.55 51.25
C LYS B 494 13.11 1.33 52.33
N LEU B 495 14.06 0.68 53.02
CA LEU B 495 14.89 1.39 54.00
C LEU B 495 15.73 2.49 53.35
N LEU B 496 16.23 2.23 52.14
CA LEU B 496 16.97 3.25 51.41
C LEU B 496 16.05 4.39 50.96
N TRP B 497 14.79 4.08 50.62
CA TRP B 497 13.81 5.12 50.33
C TRP B 497 13.48 5.94 51.56
N ASP B 498 13.53 5.31 52.74
CA ASP B 498 13.24 6.02 53.98
C ASP B 498 14.37 6.97 54.37
N LYS B 499 15.62 6.50 54.28
CA LYS B 499 16.72 7.29 54.82
C LYS B 499 17.26 8.33 53.85
N VAL B 500 16.78 8.38 52.60
CA VAL B 500 17.30 9.29 51.59
C VAL B 500 16.18 10.22 51.13
N GLN B 501 16.48 11.51 51.09
CA GLN B 501 15.51 12.50 50.62
C GLN B 501 15.27 12.37 49.13
N LEU B 502 14.00 12.53 48.73
CA LEU B 502 13.64 12.65 47.33
C LEU B 502 13.94 14.07 46.85
N LEU B 503 14.58 14.19 45.70
CA LEU B 503 14.94 15.48 45.13
C LEU B 503 14.25 15.68 43.78
N ASP B 504 14.40 16.90 43.25
CA ASP B 504 13.80 17.31 41.99
C ASP B 504 14.55 18.51 41.45
N SER B 505 14.90 18.46 40.17
CA SER B 505 15.61 19.55 39.51
C SER B 505 14.66 20.53 38.82
N GLY B 506 13.35 20.35 38.97
CA GLY B 506 12.36 21.21 38.37
C GLY B 506 11.57 20.57 37.25
N ASP B 507 12.10 19.53 36.62
CA ASP B 507 11.41 18.84 35.53
C ASP B 507 11.04 17.41 35.88
N SER B 508 12.00 16.60 36.31
CA SER B 508 11.74 15.22 36.68
C SER B 508 12.45 14.91 38.00
N PHE B 509 12.04 13.82 38.63
CA PHE B 509 12.52 13.50 39.96
C PHE B 509 13.85 12.76 39.90
N TYR B 510 14.51 12.68 41.05
CA TYR B 510 15.78 12.00 41.17
C TYR B 510 15.87 11.37 42.55
N HIS B 511 16.10 10.04 42.58
CA HIS B 511 16.30 9.32 43.82
C HIS B 511 17.08 8.06 43.47
N PRO B 512 17.92 7.56 44.39
CA PRO B 512 18.66 6.32 44.09
C PRO B 512 17.78 5.12 43.82
N VAL B 513 16.60 5.04 44.43
CA VAL B 513 15.68 3.93 44.24
C VAL B 513 15.24 3.83 42.79
N PHE B 514 15.00 4.97 42.15
CA PHE B 514 14.55 4.99 40.75
C PHE B 514 15.66 4.51 39.82
N LYS B 515 16.89 4.95 40.06
CA LYS B 515 18.01 4.54 39.21
C LYS B 515 18.37 3.07 39.41
N ILE B 516 18.23 2.56 40.62
CA ILE B 516 18.47 1.14 40.87
C ILE B 516 17.41 0.28 40.20
N LEU B 517 16.13 0.69 40.30
CA LEU B 517 15.05 -0.07 39.68
C LEU B 517 15.12 0.01 38.16
N GLN B 518 15.68 1.10 37.62
CA GLN B 518 15.84 1.18 36.17
C GLN B 518 17.05 0.37 35.71
N ASN B 519 18.13 0.37 36.47
CA ASN B 519 19.31 -0.39 36.09
C ASN B 519 19.10 -1.89 36.25
N ASP B 520 18.17 -2.33 37.11
CA ASP B 520 17.85 -3.75 37.16
C ASP B 520 17.25 -4.23 35.84
N ILE B 521 16.30 -3.47 35.29
CA ILE B 521 15.70 -3.80 34.00
C ILE B 521 16.74 -3.69 32.89
N LYS B 522 17.62 -2.68 32.96
CA LYS B 522 18.63 -2.53 31.91
C LYS B 522 19.66 -3.66 31.94
N ILE B 523 20.07 -4.11 33.13
CA ILE B 523 21.01 -5.23 33.23
C ILE B 523 20.36 -6.52 32.75
N ILE B 524 19.10 -6.77 33.12
CA ILE B 524 18.50 -8.03 32.71
C ILE B 524 18.11 -8.02 31.23
N GLU B 525 17.79 -6.85 30.67
CA GLU B 525 17.64 -6.78 29.21
C GLU B 525 18.98 -6.92 28.49
N LEU B 526 20.09 -6.53 29.12
CA LEU B 526 21.40 -6.82 28.55
C LEU B 526 21.73 -8.30 28.62
N LYS B 527 21.31 -8.98 29.69
CA LYS B 527 21.59 -10.40 29.85
C LYS B 527 20.74 -11.28 28.96
N ASN B 528 19.62 -10.76 28.44
CA ASN B 528 18.74 -11.51 27.56
C ASN B 528 18.99 -11.20 26.09
N ASP B 529 20.24 -10.92 25.73
CA ASP B 529 20.62 -10.67 24.34
C ASP B 529 21.54 -11.79 23.89
N GLU B 530 21.33 -12.26 22.65
CA GLU B 530 22.15 -13.30 22.06
C GLU B 530 23.14 -12.75 21.05
N MET B 531 23.36 -11.43 21.04
CA MET B 531 24.30 -10.84 20.09
C MET B 531 25.73 -11.22 20.43
N PHE B 532 26.06 -11.31 21.72
CA PHE B 532 27.40 -11.73 22.12
C PHE B 532 27.66 -13.19 21.77
N SER B 533 26.64 -14.04 21.90
CA SER B 533 26.78 -15.42 21.48
C SER B 533 26.89 -15.54 19.97
N LEU B 534 26.24 -14.65 19.22
CA LEU B 534 26.37 -14.66 17.77
C LEU B 534 27.77 -14.22 17.35
N ILE B 535 28.34 -13.23 18.05
CA ILE B 535 29.69 -12.77 17.77
C ILE B 535 30.69 -13.87 18.10
N LYS B 536 30.49 -14.56 19.22
CA LYS B 536 31.38 -15.68 19.56
C LYS B 536 31.14 -16.90 18.66
N GLY B 537 30.00 -16.97 17.99
CA GLY B 537 29.75 -18.05 17.05
C GLY B 537 30.36 -17.83 15.69
N LEU B 538 30.33 -16.59 15.18
CA LEU B 538 30.88 -16.35 13.85
C LEU B 538 32.38 -16.47 13.83
N GLY B 539 33.07 -15.79 14.75
CA GLY B 539 34.51 -15.92 14.83
C GLY B 539 35.01 -16.04 16.25
N SER B 540 36.30 -15.80 16.44
CA SER B 540 36.89 -15.73 17.78
C SER B 540 37.36 -14.30 18.03
N LEU B 541 36.55 -13.34 17.60
CA LEU B 541 36.91 -11.93 17.62
C LEU B 541 36.95 -11.37 19.05
N SER B 564 29.54 12.00 42.25
CA SER B 564 28.63 12.58 43.24
C SER B 564 28.31 11.57 44.34
N ASP B 565 27.67 12.06 45.41
CA ASP B 565 27.26 11.18 46.50
C ASP B 565 26.08 10.31 46.06
N PHE B 566 25.24 10.83 45.17
CA PHE B 566 24.13 10.08 44.58
C PHE B 566 24.63 8.83 43.87
N ARG B 567 25.61 9.01 42.98
CA ARG B 567 26.21 7.89 42.28
C ARG B 567 26.93 6.95 43.24
N THR B 568 27.48 7.48 44.33
CA THR B 568 28.14 6.63 45.32
C THR B 568 27.15 5.74 46.05
N ILE B 569 25.98 6.29 46.42
CA ILE B 569 24.93 5.50 47.07
C ILE B 569 24.40 4.42 46.11
N VAL B 570 24.18 4.79 44.85
CA VAL B 570 23.69 3.83 43.86
C VAL B 570 24.69 2.71 43.62
N GLU B 571 25.98 3.05 43.50
CA GLU B 571 27.01 2.05 43.28
C GLU B 571 27.25 1.18 44.50
N GLU B 572 27.10 1.72 45.72
CA GLU B 572 27.22 0.88 46.91
C GLU B 572 26.05 -0.08 47.04
N PHE B 573 24.84 0.36 46.68
CA PHE B 573 23.69 -0.55 46.73
C PHE B 573 23.82 -1.63 45.68
N GLN B 574 24.29 -1.28 44.48
CA GLN B 574 24.47 -2.26 43.43
C GLN B 574 25.64 -3.20 43.72
N SER B 575 26.65 -2.73 44.47
CA SER B 575 27.75 -3.59 44.84
C SER B 575 27.40 -4.53 46.00
N GLU B 576 26.52 -4.10 46.90
CA GLU B 576 26.10 -4.96 48.01
C GLU B 576 24.89 -5.82 47.64
N TYR B 577 23.82 -5.19 47.14
CA TYR B 577 22.61 -5.91 46.74
C TYR B 577 22.62 -6.06 45.22
N ASN B 578 23.19 -7.16 44.76
CA ASN B 578 23.38 -7.38 43.33
C ASN B 578 22.10 -7.95 42.71
N ILE B 579 21.91 -7.66 41.43
CA ILE B 579 20.71 -8.12 40.74
C ILE B 579 20.95 -9.47 40.07
N SER B 580 22.21 -9.84 39.85
CA SER B 580 22.53 -11.08 39.14
C SER B 580 22.42 -12.30 40.03
N ASP B 581 22.04 -12.11 41.30
CA ASP B 581 21.89 -13.23 42.20
C ASP B 581 20.56 -13.97 42.01
N ILE B 582 19.58 -13.34 41.36
CA ILE B 582 18.29 -13.99 41.11
C ILE B 582 18.30 -14.80 39.82
N LEU B 583 19.39 -14.76 39.05
CA LEU B 583 19.45 -15.44 37.77
C LEU B 583 19.79 -16.92 37.98
N SER B 584 20.06 -17.63 36.91
CA SER B 584 20.35 -19.06 36.99
C SER B 584 21.60 -19.43 36.20
N SER C 5 33.71 -13.88 -36.28
CA SER C 5 32.88 -14.89 -35.63
C SER C 5 31.41 -14.68 -35.99
N ASN C 6 30.90 -15.54 -36.86
CA ASN C 6 29.53 -15.42 -37.35
C ASN C 6 28.63 -16.46 -36.71
N VAL C 7 27.33 -16.14 -36.64
CA VAL C 7 26.31 -16.96 -36.02
C VAL C 7 25.29 -17.35 -37.08
N VAL C 8 24.93 -18.62 -37.11
CA VAL C 8 24.04 -19.18 -38.12
C VAL C 8 22.67 -19.42 -37.48
N LEU C 9 21.66 -18.72 -38.00
CA LEU C 9 20.28 -19.03 -37.68
C LEU C 9 19.76 -20.11 -38.61
N VAL C 10 18.76 -20.86 -38.13
CA VAL C 10 18.12 -21.89 -38.94
C VAL C 10 16.64 -21.56 -39.04
N SER C 11 16.12 -21.55 -40.27
CA SER C 11 14.72 -21.26 -40.52
C SER C 11 13.88 -22.52 -40.36
N GLY C 12 12.61 -22.46 -40.74
CA GLY C 12 11.73 -23.59 -40.64
C GLY C 12 11.82 -24.50 -41.85
N GLU C 13 11.99 -23.91 -43.03
CA GLU C 13 12.13 -24.67 -44.26
C GLU C 13 13.50 -25.33 -44.40
N GLY C 14 14.50 -24.86 -43.64
CA GLY C 14 15.80 -25.50 -43.59
C GLY C 14 16.95 -24.64 -44.07
N GLU C 15 16.67 -23.46 -44.63
CA GLU C 15 17.74 -22.62 -45.15
C GLU C 15 18.48 -21.94 -44.01
N ARG C 16 19.75 -22.27 -43.85
CA ARG C 16 20.59 -21.74 -42.78
C ARG C 16 21.14 -20.37 -43.19
N PHE C 17 20.82 -19.35 -42.41
CA PHE C 17 21.27 -17.99 -42.68
C PHE C 17 22.44 -17.65 -41.76
N THR C 18 23.29 -16.73 -42.20
CA THR C 18 24.51 -16.39 -41.48
C THR C 18 24.56 -14.89 -41.26
N VAL C 19 24.64 -14.48 -39.98
CA VAL C 19 24.79 -13.08 -39.59
C VAL C 19 26.02 -12.98 -38.69
N ASP C 20 26.30 -11.75 -38.23
CA ASP C 20 27.38 -11.54 -37.29
C ASP C 20 26.81 -11.61 -35.87
N LYS C 21 27.70 -11.86 -34.90
CA LYS C 21 27.29 -12.02 -33.51
C LYS C 21 26.79 -10.71 -32.92
N LYS C 22 27.47 -9.61 -33.23
CA LYS C 22 27.02 -8.30 -32.77
C LYS C 22 25.72 -7.89 -33.46
N ILE C 23 25.53 -8.31 -34.71
CA ILE C 23 24.25 -8.11 -35.38
C ILE C 23 23.17 -8.94 -34.71
N ALA C 24 23.48 -10.21 -34.42
CA ALA C 24 22.52 -11.12 -33.80
C ALA C 24 22.22 -10.78 -32.35
N GLU C 25 23.00 -9.90 -31.71
CA GLU C 25 22.64 -9.41 -30.37
C GLU C 25 21.48 -8.44 -30.37
N ARG C 26 20.94 -8.06 -31.53
CA ARG C 26 19.65 -7.36 -31.55
C ARG C 26 18.54 -8.25 -31.00
N SER C 27 18.62 -9.55 -31.27
CA SER C 27 17.71 -10.50 -30.65
C SER C 27 18.04 -10.64 -29.17
N LEU C 28 17.01 -10.65 -28.34
CA LEU C 28 17.17 -10.90 -26.91
C LEU C 28 17.18 -12.39 -26.58
N LEU C 29 17.36 -13.24 -27.60
CA LEU C 29 17.49 -14.68 -27.42
C LEU C 29 18.87 -15.19 -27.79
N LEU C 30 19.50 -14.66 -28.84
CA LEU C 30 20.88 -15.00 -29.16
C LEU C 30 21.83 -14.55 -28.05
N LYS C 31 21.51 -13.43 -27.41
CA LYS C 31 22.28 -12.91 -26.30
C LYS C 31 22.19 -13.81 -25.06
N ASN C 32 21.19 -14.68 -24.99
CA ASN C 32 21.05 -15.60 -23.88
C ASN C 32 21.10 -17.06 -24.30
N TYR C 33 21.27 -17.36 -25.60
CA TYR C 33 21.50 -18.71 -26.05
C TYR C 33 22.97 -18.98 -26.34
N LEU C 34 23.74 -17.94 -26.66
CA LEU C 34 25.17 -18.07 -26.88
C LEU C 34 25.97 -17.84 -25.61
N ASN C 35 25.38 -17.19 -24.61
CA ASN C 35 26.05 -16.92 -23.36
C ASN C 35 25.87 -18.06 -22.37
N ASP C 36 26.23 -19.27 -22.79
CA ASP C 36 26.17 -20.43 -21.90
C ASP C 36 27.51 -20.67 -21.21
N MET C 37 28.57 -20.88 -21.99
CA MET C 37 29.91 -21.08 -21.45
C MET C 37 30.92 -20.73 -22.53
N HIS C 38 31.85 -19.83 -22.20
CA HIS C 38 32.92 -19.42 -23.09
C HIS C 38 34.19 -20.13 -22.64
N ASP C 39 34.38 -21.36 -23.11
CA ASP C 39 35.51 -22.17 -22.73
C ASP C 39 35.87 -23.19 -23.81
N ILE C 76 26.49 -21.56 -31.56
CA ILE C 76 26.99 -20.93 -32.77
C ILE C 76 25.90 -21.01 -33.84
N VAL C 77 24.96 -21.93 -33.64
CA VAL C 77 23.86 -22.18 -34.57
C VAL C 77 22.57 -22.25 -33.75
N MET C 78 21.61 -21.38 -34.05
CA MET C 78 20.36 -21.38 -33.30
C MET C 78 19.21 -21.77 -34.22
N PRO C 79 18.47 -22.84 -33.91
CA PRO C 79 17.28 -23.17 -34.70
C PRO C 79 16.10 -22.28 -34.35
N VAL C 80 15.37 -21.85 -35.37
CA VAL C 80 14.13 -21.11 -35.19
C VAL C 80 13.02 -21.88 -35.91
N PRO C 81 12.23 -22.68 -35.20
CA PRO C 81 11.20 -23.47 -35.86
C PRO C 81 10.00 -22.63 -36.27
N ASN C 82 9.28 -23.16 -37.27
CA ASN C 82 7.99 -22.63 -37.76
C ASN C 82 8.09 -21.19 -38.24
N VAL C 83 9.20 -20.86 -38.89
CA VAL C 83 9.39 -19.56 -39.53
C VAL C 83 9.86 -19.80 -40.95
N ARG C 84 9.08 -19.33 -41.93
CA ARG C 84 9.47 -19.44 -43.32
C ARG C 84 10.68 -18.57 -43.60
N SER C 85 11.50 -19.01 -44.57
CA SER C 85 12.84 -18.43 -44.75
C SER C 85 12.78 -17.00 -45.26
N SER C 86 11.73 -16.64 -46.00
CA SER C 86 11.58 -15.25 -46.43
C SER C 86 11.30 -14.34 -45.25
N VAL C 87 10.51 -14.84 -44.28
CA VAL C 87 10.18 -14.04 -43.10
C VAL C 87 11.41 -13.81 -42.25
N LEU C 88 12.22 -14.85 -42.03
CA LEU C 88 13.45 -14.70 -41.28
C LEU C 88 14.48 -13.86 -42.02
N GLN C 89 14.45 -13.88 -43.36
CA GLN C 89 15.32 -12.99 -44.13
C GLN C 89 14.90 -11.53 -43.96
N LYS C 90 13.60 -11.26 -43.89
CA LYS C 90 13.13 -9.89 -43.66
C LYS C 90 13.49 -9.42 -42.24
N VAL C 91 13.40 -10.33 -41.26
CA VAL C 91 13.78 -10.00 -39.89
C VAL C 91 15.27 -9.72 -39.79
N ILE C 92 16.08 -10.51 -40.50
CA ILE C 92 17.52 -10.29 -40.55
C ILE C 92 17.85 -8.97 -41.24
N GLU C 93 17.11 -8.60 -42.28
CA GLU C 93 17.33 -7.31 -42.94
C GLU C 93 16.97 -6.14 -42.03
N TRP C 94 15.91 -6.31 -41.23
CA TRP C 94 15.56 -5.29 -40.24
C TRP C 94 16.63 -5.15 -39.17
N ALA C 95 17.19 -6.27 -38.73
CA ALA C 95 18.27 -6.22 -37.74
C ALA C 95 19.54 -5.62 -38.32
N GLU C 96 19.78 -5.81 -39.62
CA GLU C 96 20.94 -5.21 -40.26
C GLU C 96 20.74 -3.73 -40.50
N HIS C 97 19.49 -3.27 -40.58
CA HIS C 97 19.26 -1.83 -40.74
C HIS C 97 19.61 -1.07 -39.47
N HIS C 98 18.92 -1.37 -38.37
CA HIS C 98 19.11 -0.67 -37.10
C HIS C 98 20.26 -1.27 -36.31
N ARG C 99 21.50 -1.12 -36.79
CA ARG C 99 22.63 -1.62 -36.04
C ARG C 99 23.12 -0.64 -34.98
N ASP C 100 22.82 0.65 -35.14
CA ASP C 100 23.33 1.71 -34.27
C ASP C 100 22.21 2.68 -33.92
N SER C 101 21.01 2.17 -33.69
CA SER C 101 19.86 2.99 -33.37
C SER C 101 19.51 2.87 -31.89
N ASN C 102 19.20 4.01 -31.27
CA ASN C 102 18.85 4.05 -29.86
C ASN C 102 17.35 3.90 -29.69
N PHE C 103 16.90 2.67 -29.44
CA PHE C 103 15.52 2.39 -29.11
C PHE C 103 15.30 2.80 -27.66
N PRO C 104 14.06 3.18 -27.24
CA PRO C 104 13.88 3.81 -25.91
C PRO C 104 14.28 2.98 -24.70
N ASP C 105 13.57 1.87 -24.45
CA ASP C 105 13.81 1.07 -23.25
C ASP C 105 13.07 -0.25 -23.41
N GLU C 106 13.00 -1.05 -22.34
CA GLU C 106 12.17 -2.24 -22.29
C GLU C 106 10.89 -1.96 -21.50
N ASP C 107 11.01 -1.22 -20.40
CA ASP C 107 9.89 -0.98 -19.49
C ASP C 107 9.42 0.47 -19.49
N ASP C 108 9.52 1.16 -20.62
CA ASP C 108 9.02 2.54 -20.72
C ASP C 108 7.67 2.54 -21.43
N ASP C 109 6.62 2.43 -20.62
CA ASP C 109 5.27 2.21 -21.12
C ASP C 109 4.67 3.46 -21.77
N ASP C 110 5.21 4.63 -21.46
CA ASP C 110 4.72 5.87 -22.05
C ASP C 110 5.43 6.25 -23.33
N SER C 111 6.68 5.83 -23.52
CA SER C 111 7.37 6.09 -24.78
C SER C 111 6.84 5.20 -25.89
N ARG C 112 6.32 4.04 -25.54
CA ARG C 112 5.65 3.19 -26.52
C ARG C 112 4.34 3.82 -26.99
N LYS C 113 3.64 4.51 -26.07
CA LYS C 113 2.39 5.16 -26.44
C LYS C 113 2.65 6.41 -27.29
N SER C 114 3.60 7.25 -26.86
CA SER C 114 4.04 8.39 -27.66
C SER C 114 4.90 7.85 -28.78
N ALA C 115 4.24 7.43 -29.86
CA ALA C 115 4.79 6.45 -30.78
C ALA C 115 5.68 7.08 -31.84
N PRO C 116 6.96 6.70 -31.95
CA PRO C 116 7.72 7.03 -33.15
C PRO C 116 7.44 6.07 -34.29
N VAL C 117 6.71 6.52 -35.30
CA VAL C 117 6.46 5.73 -36.50
C VAL C 117 7.65 5.98 -37.42
N ASP C 118 8.60 5.05 -37.42
CA ASP C 118 9.86 5.23 -38.15
C ASP C 118 9.61 5.12 -39.65
N SER C 119 10.43 5.84 -40.41
CA SER C 119 10.20 5.95 -41.85
C SER C 119 10.57 4.67 -42.57
N TRP C 120 11.76 4.12 -42.27
CA TRP C 120 12.18 2.89 -42.92
C TRP C 120 11.35 1.70 -42.46
N ASP C 121 10.85 1.75 -41.22
CA ASP C 121 9.97 0.67 -40.75
C ASP C 121 8.61 0.74 -41.42
N ARG C 122 8.09 1.95 -41.64
CA ARG C 122 6.81 2.09 -42.33
C ARG C 122 6.94 1.75 -43.80
N GLU C 123 8.12 2.00 -44.39
CA GLU C 123 8.39 1.53 -45.75
C GLU C 123 8.58 0.02 -45.77
N PHE C 124 9.10 -0.56 -44.68
CA PHE C 124 9.50 -1.95 -44.65
C PHE C 124 8.31 -2.89 -44.55
N LEU C 125 7.43 -2.65 -43.58
CA LEU C 125 6.34 -3.57 -43.29
C LEU C 125 5.16 -3.43 -44.23
N LYS C 126 5.29 -2.68 -45.33
CA LYS C 126 4.22 -2.51 -46.30
C LYS C 126 4.15 -3.78 -47.16
N VAL C 127 3.54 -4.82 -46.59
CA VAL C 127 3.31 -6.08 -47.27
C VAL C 127 1.85 -6.45 -47.07
N ASP C 128 1.44 -7.62 -47.57
CA ASP C 128 0.11 -8.10 -47.28
C ASP C 128 0.02 -8.58 -45.83
N GLN C 129 -1.20 -8.92 -45.40
CA GLN C 129 -1.48 -9.06 -43.98
C GLN C 129 -0.84 -10.30 -43.39
N GLU C 130 -0.82 -11.41 -44.13
CA GLU C 130 -0.31 -12.66 -43.57
C GLU C 130 1.21 -12.62 -43.41
N MET C 131 1.92 -11.96 -44.34
CA MET C 131 3.35 -11.73 -44.17
C MET C 131 3.63 -10.88 -42.94
N LEU C 132 2.76 -9.89 -42.68
CA LEU C 132 2.91 -9.03 -41.52
C LEU C 132 2.69 -9.79 -40.22
N TYR C 133 1.65 -10.63 -40.17
CA TYR C 133 1.41 -11.43 -38.98
C TYR C 133 2.50 -12.48 -38.77
N GLU C 134 3.08 -13.02 -39.84
CA GLU C 134 4.19 -13.95 -39.67
C GLU C 134 5.45 -13.25 -39.16
N ILE C 135 5.69 -12.01 -39.61
CA ILE C 135 6.82 -11.22 -39.08
C ILE C 135 6.60 -10.92 -37.60
N ILE C 136 5.36 -10.61 -37.20
CA ILE C 136 5.09 -10.29 -35.80
C ILE C 136 5.19 -11.54 -34.92
N LEU C 137 4.74 -12.70 -35.44
CA LEU C 137 4.94 -13.97 -34.74
C LEU C 137 6.41 -14.31 -34.59
N ALA C 138 7.21 -14.02 -35.63
CA ALA C 138 8.65 -14.29 -35.54
C ALA C 138 9.32 -13.34 -34.55
N ALA C 139 8.88 -12.09 -34.50
CA ALA C 139 9.45 -11.14 -33.55
C ALA C 139 9.06 -11.46 -32.12
N ASN C 140 7.87 -12.02 -31.90
CA ASN C 140 7.53 -12.48 -30.56
C ASN C 140 8.34 -13.71 -30.20
N TYR C 141 8.57 -14.62 -31.14
CA TYR C 141 9.38 -15.79 -30.84
C TYR C 141 10.86 -15.44 -30.65
N LEU C 142 11.37 -14.47 -31.40
CA LEU C 142 12.75 -14.05 -31.25
C LEU C 142 12.96 -13.05 -30.12
N ASN C 143 11.88 -12.71 -29.40
CA ASN C 143 11.90 -11.83 -28.22
C ASN C 143 12.43 -10.44 -28.56
N ILE C 144 12.19 -9.99 -29.78
CA ILE C 144 12.65 -8.69 -30.25
C ILE C 144 11.51 -7.70 -30.05
N LYS C 145 11.59 -6.93 -28.99
CA LYS C 145 10.59 -5.93 -28.63
C LYS C 145 10.40 -4.77 -29.64
N PRO C 146 11.44 -4.16 -30.24
CA PRO C 146 11.13 -3.03 -31.15
C PRO C 146 10.42 -3.42 -32.44
N LEU C 147 10.78 -4.55 -33.05
CA LEU C 147 10.08 -4.99 -34.26
C LEU C 147 8.65 -5.39 -33.95
N LEU C 148 8.44 -6.03 -32.79
CA LEU C 148 7.10 -6.34 -32.31
C LEU C 148 6.28 -5.08 -32.12
N ASP C 149 6.90 -4.04 -31.54
CA ASP C 149 6.21 -2.78 -31.33
C ASP C 149 5.85 -2.11 -32.65
N ALA C 150 6.78 -2.14 -33.62
CA ALA C 150 6.52 -1.49 -34.91
C ALA C 150 5.42 -2.22 -35.68
N GLY C 151 5.44 -3.56 -35.64
CA GLY C 151 4.41 -4.32 -36.32
C GLY C 151 3.04 -4.13 -35.68
N CYS C 152 3.00 -4.08 -34.34
CA CYS C 152 1.74 -3.83 -33.67
C CYS C 152 1.25 -2.41 -33.85
N LYS C 153 2.15 -1.44 -34.04
CA LYS C 153 1.71 -0.09 -34.39
C LYS C 153 1.13 -0.03 -35.79
N VAL C 154 1.68 -0.80 -36.74
CA VAL C 154 1.13 -0.86 -38.09
C VAL C 154 -0.26 -1.50 -38.07
N VAL C 155 -0.42 -2.61 -37.32
CA VAL C 155 -1.73 -3.25 -37.20
C VAL C 155 -2.70 -2.37 -36.43
N ALA C 156 -2.20 -1.56 -35.49
CA ALA C 156 -3.05 -0.62 -34.76
C ALA C 156 -3.52 0.51 -35.67
N GLU C 157 -2.66 0.98 -36.57
CA GLU C 157 -3.10 1.99 -37.54
C GLU C 157 -4.08 1.40 -38.55
N MET C 158 -3.95 0.10 -38.85
CA MET C 158 -4.93 -0.54 -39.72
C MET C 158 -6.29 -0.66 -39.02
N ILE C 159 -6.30 -1.16 -37.79
CA ILE C 159 -7.55 -1.38 -37.07
C ILE C 159 -8.15 -0.09 -36.55
N ARG C 160 -7.38 1.00 -36.51
CA ARG C 160 -7.92 2.29 -36.09
C ARG C 160 -8.76 2.90 -37.20
N GLY C 161 -8.28 2.85 -38.43
CA GLY C 161 -8.93 3.52 -39.53
C GLY C 161 -9.80 2.61 -40.38
N ARG C 162 -10.56 1.74 -39.73
CA ARG C 162 -11.50 0.89 -40.46
C ARG C 162 -12.65 1.73 -41.01
N SER C 163 -13.36 1.14 -41.96
CA SER C 163 -14.44 1.82 -42.68
C SER C 163 -15.62 2.08 -41.76
N PRO C 164 -15.99 3.35 -41.51
CA PRO C 164 -17.12 3.63 -40.63
C PRO C 164 -18.44 3.24 -41.26
N GLU C 165 -19.24 2.49 -40.49
CA GLU C 165 -20.56 1.98 -40.84
C GLU C 165 -20.57 1.06 -42.06
N GLU C 166 -19.41 0.53 -42.47
CA GLU C 166 -19.35 -0.46 -43.53
C GLU C 166 -18.83 -1.80 -43.03
N ILE C 167 -17.64 -1.82 -42.42
CA ILE C 167 -17.16 -3.02 -41.77
C ILE C 167 -17.46 -2.99 -40.27
N ARG C 168 -17.54 -1.79 -39.68
CA ARG C 168 -17.95 -1.67 -38.29
C ARG C 168 -19.43 -1.97 -38.11
N ARG C 169 -20.23 -1.77 -39.16
CA ARG C 169 -21.65 -2.11 -39.12
C ARG C 169 -21.90 -3.58 -39.42
N THR C 170 -20.86 -4.39 -39.60
CA THR C 170 -20.98 -5.82 -39.86
C THR C 170 -20.16 -6.57 -38.84
N PHE C 171 -20.81 -7.08 -37.80
CA PHE C 171 -20.19 -7.96 -36.82
C PHE C 171 -20.38 -9.39 -37.29
N ASN C 172 -19.31 -10.19 -37.25
CA ASN C 172 -19.18 -11.32 -38.15
C ASN C 172 -18.77 -12.62 -37.47
N ILE C 173 -18.40 -12.58 -36.20
CA ILE C 173 -17.92 -13.77 -35.49
C ILE C 173 -18.97 -14.05 -34.42
N VAL C 174 -20.24 -13.88 -34.80
CA VAL C 174 -21.38 -13.63 -33.93
C VAL C 174 -21.59 -14.76 -32.93
N ASN C 175 -21.33 -14.44 -31.66
CA ASN C 175 -21.41 -15.39 -30.56
C ASN C 175 -21.63 -14.59 -29.29
N ASP C 176 -22.39 -15.20 -28.37
CA ASP C 176 -23.06 -14.50 -27.25
C ASP C 176 -23.90 -13.33 -27.78
N PHE C 177 -24.59 -13.60 -28.88
CA PHE C 177 -25.59 -12.73 -29.46
C PHE C 177 -26.73 -13.59 -29.97
N THR C 178 -27.90 -13.42 -29.35
CA THR C 178 -29.01 -14.22 -29.80
C THR C 178 -29.57 -13.63 -31.09
N PRO C 179 -30.32 -14.41 -31.88
CA PRO C 179 -31.07 -13.79 -32.98
C PRO C 179 -32.12 -12.80 -32.51
N GLU C 180 -32.65 -12.98 -31.30
CA GLU C 180 -33.54 -12.00 -30.70
C GLU C 180 -32.82 -10.69 -30.41
N GLU C 181 -31.60 -10.78 -29.85
CA GLU C 181 -30.84 -9.57 -29.55
C GLU C 181 -30.36 -8.88 -30.82
N GLU C 182 -29.94 -9.66 -31.82
CA GLU C 182 -29.54 -9.08 -33.10
C GLU C 182 -30.71 -8.44 -33.81
N ALA C 183 -31.89 -9.06 -33.72
CA ALA C 183 -33.09 -8.45 -34.29
C ALA C 183 -33.49 -7.20 -33.53
N ALA C 184 -33.25 -7.17 -32.21
CA ALA C 184 -33.54 -5.99 -31.42
C ALA C 184 -32.62 -4.82 -31.79
N ILE C 185 -31.34 -5.12 -32.04
CA ILE C 185 -30.41 -4.07 -32.47
C ILE C 185 -30.76 -3.58 -33.87
N ARG C 186 -31.10 -4.51 -34.78
CA ARG C 186 -31.43 -4.09 -36.14
C ARG C 186 -32.80 -3.42 -36.22
N ARG C 187 -33.65 -3.62 -35.21
CA ARG C 187 -34.88 -2.85 -35.12
C ARG C 187 -34.63 -1.48 -34.48
N GLU C 188 -33.66 -1.41 -33.57
CA GLU C 188 -33.24 -0.15 -32.97
C GLU C 188 -32.33 0.66 -33.88
N ASN C 189 -31.95 0.12 -35.04
CA ASN C 189 -31.20 0.87 -36.03
C ASN C 189 -32.06 1.80 -36.86
N GLU C 190 -33.38 1.73 -36.73
CA GLU C 190 -34.29 2.62 -37.45
C GLU C 190 -35.25 3.31 -36.49
N PHE D 5 -9.17 -5.53 -44.42
CA PHE D 5 -8.88 -5.99 -43.05
C PHE D 5 -9.82 -7.12 -42.69
N ASN D 6 -9.26 -8.25 -42.25
CA ASN D 6 -10.05 -9.43 -41.94
C ASN D 6 -10.15 -9.61 -40.43
N PRO D 7 -11.31 -9.36 -39.82
CA PRO D 7 -11.42 -9.52 -38.37
C PRO D 7 -11.75 -10.94 -37.92
N VAL D 8 -11.58 -11.92 -38.81
CA VAL D 8 -11.80 -13.30 -38.45
C VAL D 8 -10.50 -14.09 -38.32
N ARG D 9 -9.43 -13.67 -39.00
CA ARG D 9 -8.11 -14.23 -38.74
C ARG D 9 -7.46 -13.51 -37.55
N PHE D 10 -7.82 -12.24 -37.35
CA PHE D 10 -7.28 -11.47 -36.24
C PHE D 10 -7.79 -11.97 -34.89
N LEU D 11 -8.95 -12.62 -34.86
CA LEU D 11 -9.49 -13.19 -33.64
C LEU D 11 -8.97 -14.59 -33.36
N GLU D 12 -8.67 -15.37 -34.40
CA GLU D 12 -8.03 -16.66 -34.19
C GLU D 12 -6.55 -16.52 -33.86
N LEU D 13 -5.98 -15.33 -34.09
CA LEU D 13 -4.65 -14.97 -33.64
C LEU D 13 -4.60 -15.05 -32.11
N PRO D 14 -3.46 -15.50 -31.55
CA PRO D 14 -3.39 -15.73 -30.09
C PRO D 14 -3.45 -14.48 -29.22
N ILE D 15 -3.32 -14.67 -27.90
CA ILE D 15 -3.75 -13.70 -26.91
C ILE D 15 -2.78 -12.52 -26.78
N ASP D 16 -1.51 -12.79 -26.44
CA ASP D 16 -0.63 -11.70 -26.01
C ASP D 16 -0.18 -10.84 -27.18
N ILE D 17 -0.11 -11.40 -28.38
CA ILE D 17 0.19 -10.58 -29.56
C ILE D 17 -0.99 -9.66 -29.86
N ARG D 18 -2.20 -10.15 -29.65
CA ARG D 18 -3.39 -9.32 -29.85
C ARG D 18 -3.47 -8.25 -28.76
N LYS D 19 -2.99 -8.58 -27.56
CA LYS D 19 -2.81 -7.59 -26.50
C LYS D 19 -1.83 -6.50 -26.91
N GLU D 20 -0.69 -6.90 -27.47
CA GLU D 20 0.29 -5.92 -27.93
C GLU D 20 -0.23 -5.09 -29.09
N VAL D 21 -1.17 -5.63 -29.88
CA VAL D 21 -1.87 -4.81 -30.86
C VAL D 21 -2.75 -3.77 -30.17
N TYR D 22 -3.52 -4.18 -29.17
CA TYR D 22 -4.38 -3.20 -28.50
C TYR D 22 -3.62 -2.29 -27.55
N PHE D 23 -2.34 -2.58 -27.28
CA PHE D 23 -1.55 -1.76 -26.38
C PHE D 23 -1.25 -0.39 -27.00
N HIS D 24 -0.97 -0.38 -28.29
CA HIS D 24 -0.75 0.85 -29.04
C HIS D 24 -2.05 1.43 -29.59
N LEU D 25 -3.19 0.88 -29.20
CA LEU D 25 -4.50 1.21 -29.74
C LEU D 25 -5.46 1.48 -28.58
N ASP D 26 -5.02 2.33 -27.66
CA ASP D 26 -5.70 2.47 -26.38
C ASP D 26 -7.00 3.25 -26.50
N GLY D 27 -6.92 4.52 -26.90
CA GLY D 27 -8.09 5.38 -26.90
C GLY D 27 -8.68 5.58 -28.28
N ASN D 28 -7.83 5.74 -29.28
CA ASN D 28 -8.30 5.99 -30.63
C ASN D 28 -8.80 4.72 -31.29
N PHE D 29 -10.02 4.30 -30.96
CA PHE D 29 -10.65 3.19 -31.67
C PHE D 29 -11.10 3.59 -33.07
N CYS D 30 -11.34 4.87 -33.32
CA CYS D 30 -11.77 5.36 -34.63
C CYS D 30 -11.07 6.69 -34.88
N GLY D 31 -10.01 6.66 -35.69
CA GLY D 31 -9.28 7.86 -36.01
C GLY D 31 -8.28 8.27 -34.95
N LEU D 89 -18.16 13.18 -36.53
CA LEU D 89 -16.85 12.55 -36.54
C LEU D 89 -16.91 11.08 -36.10
N GLU D 90 -18.03 10.70 -35.49
CA GLU D 90 -18.18 9.37 -34.93
C GLU D 90 -19.60 8.87 -35.15
N TYR D 91 -19.72 7.65 -35.65
CA TYR D 91 -21.00 6.95 -35.76
C TYR D 91 -21.06 5.97 -34.59
N ALA D 92 -21.52 6.46 -33.44
CA ALA D 92 -21.42 5.72 -32.19
C ALA D 92 -22.49 4.65 -32.03
N PHE D 93 -23.35 4.44 -33.03
CA PHE D 93 -24.31 3.35 -32.95
C PHE D 93 -23.63 2.01 -33.15
N TRP D 94 -22.91 1.86 -34.28
CA TRP D 94 -22.30 0.59 -34.62
C TRP D 94 -20.94 0.37 -33.97
N LEU D 95 -20.33 1.44 -33.45
CA LEU D 95 -18.97 1.33 -32.92
C LEU D 95 -18.93 0.51 -31.63
N ARG D 96 -20.04 0.44 -30.89
CA ARG D 96 -20.06 -0.38 -29.69
C ARG D 96 -20.07 -1.86 -30.02
N TYR D 97 -20.88 -2.27 -31.00
CA TYR D 97 -21.12 -3.69 -31.26
C TYR D 97 -20.09 -4.32 -32.18
N ASP D 98 -18.90 -3.74 -32.29
CA ASP D 98 -17.81 -4.42 -32.98
C ASP D 98 -17.36 -5.62 -32.16
N CYS D 99 -16.80 -6.60 -32.86
CA CYS D 99 -16.14 -7.69 -32.17
C CYS D 99 -14.81 -7.26 -31.59
N LEU D 100 -14.18 -6.23 -32.17
CA LEU D 100 -12.88 -5.80 -31.72
C LEU D 100 -12.96 -5.05 -30.39
N VAL D 101 -14.03 -4.26 -30.20
CA VAL D 101 -14.20 -3.50 -28.96
C VAL D 101 -14.49 -4.44 -27.79
N LEU D 102 -15.38 -5.40 -28.02
CA LEU D 102 -15.62 -6.44 -27.02
C LEU D 102 -14.38 -7.30 -26.79
N ASP D 103 -13.54 -7.50 -27.81
CA ASP D 103 -12.28 -8.20 -27.59
C ASP D 103 -11.33 -7.38 -26.71
N CYS D 104 -11.29 -6.05 -26.93
CA CYS D 104 -10.52 -5.14 -26.08
C CYS D 104 -10.94 -5.25 -24.63
N PHE D 105 -12.25 -5.19 -24.38
CA PHE D 105 -12.70 -5.23 -22.99
C PHE D 105 -12.62 -6.61 -22.37
N LYS D 106 -12.72 -7.69 -23.16
CA LYS D 106 -12.53 -9.02 -22.61
C LYS D 106 -11.07 -9.25 -22.22
N VAL D 107 -10.12 -8.81 -23.04
CA VAL D 107 -8.71 -8.94 -22.66
C VAL D 107 -8.37 -8.01 -21.50
N ASN D 108 -8.96 -6.80 -21.50
CA ASN D 108 -8.70 -5.82 -20.45
C ASN D 108 -9.21 -6.30 -19.10
N HIS D 109 -10.39 -6.93 -19.08
CA HIS D 109 -10.83 -7.60 -17.87
C HIS D 109 -10.01 -8.84 -17.56
N LEU D 110 -9.44 -9.48 -18.59
CA LEU D 110 -8.73 -10.73 -18.35
C LEU D 110 -7.36 -10.50 -17.71
N TYR D 111 -6.71 -9.36 -17.90
CA TYR D 111 -5.45 -9.24 -17.17
C TYR D 111 -5.62 -8.77 -15.72
N ASP D 112 -5.81 -7.47 -15.53
CA ASP D 112 -6.23 -6.94 -14.23
C ASP D 112 -7.03 -5.67 -14.47
N GLY D 113 -7.04 -5.21 -15.72
CA GLY D 113 -7.34 -3.84 -16.01
C GLY D 113 -6.13 -2.98 -16.33
N THR D 114 -5.01 -3.58 -16.75
CA THR D 114 -3.78 -2.86 -17.02
C THR D 114 -3.80 -2.12 -18.35
N LEU D 115 -4.86 -2.26 -19.12
CA LEU D 115 -5.14 -1.43 -20.28
C LEU D 115 -5.97 -0.23 -19.80
N ILE D 116 -6.67 0.44 -20.72
CA ILE D 116 -7.30 1.76 -20.60
C ILE D 116 -8.02 2.07 -19.27
N ASP D 117 -8.80 1.12 -18.74
CA ASP D 117 -9.33 1.11 -17.37
C ASP D 117 -10.23 2.29 -16.99
N ALA D 118 -10.56 3.15 -17.93
CA ALA D 118 -11.29 4.38 -17.66
C ALA D 118 -12.79 4.10 -17.84
N LEU D 119 -13.34 3.35 -16.89
CA LEU D 119 -14.76 2.99 -16.92
C LEU D 119 -15.46 3.85 -15.87
N GLU D 120 -16.39 4.68 -16.32
CA GLU D 120 -17.07 5.64 -15.47
C GLU D 120 -18.53 5.23 -15.31
N TRP D 121 -19.12 5.63 -14.19
CA TRP D 121 -20.56 5.63 -14.05
C TRP D 121 -21.09 7.00 -14.44
N THR D 122 -22.03 7.04 -15.37
CA THR D 122 -22.66 8.28 -15.79
C THR D 122 -24.17 8.10 -15.77
N TYR D 123 -24.88 9.23 -15.82
CA TYR D 123 -26.34 9.26 -15.88
C TYR D 123 -26.69 9.92 -17.20
N LEU D 124 -26.77 9.13 -18.26
CA LEU D 124 -27.11 9.62 -19.59
C LEU D 124 -28.39 8.97 -20.07
N ASP D 125 -29.18 9.75 -20.82
CA ASP D 125 -30.48 9.34 -21.37
C ASP D 125 -31.43 8.84 -20.27
N ASN D 126 -31.35 9.49 -19.11
CA ASN D 126 -32.04 9.12 -17.88
C ASN D 126 -31.77 7.66 -17.50
N GLU D 127 -30.49 7.30 -17.52
CA GLU D 127 -30.09 5.93 -17.16
C GLU D 127 -28.65 5.95 -16.67
N LEU D 128 -28.39 5.18 -15.60
CA LEU D 128 -27.04 4.99 -15.09
C LEU D 128 -26.34 3.90 -15.89
N ARG D 129 -25.24 4.25 -16.53
CA ARG D 129 -24.53 3.34 -17.41
C ARG D 129 -23.02 3.56 -17.32
N LEU D 130 -22.27 2.51 -17.63
CA LEU D 130 -20.83 2.61 -17.75
C LEU D 130 -20.46 3.32 -19.04
N ALA D 131 -19.34 4.05 -19.01
CA ALA D 131 -18.92 4.81 -20.18
C ALA D 131 -17.40 4.88 -20.21
N TYR D 132 -16.83 4.77 -21.40
CA TYR D 132 -15.40 4.98 -21.58
C TYR D 132 -15.15 6.28 -22.33
N PHE D 133 -14.20 7.06 -21.85
CA PHE D 133 -13.85 8.33 -22.45
C PHE D 133 -12.48 8.24 -23.11
N ASN D 134 -12.26 9.06 -24.13
CA ASN D 134 -10.99 9.06 -24.82
C ASN D 134 -9.92 9.78 -23.99
N LYS D 135 -8.71 9.85 -24.55
CA LYS D 135 -7.64 10.61 -23.91
C LYS D 135 -7.94 12.11 -23.92
N ALA D 136 -8.69 12.58 -24.91
CA ALA D 136 -9.18 13.95 -24.95
C ALA D 136 -10.60 14.06 -24.41
N SER D 137 -11.03 13.07 -23.60
CA SER D 137 -12.33 13.04 -22.93
C SER D 137 -13.50 13.07 -23.91
N MET D 138 -13.37 12.33 -25.00
CA MET D 138 -14.49 12.08 -25.91
C MET D 138 -15.05 10.70 -25.65
N LEU D 139 -16.38 10.59 -25.65
CA LEU D 139 -17.03 9.33 -25.31
C LEU D 139 -16.85 8.33 -26.44
N GLU D 140 -16.31 7.15 -26.11
CA GLU D 140 -16.09 6.11 -27.12
C GLU D 140 -17.18 5.04 -27.08
N VAL D 141 -17.34 4.37 -25.94
CA VAL D 141 -18.37 3.34 -25.78
C VAL D 141 -19.12 3.58 -24.48
N TRP D 142 -20.25 2.90 -24.35
CA TRP D 142 -21.12 3.02 -23.18
C TRP D 142 -21.96 1.76 -23.06
N TYR D 143 -21.98 1.18 -21.87
CA TYR D 143 -22.61 -0.11 -21.63
C TYR D 143 -23.65 0.00 -20.54
N THR D 144 -24.73 -0.76 -20.70
CA THR D 144 -25.62 -1.03 -19.57
C THR D 144 -24.95 -2.11 -18.72
N PHE D 145 -25.17 -2.03 -17.40
CA PHE D 145 -24.42 -2.88 -16.46
C PHE D 145 -24.78 -4.36 -16.62
N LYS D 146 -26.02 -4.67 -17.01
CA LYS D 146 -26.37 -6.06 -17.30
C LYS D 146 -25.64 -6.57 -18.54
N GLU D 147 -25.44 -5.71 -19.54
CA GLU D 147 -24.70 -6.08 -20.74
C GLU D 147 -23.25 -6.37 -20.41
N TYR D 148 -22.59 -5.43 -19.72
CA TYR D 148 -21.20 -5.60 -19.33
C TYR D 148 -21.02 -6.79 -18.40
N LYS D 149 -21.99 -7.06 -17.52
CA LYS D 149 -21.91 -8.26 -16.69
C LYS D 149 -22.02 -9.53 -17.53
N LYS D 150 -22.91 -9.53 -18.52
CA LYS D 150 -23.10 -10.71 -19.37
C LYS D 150 -21.86 -11.00 -20.20
N TRP D 151 -21.21 -9.98 -20.73
CA TRP D 151 -20.02 -10.26 -21.53
C TRP D 151 -18.73 -10.37 -20.71
N VAL D 152 -18.68 -9.86 -19.47
CA VAL D 152 -17.63 -10.26 -18.55
C VAL D 152 -17.78 -11.74 -18.19
N ILE D 153 -19.01 -12.22 -18.01
CA ILE D 153 -19.24 -13.65 -17.80
C ILE D 153 -18.87 -14.46 -19.05
N ASP D 154 -19.11 -13.90 -20.24
CA ASP D 154 -18.62 -14.51 -21.49
C ASP D 154 -17.09 -14.60 -21.50
N SER D 155 -16.41 -13.59 -20.99
CA SER D 155 -14.94 -13.62 -20.94
C SER D 155 -14.43 -14.65 -19.93
N VAL D 156 -15.02 -14.68 -18.73
CA VAL D 156 -14.46 -15.52 -17.68
C VAL D 156 -14.97 -16.95 -17.73
N ALA D 157 -16.01 -17.21 -18.53
CA ALA D 157 -16.66 -18.53 -18.72
C ALA D 157 -17.10 -19.17 -17.39
N ASN D 165 -17.03 -11.26 -11.47
CA ASN D 165 -17.04 -10.33 -10.35
C ASN D 165 -16.15 -9.12 -10.65
N VAL D 166 -16.79 -8.00 -10.93
CA VAL D 166 -16.11 -6.75 -11.24
C VAL D 166 -15.87 -6.00 -9.94
N SER D 167 -14.69 -5.41 -9.79
CA SER D 167 -14.42 -4.59 -8.62
C SER D 167 -13.64 -3.31 -8.89
N ASN D 168 -13.22 -3.05 -10.13
CA ASN D 168 -12.33 -1.94 -10.45
C ASN D 168 -13.00 -1.03 -11.47
N ILE D 169 -13.71 -0.02 -10.97
CA ILE D 169 -14.42 0.94 -11.81
C ILE D 169 -14.15 2.34 -11.29
N GLN D 170 -13.64 3.22 -12.15
CA GLN D 170 -13.29 4.59 -11.81
C GLN D 170 -14.56 5.42 -11.58
N PHE D 171 -14.41 6.54 -10.86
CA PHE D 171 -15.53 7.43 -10.57
C PHE D 171 -15.02 8.87 -10.61
N ASN D 172 -15.28 9.58 -11.71
CA ASN D 172 -14.93 10.98 -11.77
C ASN D 172 -15.89 11.84 -10.95
N ILE D 173 -15.47 13.07 -10.69
CA ILE D 173 -16.34 14.13 -10.19
C ILE D 173 -16.17 15.30 -11.16
N ASP D 174 -14.99 15.37 -11.79
CA ASP D 174 -14.68 16.48 -12.68
C ASP D 174 -15.43 16.37 -14.01
N ASN D 175 -15.70 15.15 -14.47
CA ASN D 175 -16.39 14.92 -15.74
C ASN D 175 -17.89 14.76 -15.55
N LEU D 176 -18.44 15.32 -14.47
CA LEU D 176 -19.86 15.21 -14.17
C LEU D 176 -20.36 16.54 -13.61
N THR D 177 -21.68 16.65 -13.48
CA THR D 177 -22.46 17.75 -12.93
C THR D 177 -23.05 17.35 -11.58
N PRO D 178 -23.07 18.25 -10.59
CA PRO D 178 -23.49 17.85 -9.24
C PRO D 178 -24.97 17.50 -9.13
N GLN D 179 -25.82 18.13 -9.95
CA GLN D 179 -27.24 17.80 -9.96
C GLN D 179 -27.50 16.39 -10.47
N LEU D 180 -26.57 15.83 -11.24
CA LEU D 180 -26.63 14.43 -11.61
C LEU D 180 -25.65 13.56 -10.82
N VAL D 181 -24.65 14.14 -10.15
CA VAL D 181 -23.85 13.39 -9.19
C VAL D 181 -24.72 12.91 -8.02
N ASP D 182 -25.62 13.79 -7.54
CA ASP D 182 -26.51 13.41 -6.45
C ASP D 182 -27.45 12.28 -6.84
N LYS D 183 -28.04 12.36 -8.04
CA LYS D 183 -28.92 11.30 -8.52
C LYS D 183 -28.17 10.02 -8.84
N CYS D 184 -26.95 10.15 -9.38
CA CYS D 184 -26.10 8.98 -9.64
C CYS D 184 -25.80 8.22 -8.37
N LEU D 185 -25.36 8.95 -7.33
CA LEU D 185 -25.06 8.31 -6.05
C LEU D 185 -26.32 7.76 -5.38
N SER D 186 -27.45 8.46 -5.50
CA SER D 186 -28.68 8.02 -4.84
C SER D 186 -29.24 6.75 -5.46
N ILE D 187 -29.40 6.72 -6.78
CA ILE D 187 -29.95 5.54 -7.43
C ILE D 187 -28.91 4.41 -7.46
N LEU D 188 -27.61 4.75 -7.51
CA LEU D 188 -26.58 3.72 -7.47
C LEU D 188 -26.49 3.10 -6.08
N GLU D 189 -26.85 3.85 -5.04
CA GLU D 189 -26.89 3.29 -3.69
C GLU D 189 -28.14 2.46 -3.48
N GLN D 190 -29.31 3.05 -3.73
CA GLN D 190 -30.57 2.40 -3.42
C GLN D 190 -30.96 1.32 -4.42
N LYS D 191 -30.29 1.21 -5.56
CA LYS D 191 -30.76 0.29 -6.58
C LYS D 191 -30.36 -1.15 -6.27
N ASP D 192 -29.07 -1.48 -6.37
CA ASP D 192 -28.67 -2.83 -6.01
C ASP D 192 -27.40 -2.95 -5.17
N LEU D 193 -26.37 -2.18 -5.51
CA LEU D 193 -25.00 -2.54 -5.14
C LEU D 193 -24.33 -1.51 -4.23
N PHE D 194 -24.18 -0.26 -4.68
CA PHE D 194 -23.25 0.74 -4.12
C PHE D 194 -21.88 0.12 -3.82
N ALA D 195 -21.35 -0.62 -4.79
CA ALA D 195 -20.06 -1.28 -4.63
C ALA D 195 -19.44 -1.40 -6.01
N THR D 196 -18.42 -2.27 -6.13
CA THR D 196 -17.71 -2.58 -7.38
C THR D 196 -17.13 -1.31 -8.01
N ILE D 197 -16.50 -0.48 -7.17
CA ILE D 197 -16.01 0.83 -7.60
C ILE D 197 -14.70 1.16 -6.88
N GLY D 198 -13.61 1.23 -7.64
CA GLY D 198 -12.30 1.28 -7.02
C GLY D 198 -11.72 2.66 -6.83
N GLU D 199 -11.66 3.45 -7.90
CA GLU D 199 -11.02 4.75 -7.84
C GLU D 199 -12.06 5.84 -7.58
N VAL D 200 -11.63 6.89 -6.88
CA VAL D 200 -12.45 8.07 -6.63
C VAL D 200 -11.63 9.28 -7.06
N GLN D 201 -12.16 10.05 -8.01
CA GLN D 201 -11.41 11.12 -8.67
C GLN D 201 -11.90 12.46 -8.16
N PHE D 202 -11.20 13.04 -7.20
CA PHE D 202 -11.55 14.36 -6.71
C PHE D 202 -10.98 15.43 -7.62
N GLY D 203 -11.19 16.70 -7.25
CA GLY D 203 -10.69 17.81 -8.02
C GLY D 203 -11.62 18.28 -9.12
N SER D 258 -18.32 23.10 -4.38
CA SER D 258 -17.75 22.07 -3.53
C SER D 258 -18.84 21.23 -2.87
N ILE D 259 -20.08 21.41 -3.34
CA ILE D 259 -21.21 20.68 -2.78
C ILE D 259 -21.14 19.21 -3.18
N SER D 260 -20.74 18.94 -4.42
CA SER D 260 -20.63 17.56 -4.90
C SER D 260 -19.53 16.80 -4.18
N VAL D 261 -18.46 17.48 -3.79
CA VAL D 261 -17.37 16.84 -3.07
C VAL D 261 -17.85 16.37 -1.70
N ILE D 262 -18.57 17.24 -0.97
CA ILE D 262 -19.08 16.89 0.35
C ILE D 262 -20.17 15.83 0.23
N ARG D 263 -20.91 15.85 -0.88
CA ARG D 263 -21.88 14.79 -1.16
C ARG D 263 -21.19 13.45 -1.37
N THR D 264 -20.02 13.44 -2.02
CA THR D 264 -19.28 12.19 -2.19
C THR D 264 -18.65 11.72 -0.88
N ILE D 265 -18.19 12.65 -0.04
CA ILE D 265 -17.50 12.29 1.20
C ILE D 265 -18.46 11.58 2.17
N ARG D 266 -19.73 12.01 2.19
CA ARG D 266 -20.72 11.38 3.06
C ARG D 266 -21.04 9.95 2.64
N SER D 267 -20.76 9.60 1.38
CA SER D 267 -21.08 8.29 0.85
C SER D 267 -19.91 7.31 0.87
N MET D 268 -18.69 7.78 1.13
CA MET D 268 -17.52 6.91 1.08
C MET D 268 -17.43 5.97 2.27
N GLU D 269 -18.23 6.18 3.32
CA GLU D 269 -18.22 5.26 4.46
C GLU D 269 -18.82 3.91 4.07
N SER D 270 -19.80 3.91 3.16
CA SER D 270 -20.40 2.68 2.68
C SER D 270 -19.72 2.12 1.45
N MET D 271 -18.73 2.82 0.91
CA MET D 271 -17.99 2.42 -0.27
C MET D 271 -17.03 1.29 0.02
N LYS D 272 -17.46 0.02 -0.01
CA LYS D 272 -16.73 -1.09 0.62
C LYS D 272 -15.34 -1.33 0.05
N SER D 273 -15.19 -1.40 -1.26
CA SER D 273 -13.92 -1.78 -1.86
C SER D 273 -13.42 -0.65 -2.77
N LEU D 274 -12.75 0.32 -2.16
CA LEU D 274 -11.97 1.30 -2.91
C LEU D 274 -10.50 1.16 -2.57
N ARG D 275 -9.64 1.52 -3.52
CA ARG D 275 -8.20 1.37 -3.32
C ARG D 275 -7.41 2.60 -3.76
N LYS D 276 -8.06 3.56 -4.41
CA LYS D 276 -7.35 4.70 -4.99
C LYS D 276 -8.06 6.00 -4.67
N ILE D 277 -7.26 7.06 -4.57
CA ILE D 277 -7.74 8.44 -4.48
C ILE D 277 -6.83 9.30 -5.35
N THR D 278 -7.40 10.03 -6.30
CA THR D 278 -6.64 11.04 -7.01
C THR D 278 -7.16 12.42 -6.61
N VAL D 279 -6.24 13.33 -6.36
CA VAL D 279 -6.58 14.69 -5.96
C VAL D 279 -5.91 15.64 -6.93
N ARG D 280 -6.71 16.54 -7.53
CA ARG D 280 -6.19 17.54 -8.44
C ARG D 280 -5.64 18.74 -7.66
N GLY D 281 -5.49 19.89 -8.32
CA GLY D 281 -4.73 21.04 -7.85
C GLY D 281 -4.97 21.59 -6.46
N GLU D 282 -4.05 22.45 -6.01
CA GLU D 282 -3.76 22.74 -4.60
C GLU D 282 -4.90 23.22 -3.73
N LYS D 283 -6.04 23.59 -4.32
CA LYS D 283 -7.17 24.06 -3.53
C LYS D 283 -7.82 22.92 -2.73
N LEU D 284 -7.89 21.73 -3.32
CA LEU D 284 -8.58 20.61 -2.68
C LEU D 284 -7.61 19.75 -1.88
N TYR D 285 -6.32 19.82 -2.21
CA TYR D 285 -5.32 18.93 -1.62
C TYR D 285 -5.10 19.21 -0.14
N GLU D 286 -4.84 20.47 0.21
CA GLU D 286 -4.40 20.81 1.56
C GLU D 286 -5.53 20.69 2.57
N LEU D 287 -6.77 20.70 2.08
CA LEU D 287 -7.91 20.50 2.96
C LEU D 287 -8.05 19.03 3.35
N LEU D 288 -7.76 18.12 2.41
CA LEU D 288 -8.17 16.74 2.59
C LEU D 288 -6.99 15.85 2.96
N ILE D 289 -5.93 15.87 2.17
CA ILE D 289 -4.86 14.87 2.27
C ILE D 289 -3.88 15.16 3.40
N ASN D 290 -3.36 16.39 3.50
CA ASN D 290 -2.28 16.71 4.44
C ASN D 290 -2.79 16.68 5.87
N PHE D 291 -1.86 16.48 6.81
CA PHE D 291 -2.18 16.31 8.23
C PHE D 291 -2.32 17.64 8.96
N HIS D 292 -2.04 18.76 8.28
CA HIS D 292 -1.78 20.04 8.96
C HIS D 292 -3.01 20.59 9.67
N GLY D 293 -4.21 20.24 9.21
CA GLY D 293 -5.41 20.83 9.75
C GLY D 293 -5.74 20.43 11.17
N PHE D 294 -6.17 19.17 11.34
CA PHE D 294 -6.73 18.63 12.59
C PHE D 294 -7.85 19.55 13.11
N ARG D 295 -8.88 19.67 12.29
CA ARG D 295 -9.97 20.60 12.54
C ARG D 295 -11.09 19.89 13.30
N ASP D 296 -12.25 20.54 13.40
CA ASP D 296 -13.40 20.00 14.11
C ASP D 296 -14.58 19.73 13.19
N ASN D 297 -14.32 19.46 11.91
CA ASN D 297 -15.38 19.19 10.94
C ASN D 297 -15.32 17.72 10.52
N PRO D 298 -16.14 16.85 11.09
CA PRO D 298 -16.08 15.42 10.72
C PRO D 298 -16.75 15.14 9.38
N GLY D 299 -17.75 15.95 9.01
CA GLY D 299 -18.45 15.72 7.76
C GLY D 299 -17.67 16.19 6.55
N LYS D 300 -16.76 17.14 6.74
CA LYS D 300 -16.00 17.68 5.62
C LYS D 300 -14.88 16.76 5.17
N THR D 301 -14.17 16.15 6.12
CA THR D 301 -13.01 15.33 5.84
C THR D 301 -13.37 13.85 5.89
N ILE D 302 -12.33 13.01 5.82
CA ILE D 302 -12.52 11.56 5.80
C ILE D 302 -13.04 11.05 7.15
N SER D 303 -13.49 9.80 7.15
CA SER D 303 -14.12 9.20 8.31
C SER D 303 -13.30 8.05 8.90
N TYR D 304 -12.03 7.92 8.51
CA TYR D 304 -10.99 7.11 9.13
C TYR D 304 -11.19 5.60 8.93
N ILE D 305 -12.34 5.20 8.39
CA ILE D 305 -12.53 3.83 7.96
C ILE D 305 -12.20 3.73 6.47
N VAL D 306 -12.37 4.83 5.74
CA VAL D 306 -11.96 4.87 4.34
C VAL D 306 -10.44 5.03 4.23
N LYS D 307 -9.79 5.56 5.27
CA LYS D 307 -8.34 5.74 5.23
C LYS D 307 -7.59 4.45 5.49
N ARG D 308 -8.26 3.40 5.95
CA ARG D 308 -7.59 2.13 6.23
C ARG D 308 -7.26 1.38 4.94
N ARG D 309 -8.15 1.44 3.95
CA ARG D 309 -7.96 0.79 2.66
C ARG D 309 -7.83 1.90 1.62
N ILE D 310 -6.62 2.43 1.47
CA ILE D 310 -6.44 3.63 0.67
C ILE D 310 -5.25 3.46 -0.27
N ASN D 311 -4.99 2.21 -0.63
CA ASN D 311 -3.73 1.63 -1.11
C ASN D 311 -2.88 2.46 -2.08
N GLU D 312 -3.49 3.32 -2.90
CA GLU D 312 -2.73 4.20 -3.77
C GLU D 312 -3.29 5.60 -3.72
N ILE D 313 -2.42 6.59 -3.95
CA ILE D 313 -2.81 8.00 -4.02
C ILE D 313 -2.07 8.66 -5.18
N ARG D 314 -2.80 9.29 -6.09
CA ARG D 314 -2.21 10.05 -7.17
C ARG D 314 -2.49 11.54 -6.97
N LEU D 315 -1.59 12.39 -7.46
CA LEU D 315 -1.76 13.83 -7.40
C LEU D 315 -1.50 14.43 -8.77
N SER D 316 -2.23 15.51 -9.08
CA SER D 316 -2.14 16.10 -10.40
C SER D 316 -2.48 17.59 -10.35
N ARG D 317 -2.04 18.30 -11.39
CA ARG D 317 -2.48 19.67 -11.72
C ARG D 317 -2.15 20.70 -10.64
N MET D 318 -1.11 20.47 -9.85
CA MET D 318 -0.73 21.43 -8.82
C MET D 318 0.67 21.97 -9.10
N ASN D 319 1.17 22.81 -8.19
CA ASN D 319 2.48 23.41 -8.35
C ASN D 319 3.44 23.08 -7.21
N GLN D 320 2.99 23.20 -5.96
CA GLN D 320 3.84 22.92 -4.80
C GLN D 320 3.07 22.07 -3.80
N ILE D 321 3.69 20.97 -3.37
CA ILE D 321 3.02 20.07 -2.44
C ILE D 321 3.25 20.50 -1.00
N SER D 322 4.36 21.18 -0.70
CA SER D 322 4.80 21.39 0.67
C SER D 322 4.62 22.82 1.17
N ARG D 323 4.07 23.71 0.34
CA ARG D 323 3.93 25.10 0.73
C ARG D 323 2.82 25.26 1.77
N THR D 324 2.84 26.42 2.45
CA THR D 324 1.92 26.81 3.51
C THR D 324 1.83 25.76 4.62
N GLY D 325 2.96 25.16 4.97
CA GLY D 325 2.97 24.11 5.97
C GLY D 325 3.99 23.02 5.71
N LEU D 326 3.52 21.79 5.64
CA LEU D 326 4.41 20.64 5.52
C LEU D 326 3.63 19.49 4.90
N ALA D 327 4.29 18.73 4.04
CA ALA D 327 3.67 17.62 3.34
C ALA D 327 3.93 16.34 4.14
N ASP D 328 3.00 16.01 5.02
CA ASP D 328 3.13 14.88 5.93
C ASP D 328 2.00 13.90 5.67
N PHE D 329 2.36 12.65 5.37
CA PHE D 329 1.39 11.62 5.04
C PHE D 329 1.19 10.62 6.17
N THR D 330 1.50 11.03 7.42
CA THR D 330 1.58 10.08 8.53
C THR D 330 0.22 9.53 8.94
N ARG D 331 -0.86 10.27 8.65
CA ARG D 331 -2.20 9.79 9.00
C ARG D 331 -2.63 8.64 8.10
N TRP D 332 -2.35 8.73 6.81
CA TRP D 332 -2.76 7.71 5.85
C TRP D 332 -1.92 6.46 6.03
N ASP D 333 -2.45 5.46 6.72
CA ASP D 333 -1.79 4.17 6.75
C ASP D 333 -1.98 3.45 5.43
N ASN D 334 -1.14 2.43 5.21
CA ASN D 334 -1.25 1.45 4.13
C ASN D 334 -1.19 2.11 2.75
N LEU D 335 -0.02 2.67 2.45
CA LEU D 335 0.31 3.17 1.12
C LEU D 335 1.42 2.33 0.55
N GLN D 336 1.13 1.63 -0.55
CA GLN D 336 2.14 0.90 -1.28
C GLN D 336 2.51 1.55 -2.61
N LYS D 337 1.88 2.67 -2.95
CA LYS D 337 2.26 3.40 -4.15
C LYS D 337 1.85 4.86 -3.99
N LEU D 338 2.37 5.70 -4.88
CA LEU D 338 2.12 7.13 -4.86
C LEU D 338 2.56 7.73 -6.19
N VAL D 339 1.77 8.66 -6.74
CA VAL D 339 2.02 9.23 -8.05
C VAL D 339 2.01 10.75 -7.93
N LEU D 340 3.10 11.39 -8.33
CA LEU D 340 3.19 12.85 -8.39
C LEU D 340 3.28 13.25 -9.86
N SER D 341 2.20 13.82 -10.39
CA SER D 341 2.11 14.11 -11.81
C SER D 341 1.86 15.59 -12.04
N ARG D 342 2.68 16.19 -12.92
CA ARG D 342 2.52 17.55 -13.44
C ARG D 342 2.52 18.58 -12.32
N VAL D 343 3.55 18.52 -11.49
CA VAL D 343 3.71 19.39 -10.33
C VAL D 343 4.95 20.24 -10.57
N ALA D 344 4.92 21.52 -10.18
CA ALA D 344 6.03 22.41 -10.50
C ALA D 344 7.24 22.18 -9.60
N TYR D 345 7.08 22.44 -8.31
CA TYR D 345 8.21 22.42 -7.37
C TYR D 345 7.84 21.61 -6.13
N ILE D 346 8.53 20.49 -5.92
CA ILE D 346 8.38 19.75 -4.67
C ILE D 346 9.73 19.72 -3.96
N ASP D 347 9.69 19.34 -2.69
CA ASP D 347 10.88 19.27 -1.86
C ASP D 347 10.82 17.96 -1.08
N LEU D 348 11.67 17.00 -1.44
CA LEU D 348 11.67 15.72 -0.76
C LEU D 348 12.19 15.83 0.67
N ASN D 349 13.00 16.85 0.95
CA ASN D 349 13.52 17.07 2.30
C ASN D 349 12.41 17.40 3.28
N SER D 350 11.34 18.04 2.83
CA SER D 350 10.23 18.39 3.70
C SER D 350 9.28 17.22 3.92
N ILE D 351 9.16 16.31 2.96
CA ILE D 351 8.12 15.28 2.98
C ILE D 351 8.58 14.14 3.87
N VAL D 352 7.70 13.72 4.79
CA VAL D 352 7.88 12.49 5.54
C VAL D 352 6.93 11.45 4.98
N PHE D 353 7.12 10.20 5.40
CA PHE D 353 6.42 9.10 4.78
C PHE D 353 5.90 8.12 5.83
N PRO D 354 4.81 7.40 5.54
CA PRO D 354 4.24 6.49 6.53
C PRO D 354 5.09 5.26 6.77
N LYS D 355 4.67 4.49 7.76
CA LYS D 355 5.11 3.11 7.90
C LYS D 355 4.60 2.30 6.72
N ASN D 356 5.43 1.35 6.27
CA ASN D 356 5.10 0.36 5.23
C ASN D 356 4.80 1.04 3.90
N PHE D 357 5.66 1.99 3.53
CA PHE D 357 5.57 2.71 2.28
C PHE D 357 6.48 2.05 1.25
N LYS D 358 6.00 1.89 0.02
CA LYS D 358 6.72 1.09 -0.96
C LYS D 358 7.21 1.88 -2.17
N SER D 359 6.32 2.52 -2.92
CA SER D 359 6.69 3.03 -4.24
C SER D 359 6.73 4.54 -4.27
N LEU D 360 7.33 5.08 -5.35
CA LEU D 360 7.44 6.52 -5.52
C LEU D 360 7.58 6.77 -7.02
N THR D 361 6.54 7.32 -7.64
CA THR D 361 6.52 7.60 -9.07
C THR D 361 6.29 9.09 -9.28
N MET D 362 7.12 9.71 -10.11
CA MET D 362 7.00 11.13 -10.41
C MET D 362 6.99 11.33 -11.91
N LYS D 363 5.91 11.91 -12.42
CA LYS D 363 5.78 12.28 -13.83
C LYS D 363 6.48 13.61 -14.10
N ARG D 364 6.17 14.24 -15.24
CA ARG D 364 6.85 15.44 -15.69
C ARG D 364 6.75 16.62 -14.71
N VAL D 365 7.88 16.99 -14.13
CA VAL D 365 7.97 18.07 -13.16
C VAL D 365 9.04 19.04 -13.61
N SER D 366 9.10 20.17 -12.91
CA SER D 366 10.15 21.16 -13.12
C SER D 366 11.31 20.85 -12.16
N LYS D 367 12.19 21.82 -11.95
CA LYS D 367 13.32 21.68 -11.04
C LYS D 367 12.85 21.38 -9.62
N ILE D 368 13.33 20.27 -9.05
CA ILE D 368 12.93 19.83 -7.73
C ILE D 368 14.18 19.57 -6.89
N LYS D 369 13.99 19.57 -5.57
CA LYS D 369 15.06 19.24 -4.65
C LYS D 369 14.93 17.79 -4.19
N TRP D 370 16.09 17.16 -3.99
CA TRP D 370 16.19 15.78 -3.58
C TRP D 370 16.54 15.74 -2.09
N TRP D 371 16.88 14.56 -1.58
CA TRP D 371 17.23 14.38 -0.19
C TRP D 371 18.58 15.04 0.14
N ASN D 372 18.90 15.10 1.43
CA ASN D 372 20.13 15.72 1.92
C ASN D 372 21.21 14.69 2.21
N ILE D 373 21.30 13.65 1.38
CA ILE D 373 22.20 12.54 1.65
C ILE D 373 23.66 12.97 1.49
N GLU D 374 23.97 13.71 0.42
CA GLU D 374 25.35 14.11 0.15
C GLU D 374 25.86 15.12 1.18
N GLU D 375 24.98 15.96 1.70
CA GLU D 375 25.36 16.85 2.79
C GLU D 375 25.61 16.08 4.09
N ASN D 376 25.04 14.89 4.22
CA ASN D 376 25.29 14.06 5.39
C ASN D 376 26.52 13.19 5.25
N ILE D 377 26.89 12.79 4.02
CA ILE D 377 28.21 12.19 3.82
C ILE D 377 29.30 13.24 3.99
N LEU D 378 29.06 14.46 3.50
CA LEU D 378 30.04 15.54 3.66
C LEU D 378 30.23 15.92 5.12
N LYS D 379 29.18 15.81 5.92
CA LYS D 379 29.28 16.05 7.36
C LYS D 379 29.67 14.81 8.13
N GLU D 380 29.99 13.71 7.46
CA GLU D 380 30.45 12.49 8.14
C GLU D 380 31.97 12.34 8.06
N LEU D 381 32.52 12.36 6.85
CA LEU D 381 33.95 12.19 6.66
C LEU D 381 34.75 13.43 7.00
N LYS D 382 34.07 14.57 7.19
CA LYS D 382 34.66 15.89 7.39
C LYS D 382 35.63 16.22 6.25
N VAL D 383 35.09 16.15 5.04
CA VAL D 383 35.89 16.33 3.82
C VAL D 383 35.17 17.36 2.96
N ASP D 384 35.94 18.08 2.15
CA ASP D 384 35.41 19.23 1.41
C ASP D 384 34.64 18.77 0.17
N LYS D 385 34.04 19.74 -0.51
CA LYS D 385 33.22 19.44 -1.69
C LYS D 385 34.09 19.06 -2.88
N ARG D 386 35.14 19.85 -3.14
CA ARG D 386 36.00 19.58 -4.29
C ARG D 386 36.85 18.33 -4.08
N THR D 387 37.23 18.04 -2.83
CA THR D 387 37.92 16.81 -2.53
C THR D 387 36.98 15.60 -2.58
N PHE D 388 35.69 15.81 -2.34
CA PHE D 388 34.73 14.72 -2.55
C PHE D 388 34.46 14.49 -4.03
N LYS D 389 34.57 15.54 -4.84
CA LYS D 389 34.44 15.39 -6.29
C LYS D 389 35.60 14.61 -6.90
N SER D 390 36.73 14.49 -6.20
CA SER D 390 37.80 13.58 -6.58
C SER D 390 37.75 12.29 -5.77
N LEU D 391 36.74 12.12 -4.92
CA LEU D 391 36.54 10.91 -4.14
C LEU D 391 35.51 9.98 -4.77
N TYR D 392 34.65 10.51 -5.63
CA TYR D 392 33.60 9.73 -6.30
C TYR D 392 34.20 9.06 -7.55
N ILE D 393 34.48 7.76 -7.44
CA ILE D 393 35.06 7.03 -8.56
C ILE D 393 33.99 6.80 -9.63
N LYS D 394 34.45 6.54 -10.86
CA LYS D 394 33.59 6.18 -11.97
C LYS D 394 34.11 4.92 -12.65
N GLU D 395 34.44 3.91 -11.83
CA GLU D 395 35.13 2.73 -12.33
C GLU D 395 34.17 1.73 -12.96
N ASP D 396 33.20 1.23 -12.19
CA ASP D 396 32.38 0.11 -12.62
C ASP D 396 31.18 0.55 -13.44
N ASP D 397 31.42 1.30 -14.53
CA ASP D 397 30.35 1.83 -15.35
C ASP D 397 30.15 1.07 -16.65
N SER D 398 31.00 0.09 -16.94
CA SER D 398 30.93 -0.63 -18.20
C SER D 398 30.42 -2.07 -18.06
N LYS D 399 30.09 -2.51 -16.85
CA LYS D 399 29.62 -3.87 -16.67
C LYS D 399 28.14 -3.99 -17.01
N PHE D 400 27.29 -3.31 -16.25
CA PHE D 400 25.85 -3.49 -16.29
C PHE D 400 25.09 -2.21 -16.60
N THR D 401 25.66 -1.04 -16.31
CA THR D 401 24.98 0.22 -16.54
C THR D 401 24.87 0.54 -18.04
N LYS D 402 25.66 -0.13 -18.88
CA LYS D 402 25.47 -0.01 -20.32
C LYS D 402 24.14 -0.60 -20.78
N PHE D 403 23.58 -1.54 -20.00
CA PHE D 403 22.24 -2.03 -20.30
C PHE D 403 21.17 -0.99 -19.96
N PHE D 404 21.46 -0.08 -19.02
CA PHE D 404 20.47 0.91 -18.62
C PHE D 404 20.17 1.94 -19.70
N ASN D 405 21.05 2.08 -20.71
CA ASN D 405 20.84 2.91 -21.91
C ASN D 405 20.60 4.37 -21.53
N LEU D 406 21.39 4.86 -20.58
CA LEU D 406 21.21 6.23 -20.09
C LEU D 406 21.79 7.24 -21.07
N ARG D 407 23.10 7.13 -21.34
CA ARG D 407 23.89 7.90 -22.32
C ARG D 407 24.04 9.39 -21.98
N HIS D 408 23.41 9.84 -20.90
CA HIS D 408 23.56 11.21 -20.43
C HIS D 408 24.06 11.27 -18.99
N THR D 409 23.46 10.49 -18.10
CA THR D 409 23.89 10.40 -16.71
C THR D 409 24.92 9.28 -16.61
N ARG D 410 26.18 9.66 -16.45
CA ARG D 410 27.23 8.67 -16.15
C ARG D 410 27.26 8.48 -14.64
N ILE D 411 26.91 7.27 -14.18
CA ILE D 411 26.79 7.05 -12.75
C ILE D 411 28.18 6.90 -12.13
N LYS D 412 28.29 7.27 -10.86
CA LYS D 412 29.57 7.27 -10.19
C LYS D 412 29.41 6.64 -8.81
N GLU D 413 30.43 5.92 -8.36
CA GLU D 413 30.42 5.25 -7.07
C GLU D 413 31.57 5.78 -6.20
N LEU D 414 31.74 5.16 -5.04
CA LEU D 414 32.86 5.48 -4.16
C LEU D 414 33.97 4.47 -4.34
N ASP D 415 35.21 4.95 -4.24
CA ASP D 415 36.37 4.10 -4.41
C ASP D 415 36.51 3.15 -3.22
N LYS D 416 36.91 1.90 -3.52
CA LYS D 416 37.10 0.92 -2.46
C LYS D 416 38.41 1.15 -1.72
N SER D 417 39.45 1.60 -2.44
CA SER D 417 40.74 1.84 -1.79
C SER D 417 40.73 3.12 -0.97
N GLU D 418 39.90 4.09 -1.33
CA GLU D 418 39.84 5.37 -0.66
C GLU D 418 38.89 5.40 0.53
N ILE D 419 38.48 4.23 1.04
CA ILE D 419 37.57 4.16 2.19
C ILE D 419 37.82 2.83 2.88
N ASN D 420 37.45 2.75 4.16
CA ASN D 420 37.52 1.51 4.89
C ASN D 420 36.26 0.69 4.65
N GLN D 421 36.16 -0.47 5.30
CA GLN D 421 34.98 -1.30 5.16
C GLN D 421 33.84 -0.79 6.03
N ILE D 422 34.13 -0.57 7.31
CA ILE D 422 33.10 -0.16 8.27
C ILE D 422 32.62 1.25 7.98
N THR D 423 33.50 2.11 7.47
CA THR D 423 33.09 3.43 7.07
C THR D 423 32.18 3.38 5.84
N TYR D 424 32.40 2.40 4.96
CA TYR D 424 31.53 2.23 3.80
C TYR D 424 30.14 1.73 4.22
N LEU D 425 30.11 0.81 5.20
CA LEU D 425 28.84 0.36 5.76
C LEU D 425 28.10 1.49 6.47
N ARG D 426 28.84 2.38 7.15
CA ARG D 426 28.22 3.53 7.78
C ARG D 426 27.70 4.52 6.74
N CYS D 427 28.39 4.62 5.59
CA CYS D 427 27.90 5.44 4.49
C CYS D 427 26.58 4.89 3.94
N GLN D 428 26.49 3.56 3.81
CA GLN D 428 25.23 2.94 3.39
C GLN D 428 24.12 3.18 4.42
N ALA D 429 24.47 3.15 5.71
CA ALA D 429 23.50 3.43 6.76
C ALA D 429 23.01 4.87 6.72
N ILE D 430 23.89 5.81 6.37
CA ILE D 430 23.49 7.20 6.20
C ILE D 430 22.58 7.34 5.00
N VAL D 431 22.85 6.58 3.94
CA VAL D 431 22.00 6.61 2.74
C VAL D 431 20.60 6.10 3.06
N TRP D 432 20.48 5.02 3.83
CA TRP D 432 19.16 4.47 4.10
C TRP D 432 18.35 5.33 5.07
N LEU D 433 19.00 6.19 5.86
CA LEU D 433 18.26 7.16 6.64
C LEU D 433 17.67 8.22 5.72
N SER D 434 16.42 8.62 6.03
CA SER D 434 15.53 9.39 5.15
C SER D 434 15.27 8.70 3.81
N PHE D 435 15.47 7.38 3.77
CA PHE D 435 15.20 6.59 2.58
C PHE D 435 14.67 5.22 3.00
N ARG D 436 13.93 5.18 4.12
CA ARG D 436 13.75 4.00 4.98
C ARG D 436 13.14 2.79 4.28
N THR D 437 11.89 2.91 3.84
CA THR D 437 11.23 1.86 3.08
C THR D 437 10.79 2.44 1.76
N LEU D 438 11.48 2.05 0.69
CA LEU D 438 11.13 2.39 -0.68
C LEU D 438 11.62 1.26 -1.57
N ASN D 439 10.81 0.87 -2.55
CA ASN D 439 11.27 -0.15 -3.48
C ASN D 439 11.75 0.46 -4.79
N HIS D 440 10.92 1.22 -5.49
CA HIS D 440 11.36 1.75 -6.77
C HIS D 440 10.97 3.21 -6.90
N ILE D 441 11.83 3.98 -7.55
CA ILE D 441 11.58 5.37 -7.86
C ILE D 441 11.54 5.50 -9.37
N LYS D 442 10.39 5.91 -9.89
CA LYS D 442 10.20 6.06 -11.32
C LYS D 442 10.18 7.54 -11.68
N LEU D 443 10.92 7.91 -12.72
CA LEU D 443 11.04 9.30 -13.13
C LEU D 443 10.82 9.44 -14.63
N GLN D 444 9.87 10.30 -14.98
CA GLN D 444 9.79 10.85 -16.34
C GLN D 444 10.70 12.07 -16.44
N ASN D 445 10.53 12.87 -17.47
CA ASN D 445 11.35 14.07 -17.65
C ASN D 445 11.16 15.10 -16.54
N VAL D 446 12.22 15.33 -15.76
CA VAL D 446 12.18 16.27 -14.65
C VAL D 446 12.94 17.56 -14.96
N SER D 447 13.88 17.54 -15.91
CA SER D 447 14.58 18.65 -16.55
C SER D 447 15.60 19.37 -15.66
N GLU D 448 15.61 19.09 -14.36
CA GLU D 448 16.58 19.63 -13.40
C GLU D 448 16.36 18.96 -12.05
N VAL D 449 17.47 18.67 -11.36
CA VAL D 449 17.47 18.26 -9.96
C VAL D 449 18.58 19.05 -9.26
N PHE D 450 18.23 19.73 -8.17
CA PHE D 450 19.20 20.61 -7.51
C PHE D 450 20.28 19.82 -6.79
N ASN D 451 19.90 19.08 -5.75
CA ASN D 451 20.88 18.66 -4.74
C ASN D 451 21.29 17.20 -4.92
N ASN D 452 22.15 16.98 -5.93
CA ASN D 452 23.17 15.92 -5.90
C ASN D 452 22.68 14.49 -5.70
N ILE D 453 22.02 13.90 -6.69
CA ILE D 453 21.46 12.54 -6.66
C ILE D 453 22.47 11.49 -6.19
N ILE D 454 22.18 10.84 -5.06
CA ILE D 454 23.06 9.80 -4.53
C ILE D 454 22.24 8.66 -3.92
N VAL D 455 22.03 7.61 -4.70
CA VAL D 455 20.98 6.62 -4.50
C VAL D 455 21.64 5.32 -4.06
N PRO D 456 20.98 4.41 -3.34
CA PRO D 456 21.61 3.13 -3.01
C PRO D 456 21.58 2.14 -4.16
N ARG D 457 22.60 1.27 -4.16
CA ARG D 457 22.74 0.29 -5.22
C ARG D 457 21.71 -0.83 -5.11
N ALA D 458 21.23 -1.11 -3.89
CA ALA D 458 20.24 -2.15 -3.68
C ALA D 458 18.92 -1.87 -4.39
N LEU D 459 18.63 -0.61 -4.71
CA LEU D 459 17.55 -0.27 -5.61
C LEU D 459 18.05 0.12 -6.99
N PHE D 460 19.36 0.15 -7.19
CA PHE D 460 19.94 0.50 -8.49
C PHE D 460 20.49 -0.70 -9.23
N ASP D 461 20.96 -1.74 -8.52
CA ASP D 461 21.55 -2.89 -9.20
C ASP D 461 20.48 -3.74 -9.86
N SER D 462 19.38 -3.97 -9.17
CA SER D 462 18.17 -4.42 -9.84
C SER D 462 17.55 -3.22 -10.55
N LYS D 463 16.61 -3.48 -11.45
CA LYS D 463 15.97 -2.39 -12.19
C LYS D 463 14.84 -1.77 -11.38
N ARG D 464 15.16 -1.15 -10.25
CA ARG D 464 14.13 -0.48 -9.47
C ARG D 464 14.17 1.03 -9.68
N VAL D 465 15.33 1.66 -9.44
CA VAL D 465 15.48 3.08 -9.70
C VAL D 465 15.53 3.27 -11.21
N GLU D 466 14.43 3.78 -11.77
CA GLU D 466 14.27 3.87 -13.21
C GLU D 466 14.09 5.33 -13.59
N ILE D 467 15.09 5.90 -14.24
CA ILE D 467 14.97 7.18 -14.92
C ILE D 467 14.89 6.89 -16.41
N TYR D 468 13.99 7.57 -17.11
CA TYR D 468 13.65 7.19 -18.47
C TYR D 468 14.04 8.24 -19.51
N ARG D 469 13.54 9.46 -19.41
CA ARG D 469 13.84 10.50 -20.39
C ARG D 469 14.43 11.71 -19.65
N CYS D 470 15.72 11.68 -19.40
CA CYS D 470 16.40 12.76 -18.69
C CYS D 470 17.76 12.95 -19.33
N GLU D 471 17.83 13.80 -20.34
CA GLU D 471 19.12 14.24 -20.88
C GLU D 471 19.66 15.43 -20.12
N LYS D 472 18.80 16.19 -19.43
CA LYS D 472 19.25 17.37 -18.71
C LYS D 472 19.90 16.99 -17.38
N ILE D 473 19.47 15.89 -16.79
CA ILE D 473 20.15 15.36 -15.60
C ILE D 473 21.51 14.81 -16.02
N SER D 474 22.52 15.02 -15.17
CA SER D 474 23.86 14.57 -15.53
C SER D 474 24.52 13.72 -14.46
N GLN D 475 24.30 14.02 -13.17
CA GLN D 475 25.05 13.41 -12.09
C GLN D 475 24.15 12.44 -11.33
N VAL D 476 24.49 11.16 -11.39
CA VAL D 476 23.86 10.12 -10.58
C VAL D 476 24.97 9.41 -9.81
N LEU D 477 24.90 9.46 -8.48
CA LEU D 477 25.82 8.75 -7.62
C LEU D 477 25.10 7.51 -7.10
N VAL D 478 25.82 6.41 -6.99
CA VAL D 478 25.27 5.12 -6.56
C VAL D 478 26.19 4.53 -5.50
N ILE D 479 25.63 4.17 -4.33
CA ILE D 479 26.42 3.62 -3.23
C ILE D 479 25.99 2.19 -2.96
N GLY D 480 26.95 1.29 -2.96
CA GLY D 480 26.72 -0.10 -2.61
C GLY D 480 27.72 -0.98 -3.34
N SER D 481 27.89 -2.19 -2.81
CA SER D 481 28.80 -3.14 -3.42
C SER D 481 28.14 -3.85 -4.59
N ARG D 482 28.82 -3.91 -5.73
CA ARG D 482 28.33 -4.62 -6.90
C ARG D 482 28.90 -6.03 -7.01
N SER D 483 29.25 -6.65 -5.90
CA SER D 483 29.84 -7.98 -5.89
C SER D 483 28.83 -9.06 -6.26
N GLN E 45 -12.36 23.29 -26.24
CA GLN E 45 -12.83 24.12 -25.10
C GLN E 45 -12.59 25.60 -25.46
N TYR E 46 -11.35 26.06 -25.36
CA TYR E 46 -10.94 27.41 -25.81
C TYR E 46 -11.38 27.66 -27.28
N LYS E 47 -11.06 26.71 -28.16
CA LYS E 47 -11.33 26.85 -29.60
C LYS E 47 -12.78 27.06 -29.99
N THR E 48 -13.70 26.46 -29.26
CA THR E 48 -15.07 26.56 -29.75
C THR E 48 -15.49 28.03 -29.53
N TYR E 49 -14.98 28.65 -28.44
CA TYR E 49 -15.30 30.09 -28.23
C TYR E 49 -14.52 31.04 -29.09
N TYR E 50 -13.19 30.86 -29.14
CA TYR E 50 -12.46 31.85 -29.87
C TYR E 50 -12.69 31.77 -31.38
N THR E 51 -13.05 30.59 -31.92
CA THR E 51 -13.54 30.50 -33.29
C THR E 51 -14.70 31.46 -33.64
N LYS E 52 -15.64 31.60 -32.73
CA LYS E 52 -16.74 32.56 -32.96
C LYS E 52 -16.20 33.97 -33.12
N TYR E 53 -15.16 34.33 -32.34
CA TYR E 53 -14.54 35.62 -32.53
C TYR E 53 -13.98 35.79 -33.88
N ILE E 54 -13.26 34.80 -34.40
CA ILE E 54 -12.67 34.88 -35.72
C ILE E 54 -13.76 35.00 -36.78
N GLN E 55 -14.83 34.22 -36.63
CA GLN E 55 -15.93 34.31 -37.61
C GLN E 55 -16.59 35.69 -37.60
N TRP E 56 -16.74 36.27 -36.41
CA TRP E 56 -17.34 37.58 -36.35
C TRP E 56 -16.33 38.56 -37.02
N CYS E 57 -14.99 38.48 -36.74
CA CYS E 57 -14.05 39.38 -37.48
C CYS E 57 -14.20 39.27 -39.02
N GLN E 58 -14.40 38.03 -39.47
CA GLN E 58 -14.54 37.79 -40.94
C GLN E 58 -15.82 38.41 -41.44
N LEU E 59 -16.90 38.15 -40.73
CA LEU E 59 -18.27 38.58 -41.18
C LEU E 59 -18.38 40.08 -41.16
N ASN E 60 -17.64 40.75 -40.22
CA ASN E 60 -17.66 42.19 -40.20
C ASN E 60 -16.53 42.80 -41.06
N GLN E 61 -15.72 41.99 -41.75
CA GLN E 61 -14.67 42.49 -42.63
C GLN E 61 -13.58 43.20 -41.81
N ILE E 62 -13.48 42.86 -40.52
CA ILE E 62 -12.31 43.32 -39.77
C ILE E 62 -11.07 42.59 -40.32
N ILE E 63 -11.24 41.35 -40.77
CA ILE E 63 -10.14 40.65 -41.49
C ILE E 63 -10.75 40.06 -42.79
N PRO E 64 -9.91 39.75 -43.82
CA PRO E 64 -10.52 39.11 -45.02
C PRO E 64 -10.94 37.67 -44.69
N THR E 65 -11.78 37.08 -45.52
CA THR E 65 -12.31 35.73 -45.27
C THR E 65 -11.56 34.82 -46.22
N PRO E 66 -10.95 33.72 -45.71
CA PRO E 66 -10.14 32.81 -46.55
C PRO E 66 -10.84 32.32 -47.83
N SER E 73 -9.09 28.53 -41.04
CA SER E 73 -8.05 28.37 -40.05
C SER E 73 -7.95 29.62 -39.12
N VAL E 74 -6.96 29.67 -38.22
CA VAL E 74 -6.75 30.88 -37.41
C VAL E 74 -5.74 31.83 -38.10
N PRO E 75 -6.08 33.12 -38.33
CA PRO E 75 -5.04 33.95 -38.94
C PRO E 75 -4.12 34.45 -37.83
N TYR E 76 -3.27 33.53 -37.30
CA TYR E 76 -2.40 33.87 -36.16
C TYR E 76 -1.70 35.25 -36.16
N LYS E 77 -1.22 35.70 -37.31
CA LYS E 77 -0.36 36.92 -37.33
C LYS E 77 -1.07 38.25 -37.47
N ASP E 78 -2.22 38.16 -38.03
CA ASP E 78 -2.88 39.22 -38.68
C ASP E 78 -4.17 39.51 -37.89
N LEU E 79 -4.61 38.58 -37.06
CA LEU E 79 -5.87 38.81 -36.33
C LEU E 79 -5.74 39.91 -35.30
N PRO E 80 -6.58 40.97 -35.39
CA PRO E 80 -6.45 41.95 -34.31
C PRO E 80 -7.24 41.47 -33.07
N ILE E 81 -6.64 41.64 -31.87
CA ILE E 81 -7.30 41.30 -30.65
C ILE E 81 -7.04 42.44 -29.69
N SER E 82 -8.09 43.04 -29.18
CA SER E 82 -7.92 44.07 -28.17
C SER E 82 -9.16 44.02 -27.27
N ALA E 83 -9.09 44.71 -26.13
CA ALA E 83 -10.23 44.80 -25.20
C ALA E 83 -11.48 45.32 -25.95
N GLU E 84 -11.33 46.39 -26.73
CA GLU E 84 -12.48 46.99 -27.39
C GLU E 84 -13.08 46.10 -28.49
N LEU E 85 -12.23 45.40 -29.25
CA LEU E 85 -12.82 44.45 -30.23
C LEU E 85 -13.50 43.28 -29.55
N ILE E 86 -12.88 42.75 -28.46
CA ILE E 86 -13.54 41.67 -27.77
C ILE E 86 -14.92 42.13 -27.20
N HIS E 87 -14.96 43.35 -26.67
CA HIS E 87 -16.16 43.79 -26.07
C HIS E 87 -17.18 43.97 -27.19
N TRP E 88 -16.77 44.53 -28.32
CA TRP E 88 -17.68 44.75 -29.38
C TRP E 88 -18.24 43.40 -29.86
N PHE E 89 -17.36 42.41 -30.02
CA PHE E 89 -17.81 41.06 -30.34
C PHE E 89 -18.88 40.55 -29.36
N LEU E 90 -18.65 40.74 -28.07
CA LEU E 90 -19.57 40.31 -27.03
C LEU E 90 -20.90 41.02 -27.14
N LEU E 91 -20.82 42.33 -27.41
CA LEU E 91 -22.04 43.11 -27.49
C LEU E 91 -22.88 42.79 -28.71
N ASP E 92 -22.20 42.51 -29.80
CA ASP E 92 -22.94 42.09 -31.04
C ASP E 92 -23.53 40.70 -30.95
N THR E 93 -22.95 39.80 -30.16
CA THR E 93 -23.29 38.38 -30.24
C THR E 93 -23.94 38.05 -28.86
N LEU E 94 -23.15 37.76 -27.86
CA LEU E 94 -23.65 37.19 -26.62
C LEU E 94 -24.67 38.06 -25.80
N ILE E 95 -24.35 39.33 -25.64
CA ILE E 95 -25.06 40.14 -24.66
C ILE E 95 -26.48 40.49 -25.11
N THR E 96 -26.60 40.90 -26.33
CA THR E 96 -27.79 41.55 -26.73
C THR E 96 -28.70 40.47 -27.26
N ASP E 97 -29.18 39.62 -26.37
CA ASP E 97 -29.99 38.46 -26.70
C ASP E 97 -31.45 38.88 -26.69
N ASP E 98 -31.81 39.68 -27.67
CA ASP E 98 -33.15 40.22 -27.77
C ASP E 98 -34.23 39.12 -27.71
N GLU E 108 -38.97 35.77 -18.50
CA GLU E 108 -39.31 34.34 -18.51
C GLU E 108 -38.97 33.61 -17.23
N ASP E 109 -39.31 34.24 -16.10
CA ASP E 109 -39.22 33.67 -14.73
C ASP E 109 -38.01 32.71 -14.52
N LEU E 110 -38.24 31.40 -14.33
CA LEU E 110 -37.11 30.48 -14.06
C LEU E 110 -36.23 30.23 -15.29
N ASP E 111 -36.78 30.29 -16.50
CA ASP E 111 -35.89 30.25 -17.72
C ASP E 111 -34.94 31.46 -17.77
N GLU E 112 -35.45 32.63 -17.48
CA GLU E 112 -34.62 33.82 -17.51
C GLU E 112 -33.47 33.79 -16.50
N GLU E 113 -33.76 33.46 -15.26
CA GLU E 113 -32.72 33.28 -14.24
C GLU E 113 -31.59 32.33 -14.67
N GLU E 114 -31.95 31.18 -15.21
CA GLU E 114 -30.96 30.21 -15.75
C GLU E 114 -30.20 30.75 -16.97
N GLU E 115 -30.91 31.37 -17.91
CA GLU E 115 -30.25 31.93 -19.10
C GLU E 115 -29.26 33.06 -18.73
N ASN E 116 -29.59 33.79 -17.68
CA ASN E 116 -28.70 34.90 -17.22
C ASN E 116 -27.40 34.36 -16.63
N SER E 117 -27.52 33.36 -15.77
CA SER E 117 -26.41 32.63 -15.19
C SER E 117 -25.53 32.06 -16.25
N PHE E 118 -26.18 31.46 -17.22
CA PHE E 118 -25.50 30.90 -18.31
C PHE E 118 -24.75 31.96 -19.16
N LYS E 119 -25.40 33.09 -19.47
CA LYS E 119 -24.75 34.24 -20.13
C LYS E 119 -23.48 34.70 -19.40
N ILE E 120 -23.50 34.88 -18.09
CA ILE E 120 -22.25 35.34 -17.44
C ILE E 120 -21.16 34.26 -17.38
N ALA E 121 -21.57 32.99 -17.17
CA ALA E 121 -20.62 31.87 -17.33
C ALA E 121 -19.98 31.91 -18.73
N THR E 122 -20.76 32.17 -19.76
CA THR E 122 -20.27 32.10 -21.13
C THR E 122 -19.39 33.32 -21.40
N LEU E 123 -19.76 34.45 -20.81
CA LEU E 123 -18.97 35.67 -20.95
C LEU E 123 -17.60 35.40 -20.43
N LYS E 124 -17.56 34.78 -19.25
CA LYS E 124 -16.22 34.51 -18.65
C LYS E 124 -15.37 33.55 -19.45
N LYS E 125 -15.99 32.49 -19.93
CA LYS E 125 -15.32 31.56 -20.82
C LYS E 125 -14.88 32.16 -22.19
N ILE E 126 -15.68 33.06 -22.76
CA ILE E 126 -15.27 33.70 -24.01
C ILE E 126 -14.03 34.58 -23.72
N ILE E 127 -14.12 35.37 -22.65
CA ILE E 127 -12.96 36.18 -22.25
C ILE E 127 -11.73 35.33 -22.02
N GLY E 128 -11.86 34.24 -21.26
CA GLY E 128 -10.66 33.38 -20.96
C GLY E 128 -10.15 32.78 -22.28
N SER E 129 -11.04 32.34 -23.18
CA SER E 129 -10.65 31.83 -24.51
C SER E 129 -9.92 32.82 -25.39
N LEU E 130 -10.28 34.11 -25.32
CA LEU E 130 -9.65 35.07 -26.20
C LEU E 130 -8.34 35.54 -25.58
N ASN E 131 -8.27 35.52 -24.27
CA ASN E 131 -6.94 35.65 -23.62
C ASN E 131 -5.99 34.53 -24.05
N PHE E 132 -6.54 33.31 -24.16
CA PHE E 132 -5.72 32.20 -24.60
C PHE E 132 -5.35 32.40 -26.06
N LEU E 133 -6.30 32.73 -26.95
CA LEU E 133 -6.00 33.01 -28.34
C LEU E 133 -4.95 34.08 -28.49
N SER E 134 -5.02 35.11 -27.66
CA SER E 134 -4.01 36.17 -27.74
C SER E 134 -2.61 35.62 -27.46
N LYS E 135 -2.47 34.69 -26.51
CA LYS E 135 -1.11 34.17 -26.23
C LYS E 135 -0.65 33.34 -27.43
N LEU E 136 -1.55 32.61 -28.07
CA LEU E 136 -1.19 31.77 -29.21
C LEU E 136 -0.80 32.74 -30.38
N CYS E 137 -1.55 33.83 -30.58
CA CYS E 137 -1.13 34.82 -31.64
C CYS E 137 0.24 35.45 -31.34
N LYS E 138 0.46 35.72 -30.08
CA LYS E 138 1.81 36.23 -29.69
C LYS E 138 2.99 35.23 -29.93
N VAL E 139 2.74 33.98 -29.67
CA VAL E 139 3.65 32.85 -30.19
C VAL E 139 4.03 33.04 -31.65
N HIS E 140 3.05 33.45 -32.48
CA HIS E 140 3.33 33.74 -33.90
C HIS E 140 3.79 35.15 -34.18
N GLU E 141 4.16 35.88 -33.15
CA GLU E 141 4.59 37.30 -33.26
C GLU E 141 3.56 38.24 -33.87
N ASN E 142 2.30 38.02 -33.57
CA ASN E 142 1.25 38.97 -33.93
C ASN E 142 1.52 40.30 -33.14
N PRO E 143 1.67 41.41 -33.85
CA PRO E 143 1.94 42.68 -33.14
C PRO E 143 0.70 43.40 -32.54
N ASN E 144 -0.49 42.86 -32.71
CA ASN E 144 -1.69 43.60 -32.32
C ASN E 144 -2.68 42.70 -31.64
N ALA E 145 -2.24 41.99 -30.59
CA ALA E 145 -3.08 41.04 -29.86
C ALA E 145 -3.03 41.33 -28.31
N ASN E 146 -2.63 42.53 -27.96
CA ASN E 146 -2.59 42.95 -26.57
C ASN E 146 -3.93 43.23 -26.04
N ILE E 147 -4.24 42.61 -24.91
CA ILE E 147 -5.55 42.83 -24.29
C ILE E 147 -5.45 43.65 -23.01
N ASP E 148 -6.15 44.79 -22.96
CA ASP E 148 -6.28 45.51 -21.67
C ASP E 148 -7.23 44.73 -20.72
N THR E 149 -6.67 43.87 -19.87
CA THR E 149 -7.51 42.95 -19.14
C THR E 149 -8.33 43.63 -18.02
N LYS E 150 -7.92 44.79 -17.55
CA LYS E 150 -8.74 45.55 -16.60
C LYS E 150 -10.06 45.99 -17.22
N TYR E 151 -10.00 46.42 -18.48
CA TYR E 151 -11.23 46.84 -19.14
C TYR E 151 -12.19 45.64 -19.15
N LEU E 152 -11.74 44.47 -19.60
CA LEU E 152 -12.58 43.27 -19.63
C LEU E 152 -13.00 42.76 -18.24
N GLU E 153 -12.17 42.92 -17.21
CA GLU E 153 -12.63 42.66 -15.85
C GLU E 153 -13.78 43.57 -15.43
N SER E 154 -13.77 44.84 -15.84
CA SER E 154 -14.93 45.73 -15.56
C SER E 154 -16.15 45.26 -16.31
N VAL E 155 -15.98 44.82 -17.54
CA VAL E 155 -17.20 44.27 -18.25
C VAL E 155 -17.80 43.06 -17.43
N THR E 156 -16.96 42.14 -17.00
CA THR E 156 -17.44 40.99 -16.25
C THR E 156 -18.10 41.48 -14.96
N LYS E 157 -17.46 42.41 -14.25
CA LYS E 157 -18.05 42.90 -13.02
C LYS E 157 -19.39 43.62 -13.27
N LEU E 158 -19.46 44.46 -14.34
CA LEU E 158 -20.73 45.07 -14.73
C LEU E 158 -21.90 44.06 -14.86
N HIS E 159 -21.69 42.97 -15.61
CA HIS E 159 -22.74 41.99 -15.85
C HIS E 159 -23.06 41.15 -14.64
N THR E 160 -22.03 40.86 -13.88
CA THR E 160 -22.17 40.09 -12.63
C THR E 160 -23.05 40.87 -11.66
N HIS E 161 -22.77 42.14 -11.51
CA HIS E 161 -23.59 43.00 -10.65
C HIS E 161 -25.00 43.08 -11.15
N TRP E 162 -25.22 43.31 -12.46
CA TRP E 162 -26.58 43.31 -12.95
C TRP E 162 -27.36 42.01 -12.72
N ILE E 163 -26.77 40.87 -13.12
CA ILE E 163 -27.46 39.58 -12.95
C ILE E 163 -27.70 39.26 -11.46
N ASP E 164 -26.66 39.46 -10.65
CA ASP E 164 -26.77 39.21 -9.20
C ASP E 164 -27.84 40.07 -8.52
N SER E 165 -27.96 41.33 -8.92
CA SER E 165 -29.01 42.13 -8.30
C SER E 165 -30.41 41.77 -8.87
N GLN E 166 -30.51 41.30 -10.12
CA GLN E 166 -31.80 40.76 -10.55
C GLN E 166 -32.07 39.47 -9.79
N LYS E 167 -31.04 38.67 -9.60
CA LYS E 167 -31.14 37.41 -8.82
C LYS E 167 -31.70 37.69 -7.43
N ALA E 168 -31.06 38.65 -6.73
CA ALA E 168 -31.51 39.15 -5.42
C ALA E 168 -33.03 39.45 -5.35
N ILE E 169 -33.59 40.10 -6.37
CA ILE E 169 -35.06 40.20 -6.48
C ILE E 169 -35.74 38.86 -6.87
N CYS E 183 -36.88 47.51 -1.07
CA CYS E 183 -36.96 48.53 -2.10
C CYS E 183 -35.58 49.16 -2.43
N PRO E 184 -35.23 49.30 -3.71
CA PRO E 184 -33.90 49.97 -3.90
C PRO E 184 -33.93 51.42 -3.37
N PRO E 185 -32.79 51.87 -2.86
CA PRO E 185 -32.65 53.20 -2.32
C PRO E 185 -32.95 54.22 -3.39
N LEU E 186 -32.51 53.98 -4.63
CA LEU E 186 -32.87 54.89 -5.71
C LEU E 186 -34.37 55.23 -5.69
N LEU E 187 -35.26 54.24 -5.59
CA LEU E 187 -36.68 54.57 -5.70
C LEU E 187 -37.21 55.19 -4.38
N LYS E 188 -36.78 54.62 -3.26
CA LYS E 188 -37.32 55.06 -1.97
C LYS E 188 -36.97 56.52 -1.70
N VAL E 189 -35.70 56.86 -1.89
CA VAL E 189 -35.25 58.23 -1.67
C VAL E 189 -35.93 59.13 -2.68
N SER E 190 -35.96 58.74 -3.95
CA SER E 190 -36.49 59.70 -4.95
C SER E 190 -37.95 60.05 -4.66
N LEU E 191 -38.76 59.03 -4.34
CA LEU E 191 -40.18 59.28 -4.19
C LEU E 191 -40.40 60.19 -2.96
N ASN E 192 -39.62 59.97 -1.89
CA ASN E 192 -39.77 60.75 -0.68
C ASN E 192 -39.30 62.19 -0.84
N LEU E 193 -38.29 62.42 -1.70
CA LEU E 193 -37.70 63.76 -1.85
C LEU E 193 -38.51 64.62 -2.82
N TRP E 194 -39.31 63.99 -3.65
CA TRP E 194 -40.28 64.72 -4.46
C TRP E 194 -41.48 65.16 -3.61
N ASN E 195 -41.73 64.47 -2.51
CA ASN E 195 -42.92 64.78 -1.69
C ASN E 195 -42.76 66.20 -1.05
N PRO E 196 -43.69 67.10 -1.36
CA PRO E 196 -43.59 68.44 -0.82
C PRO E 196 -43.93 68.52 0.67
N GLU E 197 -44.68 67.54 1.18
CA GLU E 197 -45.09 67.47 2.58
C GLU E 197 -44.33 66.47 3.39
N THR E 198 -43.18 66.89 3.89
CA THR E 198 -42.32 65.96 4.59
C THR E 198 -42.00 66.59 5.96
N ASN E 199 -43.03 66.67 6.82
CA ASN E 199 -42.94 67.18 8.21
C ASN E 199 -41.81 66.63 9.08
N HIS E 200 -41.45 65.38 8.87
CA HIS E 200 -40.48 64.72 9.73
C HIS E 200 -39.17 64.56 9.08
N LEU E 201 -38.95 65.30 7.99
CA LEU E 201 -37.64 65.13 7.27
C LEU E 201 -36.62 66.10 7.95
N SER E 202 -36.78 67.40 7.75
CA SER E 202 -35.87 68.35 8.44
C SER E 202 -36.19 69.68 7.96
N GLU E 203 -36.83 70.47 8.79
CA GLU E 203 -37.11 71.84 8.31
C GLU E 203 -35.81 72.66 8.30
N LYS E 204 -34.74 72.06 8.81
CA LYS E 204 -33.48 72.71 8.88
C LYS E 204 -32.72 72.55 7.58
N PHE E 205 -32.81 71.38 6.92
CA PHE E 205 -32.09 71.23 5.64
C PHE E 205 -32.95 71.19 4.40
N PHE E 206 -34.19 70.76 4.59
CA PHE E 206 -35.07 70.49 3.51
C PHE E 206 -36.34 71.27 3.64
N LYS E 207 -36.22 72.60 3.89
CA LYS E 207 -37.47 73.38 3.94
C LYS E 207 -38.16 73.43 2.57
N THR E 208 -37.40 73.63 1.48
CA THR E 208 -38.06 73.90 0.18
C THR E 208 -37.95 72.73 -0.80
N CYS E 209 -38.82 72.67 -1.81
CA CYS E 209 -38.71 71.64 -2.83
C CYS E 209 -37.44 71.82 -3.65
N SER E 210 -37.01 73.07 -3.76
CA SER E 210 -35.75 73.34 -4.41
C SER E 210 -34.60 72.63 -3.67
N GLU E 211 -34.56 72.77 -2.34
CA GLU E 211 -33.49 72.11 -1.59
C GLU E 211 -33.61 70.57 -1.68
N LYS E 212 -34.85 70.06 -1.68
CA LYS E 212 -35.03 68.62 -1.77
C LYS E 212 -34.53 68.11 -3.14
N LEU E 213 -34.93 68.81 -4.21
CA LEU E 213 -34.57 68.37 -5.57
C LEU E 213 -33.10 68.55 -5.81
N ARG E 214 -32.51 69.57 -5.20
CA ARG E 214 -31.10 69.74 -5.32
C ARG E 214 -30.34 68.53 -4.75
N PHE E 215 -30.76 68.13 -3.57
CA PHE E 215 -30.18 66.92 -3.01
C PHE E 215 -30.44 65.69 -3.95
N LEU E 216 -31.69 65.55 -4.41
CA LEU E 216 -32.03 64.39 -5.23
C LEU E 216 -31.20 64.27 -6.52
N VAL E 217 -30.99 65.40 -7.17
CA VAL E 217 -30.04 65.39 -8.31
C VAL E 217 -28.64 64.86 -7.96
N ASP E 218 -28.04 65.32 -6.86
CA ASP E 218 -26.72 64.76 -6.52
C ASP E 218 -26.86 63.25 -6.28
N PHE E 219 -27.96 62.84 -5.63
CA PHE E 219 -28.20 61.46 -5.29
C PHE E 219 -28.36 60.58 -6.56
N GLN E 220 -29.05 61.13 -7.59
CA GLN E 220 -29.32 60.42 -8.83
C GLN E 220 -28.03 60.46 -9.64
N LEU E 221 -27.24 61.53 -9.54
CA LEU E 221 -25.92 61.54 -10.26
C LEU E 221 -25.01 60.48 -9.67
N ARG E 222 -24.99 60.33 -8.34
CA ARG E 222 -24.22 59.23 -7.76
C ARG E 222 -24.85 57.89 -8.18
N SER E 223 -26.17 57.74 -8.08
CA SER E 223 -26.77 56.44 -8.34
C SER E 223 -26.56 55.94 -9.77
N TYR E 224 -26.59 56.87 -10.73
CA TYR E 224 -26.53 56.49 -12.17
C TYR E 224 -25.08 56.59 -12.66
N LEU E 225 -24.33 57.59 -12.19
CA LEU E 225 -22.99 57.82 -12.77
C LEU E 225 -21.83 57.18 -12.05
N ASN E 226 -22.07 56.71 -10.79
CA ASN E 226 -21.02 56.10 -9.92
C ASN E 226 -19.84 57.02 -9.85
N LEU E 227 -20.12 58.31 -9.58
CA LEU E 227 -19.06 59.30 -9.39
C LEU E 227 -18.92 59.61 -7.89
N SER E 228 -17.68 59.92 -7.43
CA SER E 228 -17.45 60.35 -6.06
C SER E 228 -18.06 61.74 -5.87
N PHE E 229 -18.15 62.24 -4.62
CA PHE E 229 -18.67 63.59 -4.43
C PHE E 229 -17.76 64.58 -5.14
N GLU E 230 -16.48 64.38 -5.00
CA GLU E 230 -15.60 65.37 -5.60
C GLU E 230 -15.78 65.44 -7.16
N GLU E 231 -15.96 64.29 -7.82
CA GLU E 231 -16.22 64.23 -9.28
C GLU E 231 -17.56 64.85 -9.61
N ARG E 232 -18.63 64.48 -8.87
CA ARG E 232 -19.94 65.10 -9.09
C ARG E 232 -19.88 66.58 -9.01
N SER E 233 -19.05 67.08 -8.08
CA SER E 233 -19.17 68.49 -7.76
C SER E 233 -18.49 69.35 -8.85
N LYS E 234 -17.73 68.69 -9.74
CA LYS E 234 -17.09 69.36 -10.89
C LYS E 234 -17.99 69.41 -12.13
N ILE E 235 -19.18 68.80 -12.10
CA ILE E 235 -20.13 68.92 -13.22
C ILE E 235 -20.66 70.31 -13.41
N ARG E 236 -20.50 70.84 -14.63
CA ARG E 236 -20.88 72.19 -14.95
C ARG E 236 -22.00 72.20 -15.98
N PHE E 237 -22.72 73.30 -16.13
CA PHE E 237 -23.75 73.34 -17.20
C PHE E 237 -23.15 72.96 -18.59
N GLY E 238 -21.88 73.29 -18.81
CA GLY E 238 -21.26 73.07 -20.07
C GLY E 238 -20.73 71.69 -20.22
N SER E 239 -20.78 70.86 -19.18
CA SER E 239 -20.25 69.49 -19.26
C SER E 239 -21.22 68.53 -19.97
N LEU E 240 -22.48 68.90 -20.09
CA LEU E 240 -23.54 67.97 -20.47
C LEU E 240 -24.05 68.27 -21.90
N LYS E 241 -24.19 67.25 -22.75
CA LYS E 241 -24.67 67.48 -24.13
C LYS E 241 -25.50 66.37 -24.49
N LEU E 242 -26.49 66.58 -25.35
CA LEU E 242 -27.28 65.48 -25.87
C LEU E 242 -26.45 64.52 -26.73
N GLY E 243 -26.80 63.23 -26.71
CA GLY E 243 -26.12 62.23 -27.55
C GLY E 243 -26.49 62.53 -29.00
N LYS E 244 -25.66 62.11 -29.95
CA LYS E 244 -25.93 62.30 -31.39
C LYS E 244 -26.57 61.08 -31.89
N ARG E 245 -26.12 59.90 -31.47
CA ARG E 245 -26.75 58.65 -31.87
C ARG E 245 -27.97 58.33 -31.01
N ASP E 246 -27.95 58.70 -29.71
CA ASP E 246 -29.15 58.49 -28.85
C ASP E 246 -29.49 59.87 -28.39
N ARG E 247 -30.49 60.47 -29.03
CA ARG E 247 -30.85 61.83 -28.67
C ARG E 247 -31.63 61.93 -27.34
N ASP E 248 -31.98 60.81 -26.74
CA ASP E 248 -32.51 60.78 -25.35
C ASP E 248 -31.46 60.67 -24.27
N ALA E 249 -30.20 60.55 -24.66
CA ALA E 249 -29.14 60.45 -23.63
C ALA E 249 -28.50 61.79 -23.41
N ILE E 250 -28.22 62.10 -22.16
CA ILE E 250 -27.40 63.24 -21.84
C ILE E 250 -26.04 62.66 -21.60
N ILE E 251 -25.02 63.20 -22.24
CA ILE E 251 -23.68 62.59 -22.20
C ILE E 251 -22.79 63.59 -21.46
N TYR E 252 -22.04 63.08 -20.47
CA TYR E 252 -20.98 63.83 -19.80
C TYR E 252 -19.66 63.26 -20.31
N HIS E 253 -18.92 64.07 -21.06
CA HIS E 253 -17.67 63.59 -21.67
C HIS E 253 -16.56 64.21 -20.84
N LYS E 254 -15.92 63.40 -20.03
CA LYS E 254 -14.86 63.84 -19.07
C LYS E 254 -13.51 63.62 -19.77
N VAL E 255 -12.69 64.64 -19.99
CA VAL E 255 -11.30 64.47 -20.52
C VAL E 255 -10.30 64.82 -19.40
N THR E 256 -9.45 63.86 -19.04
CA THR E 256 -8.47 63.98 -17.94
C THR E 256 -7.04 63.96 -18.52
N HIS E 257 -6.07 64.54 -17.82
CA HIS E 257 -4.71 64.41 -18.33
C HIS E 257 -3.72 63.63 -17.49
N SER E 258 -3.30 62.50 -18.07
CA SER E 258 -2.58 61.40 -17.40
C SER E 258 -2.80 61.25 -15.87
N PRO E 265 -0.69 60.97 -22.03
CA PRO E 265 -1.46 60.19 -23.01
C PRO E 265 -3.02 60.32 -22.88
N GLY E 266 -3.52 61.51 -22.46
CA GLY E 266 -4.96 61.93 -22.43
C GLY E 266 -5.99 60.83 -22.12
N HIS E 267 -7.05 61.16 -21.36
CA HIS E 267 -8.04 60.14 -20.97
C HIS E 267 -9.45 60.59 -21.17
N HIS E 268 -10.27 59.73 -21.79
CA HIS E 268 -11.64 60.09 -22.07
C HIS E 268 -12.57 59.11 -21.37
N GLN E 269 -13.44 59.67 -20.54
CA GLN E 269 -14.46 58.86 -19.87
C GLN E 269 -15.82 59.48 -20.21
N LEU E 270 -16.69 58.70 -20.82
CA LEU E 270 -18.02 59.17 -21.19
C LEU E 270 -19.13 58.51 -20.34
N LEU E 271 -20.08 59.31 -19.86
CA LEU E 271 -21.12 58.73 -18.96
C LEU E 271 -22.46 59.17 -19.51
N ALA E 272 -23.53 58.40 -19.31
CA ALA E 272 -24.83 58.81 -19.89
C ALA E 272 -25.91 58.82 -18.82
N LEU E 273 -26.79 59.81 -18.88
CA LEU E 273 -28.08 59.79 -18.14
C LEU E 273 -29.21 59.58 -19.12
N LEU E 274 -29.96 58.50 -18.92
CA LEU E 274 -31.10 58.18 -19.74
C LEU E 274 -32.38 58.51 -18.97
N PRO E 275 -33.45 58.75 -19.70
CA PRO E 275 -34.72 58.96 -18.99
C PRO E 275 -35.24 57.67 -18.33
N GLN E 276 -36.13 57.86 -17.38
CA GLN E 276 -36.78 56.72 -16.75
C GLN E 276 -38.25 56.82 -16.94
N ASP E 277 -38.90 55.66 -17.13
CA ASP E 277 -40.36 55.68 -17.27
C ASP E 277 -41.00 56.23 -15.98
N CYS E 278 -40.42 55.89 -14.83
CA CYS E 278 -41.01 56.36 -13.57
C CYS E 278 -40.43 57.76 -13.38
N PRO E 279 -41.32 58.77 -13.32
CA PRO E 279 -40.88 60.19 -13.37
C PRO E 279 -40.06 60.54 -12.20
N PHE E 280 -40.30 59.90 -11.06
CA PHE E 280 -39.63 60.38 -9.82
C PHE E 280 -38.17 59.99 -9.80
N ILE E 281 -37.85 58.85 -10.44
CA ILE E 281 -36.42 58.48 -10.48
C ILE E 281 -35.73 58.92 -11.77
N CYS E 282 -36.46 59.60 -12.65
CA CYS E 282 -35.89 60.05 -13.94
C CYS E 282 -34.93 61.18 -13.64
N PRO E 283 -33.60 61.02 -14.00
CA PRO E 283 -32.63 62.09 -13.68
C PRO E 283 -32.88 63.33 -14.56
N GLN E 284 -33.45 63.13 -15.71
CA GLN E 284 -33.73 64.22 -16.63
C GLN E 284 -34.88 65.03 -16.07
N THR E 285 -35.95 64.34 -15.71
CA THR E 285 -37.12 65.03 -15.06
C THR E 285 -36.70 65.75 -13.81
N THR E 286 -35.96 65.04 -12.96
CA THR E 286 -35.55 65.61 -11.68
C THR E 286 -34.67 66.80 -11.89
N LEU E 287 -33.69 66.69 -12.77
CA LEU E 287 -32.81 67.80 -13.03
C LEU E 287 -33.60 69.02 -13.56
N ALA E 288 -34.53 68.77 -14.47
CA ALA E 288 -35.29 69.87 -15.07
C ALA E 288 -36.15 70.58 -14.01
N ALA E 289 -36.81 69.80 -13.16
CA ALA E 289 -37.58 70.39 -12.01
C ALA E 289 -36.66 71.24 -11.13
N TYR E 290 -35.50 70.73 -10.81
CA TYR E 290 -34.53 71.47 -9.98
C TYR E 290 -34.17 72.79 -10.73
N LEU E 291 -33.89 72.70 -12.05
CA LEU E 291 -33.49 73.87 -12.77
C LEU E 291 -34.63 74.88 -12.85
N TYR E 292 -35.85 74.36 -13.00
CA TYR E 292 -37.05 75.17 -13.07
C TYR E 292 -37.10 76.08 -11.81
N LEU E 293 -36.96 75.46 -10.64
CA LEU E 293 -36.99 76.21 -9.36
C LEU E 293 -35.81 77.09 -9.21
N ARG E 294 -34.65 76.58 -9.59
CA ARG E 294 -33.41 77.41 -9.48
C ARG E 294 -33.51 78.69 -10.32
N PHE E 295 -34.00 78.55 -11.57
CA PHE E 295 -34.02 79.73 -12.48
C PHE E 295 -35.18 80.68 -12.16
N TYR E 296 -36.38 80.15 -11.84
CA TYR E 296 -37.56 80.97 -11.68
C TYR E 296 -38.09 81.14 -10.29
N GLY E 297 -37.50 80.47 -9.31
CA GLY E 297 -37.91 80.60 -7.88
C GLY E 297 -39.34 80.11 -7.72
N ILE E 298 -40.11 80.68 -6.78
CA ILE E 298 -41.53 80.40 -6.59
C ILE E 298 -42.22 81.75 -6.72
N PRO E 299 -43.17 81.87 -7.66
CA PRO E 299 -43.64 83.17 -8.25
C PRO E 299 -44.10 84.26 -7.29
N SER E 300 -45.00 83.94 -6.37
CA SER E 300 -45.31 84.98 -5.38
C SER E 300 -44.29 84.99 -4.24
N VAL E 301 -43.42 84.00 -4.22
CA VAL E 301 -42.63 83.76 -3.03
C VAL E 301 -41.17 84.18 -3.08
N SER E 302 -40.39 83.71 -4.06
CA SER E 302 -38.94 84.01 -4.04
C SER E 302 -38.54 84.09 -5.47
N LYS E 303 -37.65 85.03 -5.77
CA LYS E 303 -37.18 85.18 -7.14
C LYS E 303 -36.14 84.09 -7.42
N GLY E 304 -36.00 83.74 -8.68
CA GLY E 304 -35.02 82.73 -9.05
C GLY E 304 -33.68 83.41 -9.35
N ASP E 305 -32.71 82.60 -9.77
CA ASP E 305 -31.45 83.10 -10.26
C ASP E 305 -31.58 83.70 -11.67
N GLY E 306 -32.62 83.34 -12.41
CA GLY E 306 -32.76 83.64 -13.87
C GLY E 306 -32.15 82.52 -14.73
N PHE E 307 -32.62 82.42 -15.96
CA PHE E 307 -31.99 81.53 -16.92
C PHE E 307 -30.61 82.09 -17.27
N PRO E 308 -29.54 81.24 -17.46
CA PRO E 308 -28.19 81.77 -17.75
C PRO E 308 -28.16 82.79 -18.94
N ASN E 309 -27.33 83.83 -18.78
CA ASN E 309 -27.08 84.84 -19.82
C ASN E 309 -26.19 84.39 -20.98
N LEU E 310 -26.80 83.64 -21.88
CA LEU E 310 -26.03 82.92 -22.90
C LEU E 310 -25.29 83.85 -23.88
N ASN E 311 -25.71 85.12 -23.96
CA ASN E 311 -25.00 86.12 -24.77
C ASN E 311 -23.59 86.38 -24.28
N ALA E 312 -23.35 86.18 -22.99
CA ALA E 312 -22.04 86.33 -22.46
C ALA E 312 -21.15 85.11 -22.73
N ASP E 313 -21.72 84.00 -23.16
CA ASP E 313 -20.87 82.80 -23.40
C ASP E 313 -20.01 82.84 -24.69
N GLU E 314 -18.72 82.69 -24.51
CA GLU E 314 -17.80 82.60 -25.61
C GLU E 314 -17.02 81.27 -25.49
N ASN E 315 -17.27 80.35 -26.43
CA ASN E 315 -16.70 78.99 -26.39
C ASN E 315 -16.75 78.36 -24.99
N GLY E 316 -17.88 78.44 -24.29
CA GLY E 316 -18.01 77.76 -22.96
C GLY E 316 -17.54 78.59 -21.79
N SER E 317 -17.02 79.79 -22.07
CA SER E 317 -16.51 80.63 -20.96
C SER E 317 -17.57 80.73 -19.85
N LEU E 318 -18.82 80.96 -20.20
CA LEU E 318 -19.83 81.11 -19.19
C LEU E 318 -20.33 79.74 -18.66
N LEU E 319 -20.81 78.88 -19.56
CA LEU E 319 -21.32 77.53 -19.13
C LEU E 319 -20.33 76.61 -18.37
N GLN E 320 -19.02 76.77 -18.60
CA GLN E 320 -18.11 75.90 -17.89
C GLN E 320 -17.89 76.39 -16.46
N ASP E 321 -18.44 77.55 -16.11
CA ASP E 321 -18.29 78.05 -14.74
C ASP E 321 -19.59 78.02 -13.95
N ILE E 322 -20.64 77.48 -14.52
CA ILE E 322 -21.90 77.40 -13.80
C ILE E 322 -22.08 75.95 -13.31
N PRO E 323 -22.11 75.76 -11.98
CA PRO E 323 -22.17 74.38 -11.45
C PRO E 323 -23.50 73.71 -11.71
N ILE E 324 -23.52 72.38 -11.96
CA ILE E 324 -24.80 71.74 -12.16
C ILE E 324 -25.80 71.94 -10.97
N LEU E 325 -25.29 71.90 -9.73
CA LEU E 325 -26.10 72.30 -8.52
C LEU E 325 -25.51 73.58 -7.97
N ARG E 326 -26.35 74.53 -7.62
CA ARG E 326 -25.87 75.81 -7.08
C ARG E 326 -26.11 75.77 -5.52
N GLY E 327 -25.06 75.94 -4.73
CA GLY E 327 -25.22 76.02 -3.27
C GLY E 327 -25.49 77.43 -2.75
N LYS E 328 -24.67 77.93 -1.83
CA LYS E 328 -24.88 79.27 -1.20
C LYS E 328 -24.62 80.47 -2.13
N SER E 329 -23.72 80.28 -3.11
CA SER E 329 -23.48 81.29 -4.14
C SER E 329 -23.69 80.68 -5.53
N LEU E 330 -23.92 81.56 -6.49
CA LEU E 330 -24.21 81.23 -7.89
C LEU E 330 -23.13 80.35 -8.46
N THR E 331 -21.96 80.46 -7.86
CA THR E 331 -20.73 79.99 -8.49
C THR E 331 -20.22 78.62 -7.99
N THR E 332 -20.83 78.05 -6.95
CA THR E 332 -20.20 76.93 -6.24
C THR E 332 -21.25 75.84 -6.07
N TYR E 333 -20.79 74.60 -6.21
CA TYR E 333 -21.60 73.43 -5.88
C TYR E 333 -21.75 73.45 -4.36
N PRO E 334 -22.86 72.89 -3.81
CA PRO E 334 -23.00 72.81 -2.33
C PRO E 334 -21.82 72.12 -1.70
N ARG E 335 -21.49 72.57 -0.50
CA ARG E 335 -20.27 72.12 0.12
C ARG E 335 -20.37 70.71 0.61
N GLU E 336 -19.24 70.02 0.61
CA GLU E 336 -19.27 68.59 0.91
C GLU E 336 -19.86 68.34 2.32
N GLU E 337 -19.48 69.23 3.28
CA GLU E 337 -19.85 69.00 4.70
C GLU E 337 -21.35 69.15 4.78
N THR E 338 -21.92 70.10 4.08
CA THR E 338 -23.38 70.22 4.06
C THR E 338 -24.06 69.00 3.42
N PHE E 339 -23.55 68.56 2.28
CA PHE E 339 -24.10 67.33 1.68
C PHE E 339 -23.97 66.11 2.61
N SER E 340 -22.87 66.01 3.37
CA SER E 340 -22.76 64.95 4.37
C SER E 340 -23.95 64.93 5.34
N ASN E 341 -24.36 66.10 5.79
CA ASN E 341 -25.55 66.15 6.66
C ASN E 341 -26.85 65.83 5.91
N TYR E 342 -26.96 66.30 4.67
CA TYR E 342 -28.16 66.05 3.93
C TYR E 342 -28.29 64.55 3.81
N TYR E 343 -27.19 63.87 3.46
CA TYR E 343 -27.34 62.38 3.27
C TYR E 343 -27.78 61.68 4.55
N THR E 344 -27.07 61.97 5.64
CA THR E 344 -27.46 61.44 6.94
C THR E 344 -28.96 61.62 7.20
N THR E 345 -29.45 62.86 7.10
CA THR E 345 -30.81 63.24 7.35
C THR E 345 -31.78 62.46 6.45
N VAL E 346 -31.47 62.32 5.13
CA VAL E 346 -32.41 61.65 4.25
C VAL E 346 -32.46 60.12 4.55
N PHE E 347 -31.33 59.51 4.79
CA PHE E 347 -31.32 58.04 5.02
C PHE E 347 -31.97 57.70 6.39
N ARG E 348 -31.78 58.58 7.36
CA ARG E 348 -32.54 58.47 8.65
C ARG E 348 -34.06 58.54 8.38
N TYR E 349 -34.51 59.56 7.65
CA TYR E 349 -35.94 59.71 7.37
C TYR E 349 -36.52 58.51 6.63
N CYS E 350 -35.75 57.98 5.66
CA CYS E 350 -36.19 56.86 4.83
C CYS E 350 -35.99 55.48 5.52
N HIS E 351 -35.43 55.49 6.76
CA HIS E 351 -35.09 54.20 7.43
C HIS E 351 -34.22 53.29 6.56
N LEU E 352 -33.15 53.84 5.98
CA LEU E 352 -32.33 53.06 5.08
C LEU E 352 -30.93 53.02 5.68
N PRO E 353 -30.31 51.83 5.66
CA PRO E 353 -28.92 51.78 6.17
C PRO E 353 -28.01 52.72 5.37
N TYR E 354 -27.10 53.44 6.04
CA TYR E 354 -26.31 54.45 5.32
C TYR E 354 -24.85 54.33 5.67
N LYS E 355 -23.98 54.23 4.65
CA LYS E 355 -22.54 54.31 4.86
C LYS E 355 -22.03 55.42 3.91
N ARG E 356 -21.55 56.51 4.51
CA ARG E 356 -20.99 57.67 3.78
C ARG E 356 -20.09 57.29 2.63
N ARG E 357 -19.14 56.39 2.88
CA ARG E 357 -18.24 55.99 1.78
C ARG E 357 -18.98 55.57 0.49
N GLU E 358 -20.16 54.98 0.61
CA GLU E 358 -20.87 54.47 -0.60
C GLU E 358 -21.56 55.56 -1.44
N TYR E 359 -21.70 56.75 -0.87
CA TYR E 359 -22.22 57.94 -1.50
C TYR E 359 -21.19 59.05 -1.79
N PHE E 360 -20.02 58.98 -1.16
CA PHE E 360 -19.03 60.04 -1.27
C PHE E 360 -17.71 59.63 -1.93
N ASN E 361 -17.32 58.37 -1.84
CA ASN E 361 -15.98 57.97 -2.21
C ASN E 361 -16.01 57.45 -3.64
N LYS E 362 -14.83 57.22 -4.23
CA LYS E 362 -14.81 56.60 -5.57
C LYS E 362 -15.54 55.25 -5.58
N CYS E 363 -16.17 54.91 -6.72
CA CYS E 363 -16.83 53.62 -6.87
C CYS E 363 -15.93 52.58 -7.50
N ASN E 364 -16.20 51.32 -7.19
CA ASN E 364 -15.49 50.17 -7.71
C ASN E 364 -15.96 49.92 -9.16
N LEU E 365 -17.22 50.18 -9.49
CA LEU E 365 -17.67 49.88 -10.84
C LEU E 365 -17.99 51.20 -11.52
N VAL E 366 -17.28 51.50 -12.61
CA VAL E 366 -17.42 52.88 -13.20
C VAL E 366 -17.44 52.77 -14.72
N TYR E 367 -17.88 53.84 -15.38
CA TYR E 367 -17.86 53.83 -16.87
C TYR E 367 -16.39 53.75 -17.30
N PRO E 368 -16.10 53.11 -18.44
CA PRO E 368 -14.63 52.90 -18.74
C PRO E 368 -13.95 54.19 -19.21
N THR E 369 -12.61 54.21 -19.13
CA THR E 369 -11.89 55.41 -19.50
C THR E 369 -11.01 54.94 -20.63
N TRP E 370 -10.94 55.67 -21.74
CA TRP E 370 -10.09 55.30 -22.87
C TRP E 370 -8.86 56.19 -22.94
N ASP E 371 -7.73 55.60 -23.33
CA ASP E 371 -6.54 56.38 -23.77
C ASP E 371 -6.91 57.20 -25.01
N GLU E 372 -6.38 58.39 -25.13
CA GLU E 372 -6.55 59.30 -26.28
C GLU E 372 -6.31 58.55 -27.64
N ASP E 373 -5.29 57.70 -27.72
CA ASP E 373 -5.02 57.11 -29.01
C ASP E 373 -6.08 56.11 -29.42
N THR E 374 -6.41 55.20 -28.50
CA THR E 374 -7.41 54.21 -28.75
C THR E 374 -8.75 54.91 -29.02
N PHE E 375 -9.06 55.95 -28.25
CA PHE E 375 -10.32 56.65 -28.37
C PHE E 375 -10.52 57.33 -29.72
N ARG E 376 -9.54 58.10 -30.20
CA ARG E 376 -9.66 58.78 -31.48
C ARG E 376 -9.60 57.74 -32.61
N THR E 377 -8.80 56.68 -32.47
CA THR E 377 -8.59 55.83 -33.63
C THR E 377 -9.75 54.84 -33.84
N PHE E 378 -10.20 54.21 -32.73
CA PHE E 378 -11.27 53.24 -32.76
C PHE E 378 -12.55 53.87 -33.30
N PHE E 379 -12.90 55.03 -32.79
CA PHE E 379 -14.17 55.67 -33.11
C PHE E 379 -14.19 56.55 -34.37
N ASN E 380 -13.20 56.49 -35.22
CA ASN E 380 -13.22 57.36 -36.40
C ASN E 380 -13.53 56.43 -37.60
N GLU E 381 -14.75 56.53 -38.13
CA GLU E 381 -15.21 55.54 -39.11
C GLU E 381 -14.43 55.60 -40.46
N GLU E 382 -13.87 56.74 -40.79
CA GLU E 382 -13.05 56.83 -42.00
C GLU E 382 -11.72 56.07 -41.87
N ASN E 383 -11.30 55.77 -40.65
CA ASN E 383 -10.14 54.88 -40.49
C ASN E 383 -10.44 53.49 -40.90
N HIS E 384 -11.71 53.09 -41.03
CA HIS E 384 -11.99 51.65 -41.13
C HIS E 384 -13.09 51.46 -42.11
N GLY E 385 -12.86 51.97 -43.33
CA GLY E 385 -13.87 51.93 -44.39
C GLY E 385 -14.32 50.53 -44.82
N ASN E 386 -13.51 49.49 -44.61
CA ASN E 386 -13.90 48.10 -44.92
C ASN E 386 -14.91 47.46 -43.96
N TRP E 387 -15.02 47.99 -42.75
CA TRP E 387 -15.88 47.35 -41.74
C TRP E 387 -17.32 47.42 -42.14
N LEU E 388 -18.06 46.32 -42.02
CA LEU E 388 -19.48 46.36 -42.34
C LEU E 388 -20.27 47.22 -41.37
N GLU E 389 -20.04 47.02 -40.08
CA GLU E 389 -20.74 47.77 -39.04
C GLU E 389 -19.62 48.55 -38.30
N GLN E 390 -19.84 49.82 -37.99
CA GLN E 390 -18.87 50.56 -37.22
C GLN E 390 -19.25 50.44 -35.70
N PRO E 391 -18.30 50.63 -34.77
CA PRO E 391 -18.58 50.48 -33.30
C PRO E 391 -19.70 51.39 -32.82
N GLU E 392 -19.79 52.61 -33.32
CA GLU E 392 -20.81 53.56 -32.84
C GLU E 392 -22.23 53.23 -33.39
N ALA E 393 -22.34 52.37 -34.42
CA ALA E 393 -23.69 52.10 -34.93
C ALA E 393 -24.59 51.34 -33.96
N PHE E 394 -24.03 50.45 -33.16
CA PHE E 394 -24.90 49.61 -32.34
C PHE E 394 -24.30 49.42 -30.96
N ALA E 395 -23.02 49.05 -30.96
CA ALA E 395 -22.41 48.52 -29.79
C ALA E 395 -21.88 49.64 -28.88
N PHE E 396 -21.45 50.75 -29.46
CA PHE E 396 -20.94 51.87 -28.63
C PHE E 396 -21.60 53.21 -29.06
N PRO E 397 -22.92 53.33 -28.90
CA PRO E 397 -23.61 54.51 -29.42
C PRO E 397 -23.05 55.70 -28.59
N ASP E 398 -22.59 56.75 -29.31
CA ASP E 398 -22.03 57.97 -28.69
C ASP E 398 -20.79 57.66 -27.97
N LYS E 399 -20.14 56.54 -28.35
CA LYS E 399 -18.85 56.15 -27.87
C LYS E 399 -18.91 55.64 -26.39
N ILE E 400 -20.08 55.16 -25.97
CA ILE E 400 -20.26 54.54 -24.68
C ILE E 400 -20.74 53.10 -25.00
N PRO E 401 -20.14 52.05 -24.36
CA PRO E 401 -20.62 50.72 -24.72
C PRO E 401 -22.05 50.58 -24.21
N PHE E 402 -22.83 49.94 -25.02
CA PHE E 402 -24.27 49.82 -24.79
C PHE E 402 -24.59 49.15 -23.44
N ASP E 403 -23.82 48.14 -23.03
CA ASP E 403 -24.13 47.52 -21.79
C ASP E 403 -23.90 48.42 -20.58
N PHE E 404 -22.78 49.16 -20.58
CA PHE E 404 -22.60 50.13 -19.50
C PHE E 404 -23.72 51.14 -19.48
N LYS E 405 -24.02 51.69 -20.66
CA LYS E 405 -25.04 52.70 -20.72
C LYS E 405 -26.37 52.21 -20.13
N LYS E 406 -26.79 50.99 -20.47
CA LYS E 406 -28.05 50.49 -19.92
C LYS E 406 -27.96 50.13 -18.46
N ILE E 407 -27.00 49.31 -18.11
CA ILE E 407 -26.94 48.81 -16.76
C ILE E 407 -26.67 49.96 -15.76
N MET E 408 -25.80 50.92 -16.10
CA MET E 408 -25.56 52.01 -15.10
C MET E 408 -26.80 52.86 -14.96
N ASN E 409 -27.67 52.85 -15.99
CA ASN E 409 -28.95 53.55 -15.87
C ASN E 409 -30.05 52.60 -15.42
N PHE E 410 -29.65 51.48 -14.79
CA PHE E 410 -30.66 50.55 -14.21
C PHE E 410 -31.64 50.00 -15.27
N LYS E 411 -31.12 49.63 -16.45
CA LYS E 411 -31.94 49.03 -17.50
C LYS E 411 -31.24 47.78 -18.01
N SER E 412 -31.98 46.88 -18.62
CA SER E 412 -31.39 45.66 -19.06
C SER E 412 -30.68 45.91 -20.35
N PRO E 413 -29.46 45.40 -20.48
CA PRO E 413 -28.88 45.47 -21.82
C PRO E 413 -29.15 44.25 -22.68
N TYR E 414 -30.02 43.35 -22.23
CA TYR E 414 -30.26 42.12 -22.98
C TYR E 414 -31.55 42.21 -23.81
N THR E 415 -32.22 43.37 -23.78
CA THR E 415 -33.34 43.79 -24.70
C THR E 415 -34.45 42.72 -24.95
N ASP E 424 -44.37 57.77 -25.74
CA ASP E 424 -45.17 58.77 -25.00
C ASP E 424 -46.61 58.76 -25.52
N PRO E 425 -47.52 58.15 -24.76
CA PRO E 425 -48.88 58.16 -25.27
C PRO E 425 -49.47 59.59 -25.53
N PHE E 426 -49.26 60.56 -24.63
CA PHE E 426 -49.77 61.94 -24.82
C PHE E 426 -48.62 62.93 -24.72
N PRO E 427 -47.89 63.17 -25.85
CA PRO E 427 -46.76 64.12 -25.83
C PRO E 427 -47.25 65.50 -25.36
N PRO E 428 -46.35 66.36 -24.82
CA PRO E 428 -46.83 67.70 -24.41
C PRO E 428 -47.03 68.63 -25.60
N PRO E 429 -48.19 69.30 -25.69
CA PRO E 429 -48.50 70.24 -26.78
C PRO E 429 -47.52 71.38 -26.75
N LYS E 430 -47.06 71.77 -27.94
CA LYS E 430 -46.18 72.93 -28.08
C LYS E 430 -46.75 74.19 -27.38
N ASP E 431 -48.07 74.30 -27.34
CA ASP E 431 -48.79 75.37 -26.62
C ASP E 431 -48.33 75.53 -25.18
N LEU E 432 -48.16 74.40 -24.51
CA LEU E 432 -47.70 74.44 -23.12
C LEU E 432 -46.15 74.53 -23.02
N LEU E 433 -45.45 73.83 -23.93
CA LEU E 433 -43.97 73.89 -23.87
C LEU E 433 -43.48 75.31 -23.84
N VAL E 434 -44.08 76.17 -24.68
CA VAL E 434 -43.56 77.51 -24.82
C VAL E 434 -43.79 78.41 -23.59
N GLN E 435 -44.68 78.02 -22.68
CA GLN E 435 -44.86 78.78 -21.40
C GLN E 435 -43.87 78.48 -20.25
N ILE E 436 -43.03 77.46 -20.39
CA ILE E 436 -41.99 77.19 -19.39
C ILE E 436 -40.62 77.22 -20.02
N PHE E 437 -39.62 77.63 -19.26
CA PHE E 437 -38.33 77.96 -19.76
C PHE E 437 -38.40 78.84 -21.05
N PRO E 438 -39.11 79.99 -20.98
CA PRO E 438 -39.44 80.61 -22.30
C PRO E 438 -38.22 81.20 -22.97
N GLU E 439 -37.12 81.39 -22.22
CA GLU E 439 -35.81 81.80 -22.79
C GLU E 439 -35.28 80.88 -23.87
N ILE E 440 -35.62 79.59 -23.81
CA ILE E 440 -35.14 78.67 -24.83
C ILE E 440 -35.60 79.21 -26.22
N ASP E 441 -36.89 79.50 -26.33
CA ASP E 441 -37.50 79.94 -27.61
C ASP E 441 -37.08 81.34 -28.00
N GLU E 442 -36.93 82.21 -27.03
CA GLU E 442 -36.46 83.54 -27.33
C GLU E 442 -35.05 83.59 -27.95
N TYR E 443 -34.11 82.80 -27.42
CA TYR E 443 -32.80 82.72 -27.99
C TYR E 443 -32.88 82.13 -29.38
N LYS E 444 -33.82 81.21 -29.61
CA LYS E 444 -33.95 80.62 -30.95
C LYS E 444 -34.45 81.63 -31.97
N ARG E 445 -35.38 82.48 -31.55
CA ARG E 445 -35.82 83.64 -32.37
C ARG E 445 -34.77 84.68 -32.76
N HIS E 446 -33.83 85.03 -31.88
CA HIS E 446 -32.94 86.16 -32.20
C HIS E 446 -31.66 85.80 -32.95
N ASP E 447 -30.53 86.45 -32.62
CA ASP E 447 -29.28 86.08 -33.27
C ASP E 447 -28.79 84.72 -32.77
N TYR E 448 -29.68 83.75 -32.86
CA TYR E 448 -29.38 82.39 -32.56
C TYR E 448 -28.06 82.02 -33.16
N GLU E 449 -27.94 82.29 -34.46
CA GLU E 449 -26.66 82.16 -35.17
C GLU E 449 -25.42 82.80 -34.47
N GLY E 450 -25.62 83.94 -33.77
CA GLY E 450 -24.54 84.64 -32.99
C GLY E 450 -24.04 84.02 -31.65
N LEU E 451 -24.83 83.13 -31.05
CA LEU E 451 -24.41 82.37 -29.83
C LEU E 451 -23.20 81.43 -30.04
N SER E 452 -22.38 81.14 -29.02
CA SER E 452 -21.35 80.10 -29.18
C SER E 452 -22.05 78.73 -29.46
N GLN E 453 -21.26 77.76 -29.92
CA GLN E 453 -21.80 76.42 -30.17
C GLN E 453 -22.18 75.80 -28.80
N ASN E 454 -21.43 76.15 -27.76
CA ASN E 454 -21.72 75.65 -26.41
C ASN E 454 -23.10 76.14 -25.91
N SER E 455 -23.43 77.41 -26.12
CA SER E 455 -24.78 77.85 -25.86
C SER E 455 -25.80 77.11 -26.66
N ARG E 456 -25.60 76.82 -27.96
CA ARG E 456 -26.67 76.14 -28.66
C ARG E 456 -26.75 74.71 -28.17
N ASP E 457 -25.64 74.08 -27.78
CA ASP E 457 -25.72 72.70 -27.25
C ASP E 457 -26.45 72.70 -25.92
N PHE E 458 -26.26 73.74 -25.12
CA PHE E 458 -27.01 73.82 -23.88
C PHE E 458 -28.52 74.05 -24.12
N LEU E 459 -28.86 74.83 -25.15
CA LEU E 459 -30.26 75.11 -25.43
C LEU E 459 -30.88 73.85 -25.91
N ASP E 460 -30.17 73.09 -26.72
CA ASP E 460 -30.80 71.82 -27.17
C ASP E 460 -31.00 70.87 -26.00
N LEU E 461 -30.04 70.86 -25.07
CA LEU E 461 -30.23 70.05 -23.88
C LEU E 461 -31.48 70.52 -23.07
N MET E 462 -31.55 71.84 -22.80
CA MET E 462 -32.70 72.39 -22.05
C MET E 462 -34.01 72.05 -22.75
N GLU E 463 -33.98 71.98 -24.09
CA GLU E 463 -35.18 71.65 -24.83
C GLU E 463 -35.64 70.22 -24.54
N VAL E 464 -34.70 69.29 -24.42
CA VAL E 464 -35.03 67.92 -24.11
C VAL E 464 -35.49 67.79 -22.60
N LEU E 465 -34.83 68.55 -21.72
CA LEU E 465 -35.23 68.50 -20.25
C LEU E 465 -36.62 69.11 -20.10
N ARG E 466 -36.90 70.17 -20.88
CA ARG E 466 -38.25 70.84 -20.82
C ARG E 466 -39.36 69.87 -21.30
N GLU E 467 -39.12 69.24 -22.45
CA GLU E 467 -40.04 68.19 -22.91
C GLU E 467 -40.21 67.10 -21.88
N ARG E 468 -39.12 66.61 -21.27
CA ARG E 468 -39.23 65.53 -20.32
C ARG E 468 -40.08 65.95 -19.12
N PHE E 469 -39.77 67.13 -18.62
CA PHE E 469 -40.37 67.68 -17.44
C PHE E 469 -41.87 67.83 -17.72
N LEU E 470 -42.22 68.49 -18.84
CA LEU E 470 -43.65 68.69 -19.14
C LEU E 470 -44.38 67.37 -19.38
N SER E 471 -43.78 66.41 -20.11
CA SER E 471 -44.51 65.14 -20.28
C SER E 471 -44.81 64.43 -19.01
N ASN E 472 -43.92 64.56 -18.03
CA ASN E 472 -44.18 63.92 -16.77
C ASN E 472 -44.94 64.73 -15.73
N LEU E 473 -45.16 66.00 -15.97
CA LEU E 473 -45.80 66.85 -14.98
C LEU E 473 -47.21 66.33 -14.64
N PRO E 474 -47.92 65.75 -15.60
CA PRO E 474 -49.25 65.20 -15.19
C PRO E 474 -49.14 64.12 -14.11
N TRP E 475 -48.11 63.28 -14.17
CA TRP E 475 -47.90 62.33 -13.05
C TRP E 475 -47.43 62.95 -11.76
N ILE E 476 -46.53 63.91 -11.84
CA ILE E 476 -46.07 64.59 -10.66
C ILE E 476 -47.23 65.34 -9.94
N TYR E 477 -48.08 65.98 -10.75
CA TYR E 477 -49.28 66.68 -10.28
C TYR E 477 -50.27 65.71 -9.65
N LYS E 478 -50.46 64.51 -10.23
CA LYS E 478 -51.33 63.48 -9.62
C LYS E 478 -50.85 63.10 -8.20
N PHE E 479 -49.55 62.98 -7.97
CA PHE E 479 -49.10 62.58 -6.64
C PHE E 479 -48.98 63.77 -5.69
N PHE E 480 -48.49 64.91 -6.20
CA PHE E 480 -47.93 65.98 -5.37
C PHE E 480 -48.41 67.34 -5.92
N PRO E 481 -49.77 67.55 -5.91
CA PRO E 481 -50.30 68.75 -6.52
C PRO E 481 -49.86 69.99 -5.81
N ASN E 482 -49.39 69.87 -4.59
CA ASN E 482 -48.87 71.02 -3.91
C ASN E 482 -47.42 71.22 -3.99
N HIS E 483 -46.75 70.57 -4.95
CA HIS E 483 -45.32 70.85 -5.09
C HIS E 483 -45.06 72.33 -5.42
N ASP E 484 -43.87 72.87 -5.09
CA ASP E 484 -43.53 74.25 -5.41
C ASP E 484 -43.61 74.53 -6.92
N ILE E 485 -43.30 73.53 -7.76
CA ILE E 485 -43.41 73.65 -9.23
C ILE E 485 -44.78 74.23 -9.62
N PHE E 486 -45.82 73.92 -8.86
CA PHE E 486 -47.15 74.19 -9.33
C PHE E 486 -47.60 75.52 -8.75
N GLN E 487 -46.67 76.30 -8.21
CA GLN E 487 -46.99 77.61 -7.63
C GLN E 487 -47.32 78.64 -8.70
N ASP E 488 -46.73 78.50 -9.88
CA ASP E 488 -47.04 79.42 -10.95
C ASP E 488 -48.52 79.31 -11.30
N PRO E 489 -49.22 80.47 -11.25
CA PRO E 489 -50.66 80.43 -11.56
C PRO E 489 -50.98 79.75 -12.91
N ILE E 490 -50.05 79.84 -13.88
CA ILE E 490 -50.06 79.04 -15.11
C ILE E 490 -50.70 77.66 -14.98
N PHE E 491 -50.26 76.88 -14.00
CA PHE E 491 -50.64 75.46 -13.87
C PHE E 491 -52.09 75.27 -13.45
N GLY E 492 -52.67 76.35 -12.92
CA GLY E 492 -54.11 76.42 -12.65
C GLY E 492 -54.96 76.74 -13.89
N ASN E 493 -54.32 77.18 -14.97
CA ASN E 493 -55.04 77.46 -16.20
C ASN E 493 -55.64 76.26 -16.90
N SER E 494 -56.57 76.58 -17.75
CA SER E 494 -57.36 75.64 -18.47
C SER E 494 -56.51 74.69 -19.32
N ASP E 495 -55.54 75.25 -20.04
CA ASP E 495 -54.72 74.45 -20.92
C ASP E 495 -53.90 73.39 -20.09
N PHE E 496 -53.20 73.86 -19.04
CA PHE E 496 -52.42 72.92 -18.21
C PHE E 496 -53.27 71.85 -17.54
N GLN E 497 -54.40 72.24 -16.96
CA GLN E 497 -55.28 71.32 -16.21
C GLN E 497 -55.86 70.26 -17.11
N SER E 498 -56.28 70.72 -18.25
CA SER E 498 -56.72 69.86 -19.30
C SER E 498 -55.64 68.85 -19.80
N TYR E 499 -54.39 69.27 -19.93
CA TYR E 499 -53.33 68.29 -20.26
C TYR E 499 -53.13 67.25 -19.10
N PHE E 500 -52.92 67.77 -17.88
CA PHE E 500 -52.78 67.00 -16.63
C PHE E 500 -53.87 65.99 -16.41
N ASN E 501 -55.10 66.41 -16.71
CA ASN E 501 -56.22 65.46 -16.67
C ASN E 501 -56.20 64.44 -17.82
N ASP E 502 -56.03 64.94 -19.04
CA ASP E 502 -56.16 64.08 -20.20
C ASP E 502 -55.08 62.97 -20.26
N LYS E 503 -53.88 63.28 -19.79
CA LYS E 503 -52.79 62.27 -19.72
C LYS E 503 -53.06 61.15 -18.71
N THR E 504 -53.72 61.47 -17.60
CA THR E 504 -53.78 60.56 -16.47
C THR E 504 -55.16 59.95 -16.22
N ILE E 505 -56.18 60.47 -16.92
CA ILE E 505 -57.54 60.05 -16.64
C ILE E 505 -57.73 58.60 -17.04
N HIS E 506 -57.05 58.17 -18.11
CA HIS E 506 -57.21 56.82 -18.63
C HIS E 506 -56.86 55.75 -17.62
N SER E 507 -56.38 56.13 -16.43
CA SER E 507 -55.80 55.17 -15.49
C SER E 507 -56.31 55.41 -14.08
N LYS E 508 -57.11 56.45 -13.89
CA LYS E 508 -57.51 56.86 -12.55
C LYS E 508 -58.12 55.69 -11.74
N GLY E 509 -58.87 54.81 -12.39
CA GLY E 509 -59.54 53.73 -11.68
C GLY E 509 -58.79 52.41 -11.68
N SER E 510 -57.63 52.36 -12.37
CA SER E 510 -56.79 51.17 -12.46
C SER E 510 -56.05 50.97 -11.12
N PRO E 511 -55.90 49.72 -10.65
CA PRO E 511 -55.12 49.50 -9.43
C PRO E 511 -53.60 49.57 -9.67
N ILE E 512 -53.20 49.74 -10.92
CA ILE E 512 -51.81 49.59 -11.35
C ILE E 512 -51.34 50.89 -11.97
N LEU E 513 -50.09 51.28 -11.65
CA LEU E 513 -49.57 52.53 -12.22
C LEU E 513 -49.33 52.31 -13.67
N SER E 514 -49.55 53.38 -14.42
CA SER E 514 -49.48 53.39 -15.83
C SER E 514 -48.01 53.30 -16.32
N PHE E 515 -47.09 54.05 -15.72
CA PHE E 515 -45.62 53.90 -15.97
C PHE E 515 -44.93 52.73 -15.31
N ASP E 516 -43.82 52.26 -15.89
CA ASP E 516 -43.05 51.19 -15.30
C ASP E 516 -42.13 51.71 -14.21
N ILE E 517 -41.58 50.80 -13.43
CA ILE E 517 -40.81 51.20 -12.27
C ILE E 517 -39.32 50.92 -12.58
N LEU E 518 -38.87 49.70 -12.37
CA LEU E 518 -37.45 49.37 -12.56
C LEU E 518 -37.48 47.91 -12.86
N PRO E 519 -36.49 47.42 -13.61
CA PRO E 519 -36.51 45.97 -13.95
C PRO E 519 -36.42 45.11 -12.72
N GLY E 520 -37.31 44.13 -12.60
CA GLY E 520 -37.33 43.22 -11.49
C GLY E 520 -38.27 43.71 -10.39
N PHE E 521 -38.82 44.91 -10.55
CA PHE E 521 -39.59 45.54 -9.48
C PHE E 521 -40.96 45.90 -9.95
N ASN E 522 -41.25 45.67 -11.23
CA ASN E 522 -42.57 45.99 -11.80
C ASN E 522 -43.77 45.21 -11.17
N LYS E 523 -43.57 43.90 -10.95
CA LYS E 523 -44.52 43.00 -10.26
C LYS E 523 -44.96 43.64 -8.92
N ILE E 524 -44.01 43.82 -8.02
CA ILE E 524 -44.22 44.56 -6.77
C ILE E 524 -44.78 46.00 -6.87
N TYR E 525 -44.08 46.89 -7.56
CA TYR E 525 -44.36 48.34 -7.33
C TYR E 525 -45.17 49.07 -8.36
N LYS E 526 -45.59 48.41 -9.46
CA LYS E 526 -46.58 49.05 -10.31
C LYS E 526 -47.95 49.09 -9.59
N ASN E 527 -48.14 48.18 -8.66
CA ASN E 527 -49.32 48.19 -7.80
C ASN E 527 -49.41 49.49 -6.97
N LYS E 528 -50.48 50.29 -7.16
CA LYS E 528 -50.55 51.65 -6.55
C LYS E 528 -50.38 51.63 -5.05
N THR E 529 -51.06 50.69 -4.39
CA THR E 529 -50.97 50.57 -2.95
C THR E 529 -49.54 50.29 -2.51
N ASN E 530 -48.89 49.33 -3.18
CA ASN E 530 -47.49 49.09 -2.86
C ASN E 530 -46.57 50.29 -3.08
N PHE E 531 -46.78 50.97 -4.18
CA PHE E 531 -45.90 52.12 -4.54
C PHE E 531 -46.14 53.26 -3.53
N TYR E 532 -47.42 53.66 -3.30
CA TYR E 532 -47.72 54.65 -2.24
C TYR E 532 -47.11 54.34 -0.88
N SER E 533 -47.01 53.07 -0.54
CA SER E 533 -46.52 52.77 0.78
C SER E 533 -45.03 53.00 0.91
N LEU E 534 -44.36 53.39 -0.17
CA LEU E 534 -42.93 53.72 -0.06
C LEU E 534 -42.81 55.11 0.53
N LEU E 535 -43.90 55.87 0.55
CA LEU E 535 -43.86 57.20 1.13
C LEU E 535 -43.84 57.08 2.61
N ILE E 536 -42.89 57.76 3.23
CA ILE E 536 -42.80 57.83 4.71
C ILE E 536 -44.02 58.57 5.27
N GLU E 537 -44.40 59.72 4.69
CA GLU E 537 -45.54 60.55 5.11
C GLU E 537 -46.51 60.73 3.96
N ARG E 538 -47.69 60.17 4.13
CA ARG E 538 -48.89 60.47 3.34
C ARG E 538 -48.94 59.59 2.10
#